data_4UEI
#
_entry.id   4UEI
#
_cell.length_a   1.000
_cell.length_b   1.000
_cell.length_c   1.000
_cell.angle_alpha   90.00
_cell.angle_beta   90.00
_cell.angle_gamma   90.00
#
_symmetry.space_group_name_H-M   'P 1'
#
_entity_poly.entity_id   1
_entity_poly.type   'polypeptide(L)'
_entity_poly.pdbx_seq_one_letter_code
;GSSGNPEDFKVFKYMKILEEAMENDTENLIEKVRGIYGFKVRNGPNGAEGYWVINAKEGKGKVTYNGGEKPDVTFTISDE
DVVDLISGKLNPQKAFFQGKIKIQGNMGLAMKLTDLQRQAAGRIESI
;
_entity_poly.pdbx_strand_id   A
#
# COMPACT_ATOMS: atom_id res chain seq x y z
N GLY A 1 11.75 20.04 -1.07
CA GLY A 1 10.55 19.57 -0.35
C GLY A 1 10.84 19.20 1.09
N SER A 2 10.28 19.97 2.02
CA SER A 2 10.46 19.72 3.44
C SER A 2 10.01 18.31 3.81
N SER A 3 10.93 17.48 4.27
CA SER A 3 10.62 16.10 4.58
C SER A 3 11.00 15.76 6.02
N GLY A 4 10.01 15.76 6.89
CA GLY A 4 10.22 15.36 8.27
C GLY A 4 10.40 13.86 8.41
N ASN A 5 10.72 13.41 9.61
CA ASN A 5 10.92 11.99 9.86
C ASN A 5 9.66 11.19 9.55
N PRO A 6 9.83 9.95 9.07
CA PRO A 6 8.74 9.12 8.60
C PRO A 6 7.83 8.64 9.72
N GLU A 7 8.34 8.69 10.95
CA GLU A 7 7.60 8.26 12.12
C GLU A 7 6.41 9.18 12.37
N ASP A 8 6.57 10.43 11.96
CA ASP A 8 5.53 11.43 12.18
C ASP A 8 4.37 11.27 11.20
N PHE A 9 4.53 10.39 10.22
CA PHE A 9 3.49 10.12 9.25
C PHE A 9 2.46 9.16 9.84
N LYS A 10 1.21 9.30 9.42
CA LYS A 10 0.15 8.41 9.86
C LYS A 10 0.37 7.02 9.29
N VAL A 11 0.97 6.98 8.11
CA VAL A 11 1.20 5.73 7.42
C VAL A 11 2.23 4.87 8.14
N PHE A 12 3.00 5.48 9.04
CA PHE A 12 4.06 4.77 9.75
C PHE A 12 3.50 3.52 10.44
N LYS A 13 2.50 3.72 11.28
CA LYS A 13 1.90 2.63 12.05
C LYS A 13 1.09 1.72 11.13
N TYR A 14 0.50 2.29 10.10
CA TYR A 14 -0.31 1.52 9.16
C TYR A 14 0.56 0.60 8.29
N MET A 15 1.65 1.13 7.76
CA MET A 15 2.52 0.34 6.92
C MET A 15 3.30 -0.66 7.76
N LYS A 16 3.50 -0.33 9.03
CA LYS A 16 4.14 -1.25 9.96
C LYS A 16 3.26 -2.46 10.24
N ILE A 17 1.95 -2.25 10.31
CA ILE A 17 1.04 -3.37 10.49
C ILE A 17 0.74 -4.02 9.14
N LEU A 18 0.84 -3.24 8.07
CA LEU A 18 0.75 -3.75 6.71
C LEU A 18 1.77 -4.88 6.55
N GLU A 19 3.00 -4.56 6.94
CA GLU A 19 4.12 -5.48 6.95
C GLU A 19 3.71 -6.85 7.51
N GLU A 20 3.16 -6.84 8.71
CA GLU A 20 2.73 -8.05 9.36
C GLU A 20 1.48 -8.63 8.70
N ALA A 21 0.45 -7.80 8.57
CA ALA A 21 -0.89 -8.25 8.20
C ALA A 21 -0.93 -8.98 6.86
N MET A 22 -0.18 -8.49 5.88
CA MET A 22 -0.15 -9.11 4.55
C MET A 22 0.25 -10.57 4.63
N GLU A 23 1.27 -10.85 5.44
CA GLU A 23 1.75 -12.22 5.60
C GLU A 23 1.04 -12.91 6.76
N ASN A 24 0.42 -12.10 7.62
CA ASN A 24 -0.22 -12.60 8.85
C ASN A 24 -1.40 -13.50 8.51
N ASP A 25 -1.94 -13.34 7.31
CA ASP A 25 -2.96 -14.25 6.83
C ASP A 25 -2.41 -15.66 6.80
N THR A 26 -3.15 -16.59 7.38
CA THR A 26 -2.72 -17.95 7.58
C THR A 26 -2.33 -18.65 6.27
N GLU A 27 -2.93 -18.22 5.17
CA GLU A 27 -2.63 -18.81 3.87
C GLU A 27 -1.67 -17.93 3.08
N ASN A 28 -0.98 -17.03 3.80
CA ASN A 28 0.03 -16.12 3.25
C ASN A 28 -0.22 -15.78 1.78
N LEU A 29 -1.28 -15.00 1.56
CA LEU A 29 -1.69 -14.61 0.21
C LEU A 29 -0.61 -13.77 -0.48
N ILE A 30 0.44 -13.43 0.28
CA ILE A 30 1.55 -12.68 -0.25
C ILE A 30 2.22 -13.44 -1.40
N GLU A 31 2.12 -14.76 -1.37
CA GLU A 31 2.76 -15.59 -2.39
C GLU A 31 2.00 -15.52 -3.71
N LYS A 32 0.73 -15.14 -3.65
CA LYS A 32 -0.08 -14.97 -4.84
C LYS A 32 0.25 -13.67 -5.53
N VAL A 33 0.52 -12.66 -4.72
CA VAL A 33 0.72 -11.31 -5.21
C VAL A 33 2.17 -10.87 -5.01
N ARG A 34 3.09 -11.84 -5.09
CA ARG A 34 4.50 -11.56 -4.93
C ARG A 34 4.96 -10.42 -5.82
N GLY A 35 5.31 -9.33 -5.19
CA GLY A 35 5.66 -8.13 -5.91
C GLY A 35 6.25 -7.08 -5.00
N ILE A 36 6.82 -6.06 -5.57
CA ILE A 36 7.39 -4.98 -4.78
C ILE A 36 6.52 -3.74 -4.91
N TYR A 37 6.09 -3.23 -3.78
CA TYR A 37 5.16 -2.11 -3.77
C TYR A 37 5.87 -0.84 -3.35
N GLY A 38 5.68 0.22 -4.11
CA GLY A 38 6.24 1.50 -3.75
C GLY A 38 5.18 2.45 -3.28
N PHE A 39 5.28 2.88 -2.04
CA PHE A 39 4.29 3.79 -1.47
C PHE A 39 4.85 5.21 -1.38
N LYS A 40 4.47 6.03 -2.35
CA LYS A 40 4.81 7.44 -2.32
C LYS A 40 3.73 8.21 -1.58
N VAL A 41 4.00 8.56 -0.34
CA VAL A 41 3.03 9.23 0.49
C VAL A 41 3.35 10.71 0.62
N ARG A 42 2.38 11.55 0.29
CA ARG A 42 2.58 12.99 0.33
C ARG A 42 1.67 13.60 1.39
N ASN A 43 1.73 14.92 1.54
CA ASN A 43 0.92 15.63 2.56
C ASN A 43 1.28 15.17 3.95
N GLY A 44 2.58 15.10 4.22
CA GLY A 44 3.04 14.72 5.53
C GLY A 44 2.80 15.79 6.58
N PRO A 45 3.35 15.60 7.80
CA PRO A 45 3.14 16.48 8.94
C PRO A 45 3.11 17.96 8.56
N ASN A 46 4.20 18.46 8.00
CA ASN A 46 4.27 19.83 7.55
C ASN A 46 4.64 19.90 6.07
N GLY A 47 3.77 19.34 5.24
CA GLY A 47 4.02 19.34 3.81
C GLY A 47 5.10 18.38 3.42
N ALA A 48 5.34 17.39 4.28
CA ALA A 48 6.40 16.42 4.06
C ALA A 48 5.99 15.35 3.08
N GLU A 49 6.95 14.56 2.67
CA GLU A 49 6.75 13.49 1.74
C GLU A 49 7.58 12.29 2.13
N GLY A 50 7.00 11.12 2.00
CA GLY A 50 7.68 9.90 2.38
C GLY A 50 7.57 8.84 1.32
N TYR A 51 8.42 7.84 1.39
CA TYR A 51 8.41 6.77 0.42
C TYR A 51 8.90 5.47 1.04
N TRP A 52 8.01 4.48 1.12
CA TRP A 52 8.36 3.18 1.66
C TRP A 52 8.19 2.12 0.58
N VAL A 53 9.06 1.13 0.61
CA VAL A 53 9.01 0.05 -0.35
C VAL A 53 8.66 -1.26 0.36
N ILE A 54 7.61 -1.92 -0.12
CA ILE A 54 7.17 -3.18 0.44
C ILE A 54 7.67 -4.34 -0.43
N ASN A 55 8.66 -5.06 0.06
CA ASN A 55 9.19 -6.21 -0.66
C ASN A 55 8.34 -7.43 -0.39
N ALA A 56 7.44 -7.72 -1.32
CA ALA A 56 6.62 -8.93 -1.24
C ALA A 56 7.08 -9.93 -2.29
N LYS A 57 8.05 -9.54 -3.11
CA LYS A 57 8.57 -10.38 -4.17
C LYS A 57 9.17 -11.67 -3.61
N GLU A 58 9.82 -11.56 -2.46
CA GLU A 58 10.43 -12.70 -1.80
C GLU A 58 9.41 -13.47 -0.96
N GLY A 59 8.19 -12.95 -0.93
CA GLY A 59 7.14 -13.56 -0.15
C GLY A 59 7.20 -13.15 1.31
N LYS A 60 7.91 -12.07 1.57
CA LYS A 60 8.09 -11.58 2.92
C LYS A 60 7.03 -10.53 3.26
N GLY A 61 7.00 -9.43 2.53
CA GLY A 61 6.03 -8.40 2.78
C GLY A 61 6.55 -7.33 3.73
N LYS A 62 7.84 -7.03 3.63
CA LYS A 62 8.47 -6.07 4.54
C LYS A 62 8.50 -4.70 3.91
N VAL A 63 8.30 -3.66 4.70
CA VAL A 63 8.31 -2.30 4.18
C VAL A 63 9.58 -1.59 4.67
N THR A 64 10.25 -0.93 3.74
CA THR A 64 11.51 -0.27 4.04
C THR A 64 11.56 1.09 3.37
N TYR A 65 11.99 2.09 4.13
CA TYR A 65 12.14 3.44 3.59
C TYR A 65 13.28 3.44 2.58
N ASN A 66 13.06 4.09 1.43
CA ASN A 66 13.99 4.05 0.29
C ASN A 66 14.52 2.62 0.07
N GLY A 67 13.65 1.77 -0.46
CA GLY A 67 13.96 0.35 -0.60
C GLY A 67 15.15 0.07 -1.49
N GLY A 68 15.27 0.83 -2.57
CA GLY A 68 16.38 0.63 -3.49
C GLY A 68 16.02 -0.33 -4.61
N GLU A 69 14.93 -1.06 -4.43
CA GLU A 69 14.46 -2.02 -5.43
C GLU A 69 13.37 -1.42 -6.28
N LYS A 70 13.24 -1.91 -7.51
CA LYS A 70 12.22 -1.45 -8.43
C LYS A 70 10.86 -2.08 -8.11
N PRO A 71 9.93 -1.27 -7.61
CA PRO A 71 8.58 -1.73 -7.31
C PRO A 71 7.79 -2.04 -8.58
N ASP A 72 7.18 -3.22 -8.61
CA ASP A 72 6.32 -3.62 -9.72
C ASP A 72 5.19 -2.63 -9.88
N VAL A 73 4.69 -2.13 -8.75
CA VAL A 73 3.64 -1.14 -8.74
C VAL A 73 3.91 -0.08 -7.68
N THR A 74 3.65 1.17 -8.02
CA THR A 74 3.85 2.28 -7.10
C THR A 74 2.58 3.09 -6.92
N PHE A 75 2.27 3.44 -5.69
CA PHE A 75 1.07 4.21 -5.37
C PHE A 75 1.47 5.61 -4.90
N THR A 76 0.58 6.56 -5.09
CA THR A 76 0.79 7.91 -4.60
C THR A 76 -0.45 8.41 -3.87
N ILE A 77 -0.34 8.51 -2.55
CA ILE A 77 -1.47 8.82 -1.66
C ILE A 77 -1.04 9.89 -0.65
N SER A 78 -1.99 10.58 -0.08
CA SER A 78 -1.71 11.53 0.98
C SER A 78 -1.75 10.84 2.33
N ASP A 79 -0.81 11.22 3.19
CA ASP A 79 -0.64 10.67 4.55
C ASP A 79 -1.95 10.74 5.34
N GLU A 80 -2.78 11.69 4.97
CA GLU A 80 -4.03 11.93 5.64
C GLU A 80 -5.08 10.90 5.21
N ASP A 81 -5.08 10.57 3.92
CA ASP A 81 -6.12 9.74 3.34
C ASP A 81 -5.78 8.26 3.43
N VAL A 82 -4.50 7.97 3.62
CA VAL A 82 -4.03 6.58 3.71
C VAL A 82 -4.79 5.84 4.81
N VAL A 83 -5.16 6.57 5.86
CA VAL A 83 -5.76 5.96 7.03
C VAL A 83 -7.14 5.40 6.70
N ASP A 84 -7.82 5.99 5.73
CA ASP A 84 -9.13 5.51 5.33
C ASP A 84 -8.95 4.40 4.32
N LEU A 85 -7.90 4.49 3.52
CA LEU A 85 -7.61 3.49 2.49
C LEU A 85 -7.21 2.17 3.11
N ILE A 86 -6.29 2.24 4.07
CA ILE A 86 -5.76 1.04 4.71
C ILE A 86 -6.77 0.46 5.69
N SER A 87 -7.73 1.28 6.10
CA SER A 87 -8.77 0.83 7.02
C SER A 87 -9.95 0.23 6.26
N GLY A 88 -10.07 0.56 4.98
CA GLY A 88 -11.19 0.09 4.18
C GLY A 88 -12.34 1.07 4.18
N LYS A 89 -12.10 2.25 4.72
CA LYS A 89 -13.12 3.29 4.81
C LYS A 89 -13.22 4.07 3.51
N LEU A 90 -12.06 4.35 2.92
CA LEU A 90 -11.99 5.05 1.66
C LEU A 90 -11.69 4.07 0.54
N ASN A 91 -12.51 4.08 -0.50
CA ASN A 91 -12.35 3.18 -1.63
C ASN A 91 -11.13 3.58 -2.45
N PRO A 92 -10.16 2.68 -2.62
CA PRO A 92 -9.02 2.94 -3.48
C PRO A 92 -9.45 3.11 -4.92
N GLN A 93 -10.63 2.59 -5.23
CA GLN A 93 -11.25 2.80 -6.52
C GLN A 93 -11.61 4.27 -6.71
N LYS A 94 -12.43 4.79 -5.81
CA LYS A 94 -12.87 6.18 -5.91
C LYS A 94 -11.67 7.11 -5.71
N ALA A 95 -10.74 6.67 -4.88
CA ALA A 95 -9.53 7.43 -4.62
C ALA A 95 -8.67 7.49 -5.88
N PHE A 96 -8.59 6.38 -6.61
CA PHE A 96 -7.86 6.34 -7.87
C PHE A 96 -8.45 7.36 -8.84
N PHE A 97 -9.77 7.35 -8.93
CA PHE A 97 -10.49 8.22 -9.84
C PHE A 97 -10.29 9.69 -9.49
N GLN A 98 -10.27 10.00 -8.19
CA GLN A 98 -10.20 11.37 -7.73
C GLN A 98 -8.76 11.85 -7.52
N GLY A 99 -7.81 11.01 -7.89
CA GLY A 99 -6.42 11.42 -7.88
C GLY A 99 -5.71 11.18 -6.54
N LYS A 100 -6.43 10.60 -5.60
CA LYS A 100 -5.87 10.28 -4.30
C LYS A 100 -4.99 9.05 -4.37
N ILE A 101 -5.21 8.28 -5.42
CA ILE A 101 -4.44 7.08 -5.65
C ILE A 101 -3.88 7.10 -7.07
N LYS A 102 -2.58 7.25 -7.17
CA LYS A 102 -1.88 7.17 -8.42
C LYS A 102 -1.00 5.92 -8.42
N ILE A 103 -1.50 4.88 -9.06
CA ILE A 103 -0.83 3.59 -9.09
C ILE A 103 -0.59 3.13 -10.52
N GLN A 104 0.64 2.68 -10.78
CA GLN A 104 0.99 2.12 -12.07
C GLN A 104 0.62 0.65 -12.10
N GLY A 105 -0.55 0.34 -12.64
CA GLY A 105 -1.10 -1.00 -12.53
C GLY A 105 -0.37 -2.03 -13.36
N ASN A 106 0.08 -3.09 -12.70
CA ASN A 106 0.58 -4.28 -13.37
C ASN A 106 -0.59 -5.23 -13.59
N MET A 107 -0.82 -5.62 -14.83
CA MET A 107 -2.03 -6.34 -15.23
C MET A 107 -2.22 -7.64 -14.46
N GLY A 108 -1.12 -8.29 -14.11
CA GLY A 108 -1.21 -9.50 -13.32
C GLY A 108 -1.14 -9.24 -11.83
N LEU A 109 -0.10 -8.54 -11.43
CA LEU A 109 0.25 -8.38 -10.02
C LEU A 109 -0.74 -7.49 -9.27
N ALA A 110 -1.08 -6.35 -9.84
CA ALA A 110 -1.93 -5.38 -9.17
C ALA A 110 -3.36 -5.87 -9.05
N MET A 111 -3.70 -6.90 -9.82
CA MET A 111 -5.02 -7.50 -9.72
C MET A 111 -5.10 -8.41 -8.50
N LYS A 112 -3.97 -9.01 -8.16
CA LYS A 112 -3.88 -9.81 -6.93
C LYS A 112 -3.73 -8.89 -5.74
N LEU A 113 -3.13 -7.73 -5.97
CA LEU A 113 -3.08 -6.67 -4.98
C LEU A 113 -4.51 -6.18 -4.74
N THR A 114 -5.27 -6.15 -5.84
CA THR A 114 -6.69 -5.86 -5.81
C THR A 114 -7.44 -6.92 -4.98
N ASP A 115 -6.93 -8.14 -5.00
CA ASP A 115 -7.50 -9.22 -4.20
C ASP A 115 -7.22 -9.01 -2.73
N LEU A 116 -5.98 -8.61 -2.43
CA LEU A 116 -5.55 -8.39 -1.05
C LEU A 116 -6.27 -7.22 -0.41
N GLN A 117 -6.49 -6.14 -1.16
CA GLN A 117 -7.17 -4.97 -0.62
C GLN A 117 -8.62 -5.31 -0.23
N ARG A 118 -9.16 -6.36 -0.84
CA ARG A 118 -10.49 -6.86 -0.46
C ARG A 118 -10.46 -7.33 0.98
N GLN A 119 -9.35 -7.94 1.36
CA GLN A 119 -9.18 -8.46 2.70
C GLN A 119 -8.89 -7.33 3.68
N ALA A 120 -8.16 -6.32 3.19
CA ALA A 120 -7.80 -5.17 4.01
C ALA A 120 -9.02 -4.31 4.32
N ALA A 121 -10.07 -4.47 3.53
CA ALA A 121 -11.30 -3.70 3.72
C ALA A 121 -11.95 -4.02 5.07
N GLY A 122 -11.78 -5.27 5.50
CA GLY A 122 -12.25 -5.67 6.82
C GLY A 122 -13.75 -5.80 6.89
N ARG A 123 -14.39 -6.08 5.76
CA ARG A 123 -15.84 -6.19 5.71
C ARG A 123 -16.29 -7.63 5.84
N ILE A 124 -17.30 -7.84 6.67
CA ILE A 124 -17.86 -9.16 6.88
C ILE A 124 -19.29 -9.23 6.36
N GLU A 125 -19.91 -8.07 6.26
CA GLU A 125 -21.33 -7.98 5.98
C GLU A 125 -21.59 -7.70 4.50
N SER A 126 -22.80 -7.99 4.07
CA SER A 126 -23.22 -7.71 2.71
C SER A 126 -24.04 -6.43 2.66
N ILE A 127 -23.79 -5.61 1.67
CA ILE A 127 -24.51 -4.36 1.48
C ILE A 127 -24.40 -3.88 0.04
N GLY A 1 14.24 10.33 0.99
CA GLY A 1 15.55 10.57 1.64
C GLY A 1 15.60 11.93 2.33
N SER A 2 15.75 12.97 1.55
CA SER A 2 15.86 14.33 2.07
C SER A 2 14.50 14.93 2.40
N SER A 3 13.71 14.19 3.16
CA SER A 3 12.38 14.64 3.50
C SER A 3 12.10 14.36 4.98
N GLY A 4 10.86 14.57 5.39
CA GLY A 4 10.47 14.27 6.76
C GLY A 4 10.76 12.84 7.14
N ASN A 5 11.06 12.62 8.41
CA ASN A 5 11.37 11.29 8.91
C ASN A 5 10.11 10.43 8.93
N PRO A 6 10.28 9.12 8.71
CA PRO A 6 9.18 8.18 8.56
C PRO A 6 8.31 8.09 9.82
N GLU A 7 8.95 8.30 10.95
CA GLU A 7 8.29 8.22 12.25
C GLU A 7 7.30 9.37 12.41
N ASP A 8 7.55 10.45 11.68
CA ASP A 8 6.68 11.63 11.73
C ASP A 8 5.37 11.41 10.98
N PHE A 9 5.35 10.38 10.15
CA PHE A 9 4.17 10.07 9.35
C PHE A 9 3.25 9.11 10.10
N LYS A 10 1.97 9.18 9.78
CA LYS A 10 0.98 8.34 10.42
C LYS A 10 1.00 6.96 9.77
N VAL A 11 1.42 6.93 8.51
CA VAL A 11 1.49 5.69 7.76
C VAL A 11 2.54 4.75 8.35
N PHE A 12 3.45 5.28 9.16
CA PHE A 12 4.48 4.46 9.78
C PHE A 12 3.85 3.28 10.52
N LYS A 13 2.90 3.59 11.39
CA LYS A 13 2.22 2.57 12.19
C LYS A 13 1.38 1.67 11.29
N TYR A 14 0.78 2.25 10.27
CA TYR A 14 -0.06 1.50 9.35
C TYR A 14 0.75 0.54 8.48
N MET A 15 1.76 1.07 7.82
CA MET A 15 2.65 0.27 6.98
C MET A 15 3.37 -0.79 7.82
N LYS A 16 3.65 -0.46 9.08
CA LYS A 16 4.33 -1.38 9.97
C LYS A 16 3.40 -2.51 10.43
N ILE A 17 2.10 -2.24 10.50
CA ILE A 17 1.16 -3.31 10.81
C ILE A 17 0.71 -3.98 9.52
N LEU A 18 0.91 -3.28 8.40
CA LEU A 18 0.73 -3.88 7.07
C LEU A 18 1.74 -4.99 6.93
N GLU A 19 3.01 -4.63 7.19
CA GLU A 19 4.12 -5.56 7.26
C GLU A 19 3.72 -6.83 8.01
N GLU A 20 3.24 -6.62 9.22
CA GLU A 20 2.79 -7.70 10.09
C GLU A 20 1.57 -8.43 9.50
N ALA A 21 0.53 -7.66 9.19
CA ALA A 21 -0.79 -8.21 8.89
C ALA A 21 -0.78 -9.09 7.64
N MET A 22 0.01 -8.72 6.64
CA MET A 22 0.05 -9.47 5.39
C MET A 22 0.49 -10.91 5.61
N GLU A 23 1.52 -11.09 6.43
CA GLU A 23 2.04 -12.42 6.72
C GLU A 23 1.38 -13.01 7.97
N ASN A 24 0.72 -12.15 8.74
CA ASN A 24 0.06 -12.58 9.98
C ASN A 24 -1.06 -13.56 9.67
N ASP A 25 -1.72 -13.34 8.55
CA ASP A 25 -2.72 -14.27 8.07
C ASP A 25 -2.03 -15.55 7.60
N THR A 26 -2.43 -16.67 8.17
CA THR A 26 -1.77 -17.94 7.96
C THR A 26 -1.81 -18.38 6.49
N GLU A 27 -2.79 -17.88 5.75
CA GLU A 27 -2.92 -18.19 4.35
C GLU A 27 -1.88 -17.46 3.50
N ASN A 28 -1.28 -16.40 4.08
CA ASN A 28 -0.24 -15.58 3.43
C ASN A 28 -0.48 -15.44 1.93
N LEU A 29 -1.51 -14.68 1.58
CA LEU A 29 -1.90 -14.48 0.19
C LEU A 29 -0.88 -13.60 -0.54
N ILE A 30 0.16 -13.21 0.17
CA ILE A 30 1.19 -12.33 -0.39
C ILE A 30 1.89 -12.98 -1.58
N GLU A 31 2.01 -14.31 -1.55
CA GLU A 31 2.78 -15.01 -2.57
C GLU A 31 2.06 -15.04 -3.90
N LYS A 32 0.75 -14.83 -3.86
CA LYS A 32 -0.07 -14.86 -5.06
C LYS A 32 0.18 -13.61 -5.90
N VAL A 33 0.73 -12.59 -5.25
CA VAL A 33 1.06 -11.33 -5.90
C VAL A 33 2.49 -10.90 -5.58
N ARG A 34 3.39 -11.88 -5.42
CA ARG A 34 4.79 -11.60 -5.11
C ARG A 34 5.35 -10.49 -5.98
N GLY A 35 5.59 -9.37 -5.34
CA GLY A 35 6.04 -8.19 -6.04
C GLY A 35 6.37 -7.07 -5.09
N ILE A 36 6.89 -5.97 -5.60
CA ILE A 36 7.28 -4.88 -4.75
C ILE A 36 6.32 -3.70 -4.88
N TYR A 37 5.78 -3.29 -3.76
CA TYR A 37 4.78 -2.23 -3.71
C TYR A 37 5.40 -0.95 -3.17
N GLY A 38 5.54 0.04 -4.03
CA GLY A 38 6.12 1.30 -3.62
C GLY A 38 5.06 2.28 -3.17
N PHE A 39 5.22 2.83 -1.99
CA PHE A 39 4.26 3.79 -1.46
C PHE A 39 4.83 5.19 -1.37
N LYS A 40 4.46 6.03 -2.33
CA LYS A 40 4.81 7.43 -2.31
C LYS A 40 3.77 8.20 -1.51
N VAL A 41 4.11 8.55 -0.28
CA VAL A 41 3.14 9.15 0.63
C VAL A 41 3.35 10.66 0.73
N ARG A 42 2.29 11.40 0.47
CA ARG A 42 2.34 12.86 0.41
C ARG A 42 1.61 13.48 1.60
N ASN A 43 1.67 14.81 1.71
CA ASN A 43 0.94 15.55 2.75
C ASN A 43 1.38 15.13 4.15
N GLY A 44 2.68 15.10 4.37
CA GLY A 44 3.21 14.83 5.69
C GLY A 44 3.11 16.02 6.62
N PRO A 45 3.90 16.05 7.70
CA PRO A 45 3.88 17.12 8.71
C PRO A 45 3.75 18.52 8.11
N ASN A 46 4.73 18.90 7.30
CA ASN A 46 4.70 20.20 6.65
C ASN A 46 4.86 20.02 5.15
N GLY A 47 3.88 19.36 4.55
CA GLY A 47 3.95 19.08 3.12
C GLY A 47 5.06 18.10 2.80
N ALA A 48 5.40 17.28 3.78
CA ALA A 48 6.47 16.32 3.63
C ALA A 48 6.01 15.11 2.83
N GLU A 49 6.96 14.47 2.17
CA GLU A 49 6.67 13.32 1.34
C GLU A 49 7.60 12.16 1.68
N GLY A 50 7.00 11.11 2.22
CA GLY A 50 7.75 9.93 2.59
C GLY A 50 7.59 8.84 1.56
N TYR A 51 8.45 7.84 1.62
CA TYR A 51 8.43 6.79 0.63
C TYR A 51 8.86 5.46 1.23
N TRP A 52 7.95 4.49 1.24
CA TRP A 52 8.23 3.17 1.77
C TRP A 52 8.07 2.12 0.69
N VAL A 53 8.87 1.09 0.77
CA VAL A 53 8.83 0.00 -0.18
C VAL A 53 8.42 -1.29 0.50
N ILE A 54 7.27 -1.82 0.11
CA ILE A 54 6.80 -3.10 0.63
C ILE A 54 7.29 -4.21 -0.27
N ASN A 55 8.31 -4.92 0.18
CA ASN A 55 8.90 -6.00 -0.61
C ASN A 55 8.11 -7.29 -0.38
N ALA A 56 7.21 -7.58 -1.29
CA ALA A 56 6.47 -8.83 -1.27
C ALA A 56 7.07 -9.79 -2.29
N LYS A 57 8.12 -9.32 -2.97
CA LYS A 57 8.81 -10.11 -3.99
C LYS A 57 9.38 -11.37 -3.36
N GLU A 58 9.92 -11.22 -2.16
CA GLU A 58 10.53 -12.32 -1.43
C GLU A 58 9.45 -13.24 -0.86
N GLY A 59 8.22 -12.77 -0.86
CA GLY A 59 7.14 -13.50 -0.21
C GLY A 59 7.06 -13.13 1.26
N LYS A 60 7.82 -12.11 1.63
CA LYS A 60 7.85 -11.65 3.01
C LYS A 60 6.80 -10.57 3.25
N GLY A 61 6.88 -9.48 2.52
CA GLY A 61 5.93 -8.40 2.69
C GLY A 61 6.43 -7.35 3.67
N LYS A 62 7.73 -7.08 3.64
CA LYS A 62 8.33 -6.15 4.59
C LYS A 62 8.41 -4.76 3.98
N VAL A 63 8.23 -3.73 4.79
CA VAL A 63 8.28 -2.37 4.29
C VAL A 63 9.56 -1.69 4.77
N THR A 64 10.23 -1.03 3.85
CA THR A 64 11.48 -0.37 4.15
C THR A 64 11.52 1.01 3.49
N TYR A 65 12.08 1.99 4.21
CA TYR A 65 12.17 3.36 3.72
C TYR A 65 13.03 3.40 2.46
N ASN A 66 12.45 3.94 1.38
CA ASN A 66 13.11 4.06 0.07
C ASN A 66 13.25 2.69 -0.64
N GLY A 67 13.54 1.66 0.14
CA GLY A 67 13.61 0.30 -0.36
C GLY A 67 14.87 0.00 -1.15
N GLY A 68 15.29 0.94 -1.99
CA GLY A 68 16.44 0.72 -2.85
C GLY A 68 16.13 -0.24 -3.99
N GLU A 69 14.89 -0.70 -4.03
CA GLU A 69 14.45 -1.65 -5.04
C GLU A 69 13.55 -0.97 -6.06
N LYS A 70 13.31 -1.64 -7.17
CA LYS A 70 12.40 -1.12 -8.18
C LYS A 70 11.02 -1.76 -8.02
N PRO A 71 10.04 -0.99 -7.54
CA PRO A 71 8.68 -1.48 -7.27
C PRO A 71 7.93 -1.87 -8.53
N ASP A 72 7.32 -3.05 -8.49
CA ASP A 72 6.46 -3.53 -9.56
C ASP A 72 5.25 -2.63 -9.71
N VAL A 73 4.71 -2.20 -8.57
CA VAL A 73 3.59 -1.25 -8.55
C VAL A 73 3.82 -0.17 -7.50
N THR A 74 3.59 1.07 -7.88
CA THR A 74 3.80 2.20 -6.97
C THR A 74 2.50 3.00 -6.82
N PHE A 75 2.14 3.30 -5.58
CA PHE A 75 0.95 4.08 -5.28
C PHE A 75 1.33 5.45 -4.74
N THR A 76 0.66 6.49 -5.20
CA THR A 76 0.88 7.82 -4.68
C THR A 76 -0.32 8.26 -3.85
N ILE A 77 -0.20 8.15 -2.54
CA ILE A 77 -1.28 8.44 -1.62
C ILE A 77 -0.82 9.52 -0.64
N SER A 78 -1.75 10.20 -0.01
CA SER A 78 -1.42 11.19 0.98
C SER A 78 -1.59 10.61 2.38
N ASP A 79 -0.65 10.91 3.28
CA ASP A 79 -0.64 10.36 4.64
C ASP A 79 -2.02 10.42 5.27
N GLU A 80 -2.62 11.58 5.19
CA GLU A 80 -3.92 11.86 5.79
C GLU A 80 -5.00 10.93 5.26
N ASP A 81 -4.89 10.57 3.98
CA ASP A 81 -5.90 9.73 3.33
C ASP A 81 -5.53 8.25 3.45
N VAL A 82 -4.25 7.97 3.68
CA VAL A 82 -3.77 6.60 3.80
C VAL A 82 -4.52 5.89 4.91
N VAL A 83 -4.85 6.64 5.95
CA VAL A 83 -5.45 6.08 7.14
C VAL A 83 -6.85 5.56 6.84
N ASP A 84 -7.51 6.14 5.85
CA ASP A 84 -8.82 5.69 5.44
C ASP A 84 -8.67 4.52 4.49
N LEU A 85 -7.62 4.56 3.69
CA LEU A 85 -7.37 3.54 2.68
C LEU A 85 -6.94 2.23 3.32
N ILE A 86 -6.18 2.32 4.39
CA ILE A 86 -5.64 1.15 5.05
C ILE A 86 -6.64 0.58 6.07
N SER A 87 -7.57 1.42 6.52
CA SER A 87 -8.58 0.99 7.47
C SER A 87 -9.78 0.36 6.76
N GLY A 88 -9.92 0.68 5.48
CA GLY A 88 -11.05 0.17 4.71
C GLY A 88 -12.17 1.18 4.66
N LYS A 89 -11.88 2.41 5.08
CA LYS A 89 -12.86 3.48 5.09
C LYS A 89 -12.93 4.17 3.74
N LEU A 90 -11.76 4.41 3.15
CA LEU A 90 -11.69 5.03 1.84
C LEU A 90 -11.39 3.97 0.78
N ASN A 91 -12.16 4.00 -0.28
CA ASN A 91 -12.00 3.06 -1.38
C ASN A 91 -10.84 3.48 -2.28
N PRO A 92 -9.79 2.64 -2.40
CA PRO A 92 -8.66 2.94 -3.27
C PRO A 92 -9.09 2.96 -4.73
N GLN A 93 -10.13 2.21 -5.04
CA GLN A 93 -10.75 2.24 -6.35
C GLN A 93 -11.40 3.58 -6.59
N LYS A 94 -12.28 3.96 -5.69
CA LYS A 94 -12.92 5.24 -5.73
C LYS A 94 -11.89 6.34 -5.80
N ALA A 95 -10.90 6.26 -4.93
CA ALA A 95 -9.88 7.28 -4.81
C ALA A 95 -9.05 7.35 -6.09
N PHE A 96 -8.87 6.21 -6.75
CA PHE A 96 -8.21 6.14 -8.04
C PHE A 96 -8.98 7.00 -9.05
N PHE A 97 -10.30 6.85 -9.03
CA PHE A 97 -11.20 7.60 -9.90
C PHE A 97 -11.20 9.08 -9.51
N GLN A 98 -11.14 9.33 -8.22
CA GLN A 98 -11.17 10.68 -7.67
C GLN A 98 -9.88 11.45 -7.96
N GLY A 99 -8.80 10.71 -8.19
CA GLY A 99 -7.53 11.34 -8.49
C GLY A 99 -6.61 11.35 -7.28
N LYS A 100 -7.01 10.65 -6.24
CA LYS A 100 -6.29 10.60 -5.01
C LYS A 100 -5.18 9.58 -5.08
N ILE A 101 -5.42 8.52 -5.84
CA ILE A 101 -4.52 7.40 -5.93
C ILE A 101 -3.87 7.31 -7.31
N LYS A 102 -2.55 7.34 -7.33
CA LYS A 102 -1.78 7.14 -8.56
C LYS A 102 -1.02 5.83 -8.47
N ILE A 103 -1.47 4.82 -9.18
CA ILE A 103 -0.84 3.52 -9.14
C ILE A 103 -0.52 3.02 -10.56
N GLN A 104 0.73 2.60 -10.75
CA GLN A 104 1.16 2.03 -12.01
C GLN A 104 0.85 0.55 -12.01
N GLY A 105 -0.01 0.12 -12.92
CA GLY A 105 -0.49 -1.24 -12.91
C GLY A 105 0.41 -2.22 -13.63
N ASN A 106 1.24 -2.93 -12.88
CA ASN A 106 1.96 -4.08 -13.42
C ASN A 106 0.93 -5.14 -13.79
N MET A 107 0.93 -5.50 -15.07
CA MET A 107 -0.14 -6.33 -15.63
C MET A 107 -0.28 -7.67 -14.92
N GLY A 108 0.81 -8.19 -14.39
CA GLY A 108 0.76 -9.47 -13.71
C GLY A 108 0.53 -9.34 -12.22
N LEU A 109 0.93 -8.22 -11.65
CA LEU A 109 0.88 -8.03 -10.22
C LEU A 109 -0.43 -7.40 -9.80
N ALA A 110 -0.65 -6.20 -10.30
CA ALA A 110 -1.77 -5.38 -9.90
C ALA A 110 -3.06 -5.90 -10.53
N MET A 111 -2.93 -6.91 -11.40
CA MET A 111 -4.09 -7.53 -11.99
C MET A 111 -4.90 -8.26 -10.94
N LYS A 112 -4.25 -8.60 -9.82
CA LYS A 112 -4.97 -9.26 -8.73
C LYS A 112 -5.65 -8.24 -7.84
N LEU A 113 -5.11 -7.04 -7.82
CA LEU A 113 -5.79 -5.91 -7.19
C LEU A 113 -6.99 -5.55 -8.05
N THR A 114 -6.83 -5.84 -9.33
CA THR A 114 -7.85 -5.64 -10.34
C THR A 114 -8.98 -6.68 -10.21
N ASP A 115 -8.67 -7.79 -9.54
CA ASP A 115 -9.60 -8.92 -9.42
C ASP A 115 -10.92 -8.49 -8.78
N LEU A 116 -10.84 -7.44 -7.97
CA LEU A 116 -12.02 -6.89 -7.30
C LEU A 116 -13.06 -6.39 -8.30
N GLN A 117 -12.64 -6.07 -9.51
CA GLN A 117 -13.56 -5.56 -10.54
C GLN A 117 -14.49 -6.65 -11.02
N ARG A 118 -14.14 -7.91 -10.76
CA ARG A 118 -14.96 -9.04 -11.15
C ARG A 118 -16.32 -9.00 -10.44
N GLN A 119 -16.36 -8.31 -9.31
CA GLN A 119 -17.59 -8.09 -8.58
C GLN A 119 -18.27 -6.80 -9.06
N ALA A 120 -17.48 -5.94 -9.67
CA ALA A 120 -17.93 -4.63 -10.12
C ALA A 120 -18.06 -4.61 -11.64
N ALA A 121 -18.15 -5.79 -12.25
CA ALA A 121 -18.17 -5.90 -13.71
C ALA A 121 -19.48 -5.38 -14.28
N GLY A 122 -20.46 -5.17 -13.42
CA GLY A 122 -21.74 -4.65 -13.85
C GLY A 122 -22.74 -5.74 -14.11
N ARG A 123 -22.59 -6.87 -13.41
CA ARG A 123 -23.50 -8.00 -13.52
C ARG A 123 -23.38 -8.67 -14.90
N ILE A 124 -24.25 -9.61 -15.18
CA ILE A 124 -24.23 -10.31 -16.46
C ILE A 124 -24.58 -9.36 -17.61
N GLU A 125 -25.45 -8.40 -17.33
CA GLU A 125 -25.95 -7.51 -18.35
C GLU A 125 -25.22 -6.16 -18.29
N SER A 126 -24.56 -5.81 -19.37
CA SER A 126 -23.79 -4.57 -19.43
C SER A 126 -23.40 -4.22 -20.86
N ILE A 127 -24.12 -4.77 -21.83
CA ILE A 127 -23.81 -4.52 -23.23
C ILE A 127 -24.59 -3.30 -23.74
N GLY A 1 13.17 20.82 9.89
CA GLY A 1 13.46 20.91 8.43
C GLY A 1 12.19 20.95 7.61
N SER A 2 12.33 21.03 6.29
CA SER A 2 11.18 21.11 5.42
C SER A 2 10.43 19.78 5.36
N SER A 3 11.18 18.68 5.36
CA SER A 3 10.59 17.36 5.30
C SER A 3 10.35 16.82 6.71
N GLY A 4 9.07 16.72 7.07
CA GLY A 4 8.71 16.09 8.33
C GLY A 4 9.12 14.63 8.35
N ASN A 5 9.43 14.13 9.54
CA ASN A 5 9.96 12.78 9.68
C ASN A 5 8.93 11.74 9.30
N PRO A 6 9.41 10.63 8.71
CA PRO A 6 8.58 9.52 8.25
C PRO A 6 7.84 8.85 9.40
N GLU A 7 8.43 8.95 10.58
CA GLU A 7 7.87 8.42 11.81
C GLU A 7 6.49 9.03 12.10
N ASP A 8 6.35 10.32 11.82
CA ASP A 8 5.13 11.04 12.17
C ASP A 8 4.02 10.80 11.14
N PHE A 9 4.34 10.04 10.11
CA PHE A 9 3.33 9.61 9.16
C PHE A 9 2.49 8.51 9.79
N LYS A 10 1.21 8.49 9.49
CA LYS A 10 0.34 7.45 9.95
C LYS A 10 0.73 6.14 9.30
N VAL A 11 1.25 6.27 8.09
CA VAL A 11 1.65 5.12 7.31
C VAL A 11 2.81 4.38 7.96
N PHE A 12 3.52 5.06 8.86
CA PHE A 12 4.61 4.43 9.58
C PHE A 12 4.08 3.24 10.37
N LYS A 13 3.07 3.50 11.19
CA LYS A 13 2.43 2.47 11.99
C LYS A 13 1.61 1.53 11.11
N TYR A 14 0.96 2.08 10.10
CA TYR A 14 0.11 1.28 9.21
C TYR A 14 0.92 0.33 8.33
N MET A 15 2.03 0.80 7.80
CA MET A 15 2.88 -0.07 6.97
C MET A 15 3.65 -1.04 7.85
N LYS A 16 3.92 -0.65 9.09
CA LYS A 16 4.56 -1.54 10.05
C LYS A 16 3.66 -2.71 10.39
N ILE A 17 2.35 -2.48 10.43
CA ILE A 17 1.41 -3.56 10.66
C ILE A 17 1.05 -4.24 9.34
N LEU A 18 1.25 -3.53 8.23
CA LEU A 18 1.09 -4.13 6.91
C LEU A 18 2.11 -5.26 6.77
N GLU A 19 3.35 -4.94 7.12
CA GLU A 19 4.44 -5.91 7.17
C GLU A 19 4.00 -7.19 7.86
N GLU A 20 3.39 -7.01 9.03
CA GLU A 20 2.94 -8.11 9.86
C GLU A 20 1.69 -8.77 9.31
N ALA A 21 0.61 -8.00 9.22
CA ALA A 21 -0.73 -8.50 8.96
C ALA A 21 -0.83 -9.32 7.67
N MET A 22 -0.13 -8.87 6.62
CA MET A 22 -0.19 -9.56 5.34
C MET A 22 0.29 -11.01 5.45
N GLU A 23 1.32 -11.24 6.25
CA GLU A 23 1.79 -12.60 6.48
C GLU A 23 1.11 -13.22 7.70
N ASN A 24 0.78 -12.38 8.66
CA ASN A 24 0.18 -12.83 9.92
C ASN A 24 -1.20 -13.44 9.69
N ASP A 25 -1.85 -13.00 8.63
CA ASP A 25 -3.16 -13.52 8.25
C ASP A 25 -3.09 -15.02 8.05
N THR A 26 -4.13 -15.72 8.47
CA THR A 26 -4.17 -17.17 8.38
C THR A 26 -3.77 -17.66 6.99
N GLU A 27 -4.32 -17.01 5.98
CA GLU A 27 -4.11 -17.39 4.61
C GLU A 27 -2.90 -16.69 4.00
N ASN A 28 -2.33 -15.71 4.71
CA ASN A 28 -1.23 -14.89 4.21
C ASN A 28 -1.39 -14.60 2.72
N LEU A 29 -2.36 -13.75 2.42
CA LEU A 29 -2.73 -13.42 1.05
C LEU A 29 -1.57 -12.80 0.27
N ILE A 30 -0.48 -12.55 0.97
CA ILE A 30 0.70 -11.97 0.34
C ILE A 30 1.24 -12.92 -0.74
N GLU A 31 1.01 -14.23 -0.58
CA GLU A 31 1.50 -15.21 -1.53
C GLU A 31 0.81 -15.07 -2.89
N LYS A 32 -0.42 -14.58 -2.87
CA LYS A 32 -1.18 -14.37 -4.09
C LYS A 32 -0.73 -13.10 -4.79
N VAL A 33 -0.18 -12.19 -4.01
CA VAL A 33 0.07 -10.84 -4.47
C VAL A 33 1.54 -10.46 -4.29
N ARG A 34 2.43 -11.45 -4.42
CA ARG A 34 3.85 -11.22 -4.25
C ARG A 34 4.41 -10.32 -5.33
N GLY A 35 5.05 -9.26 -4.89
CA GLY A 35 5.62 -8.26 -5.77
C GLY A 35 6.29 -7.15 -4.98
N ILE A 36 6.75 -6.11 -5.64
CA ILE A 36 7.30 -4.97 -4.92
C ILE A 36 6.41 -3.75 -5.08
N TYR A 37 6.01 -3.18 -3.94
CA TYR A 37 5.05 -2.09 -3.93
C TYR A 37 5.69 -0.82 -3.40
N GLY A 38 5.86 0.15 -4.28
CA GLY A 38 6.44 1.40 -3.88
C GLY A 38 5.38 2.39 -3.48
N PHE A 39 5.34 2.73 -2.21
CA PHE A 39 4.36 3.67 -1.71
C PHE A 39 4.96 5.04 -1.52
N LYS A 40 4.55 5.96 -2.38
CA LYS A 40 4.97 7.34 -2.30
C LYS A 40 3.90 8.15 -1.58
N VAL A 41 4.12 8.40 -0.31
CA VAL A 41 3.11 9.02 0.54
C VAL A 41 3.39 10.51 0.69
N ARG A 42 2.38 11.32 0.40
CA ARG A 42 2.53 12.77 0.44
C ARG A 42 1.58 13.37 1.48
N ASN A 43 1.67 14.68 1.68
CA ASN A 43 0.80 15.39 2.63
C ASN A 43 0.94 14.84 4.04
N GLY A 44 2.18 14.68 4.46
CA GLY A 44 2.46 14.19 5.80
C GLY A 44 2.34 15.26 6.86
N PRO A 45 3.15 15.14 7.94
CA PRO A 45 3.11 16.05 9.10
C PRO A 45 2.94 17.52 8.73
N ASN A 46 3.88 18.06 7.98
CA ASN A 46 3.85 19.46 7.56
C ASN A 46 4.11 19.56 6.07
N GLY A 47 3.18 19.02 5.28
CA GLY A 47 3.36 18.99 3.84
C GLY A 47 4.52 18.09 3.44
N ALA A 48 4.82 17.14 4.32
CA ALA A 48 5.96 16.26 4.14
C ALA A 48 5.65 15.12 3.20
N GLU A 49 6.70 14.46 2.74
CA GLU A 49 6.57 13.38 1.80
C GLU A 49 7.53 12.25 2.16
N GLY A 50 7.08 11.03 1.97
CA GLY A 50 7.89 9.87 2.29
C GLY A 50 7.74 8.78 1.25
N TYR A 51 8.60 7.78 1.32
CA TYR A 51 8.60 6.71 0.34
C TYR A 51 9.02 5.39 0.96
N TRP A 52 8.10 4.43 0.98
CA TRP A 52 8.38 3.11 1.53
C TRP A 52 8.22 2.06 0.46
N VAL A 53 9.07 1.06 0.51
CA VAL A 53 9.04 -0.04 -0.44
C VAL A 53 8.61 -1.32 0.24
N ILE A 54 7.45 -1.83 -0.16
CA ILE A 54 7.00 -3.12 0.34
C ILE A 54 7.53 -4.22 -0.57
N ASN A 55 8.58 -4.86 -0.14
CA ASN A 55 9.22 -5.91 -0.90
C ASN A 55 8.60 -7.25 -0.56
N ALA A 56 7.75 -7.73 -1.44
CA ALA A 56 7.15 -9.04 -1.30
C ALA A 56 7.61 -9.94 -2.43
N LYS A 57 8.70 -9.54 -3.09
CA LYS A 57 9.25 -10.29 -4.21
C LYS A 57 9.80 -11.63 -3.72
N GLU A 58 10.44 -11.59 -2.56
CA GLU A 58 10.99 -12.80 -1.96
C GLU A 58 9.91 -13.51 -1.15
N GLY A 59 8.82 -12.79 -0.89
CA GLY A 59 7.69 -13.38 -0.21
C GLY A 59 7.64 -13.02 1.26
N LYS A 60 8.45 -12.05 1.66
CA LYS A 60 8.50 -11.66 3.06
C LYS A 60 7.44 -10.62 3.39
N GLY A 61 7.20 -9.69 2.46
CA GLY A 61 6.16 -8.71 2.67
C GLY A 61 6.61 -7.55 3.54
N LYS A 62 7.87 -7.16 3.40
CA LYS A 62 8.44 -6.17 4.30
C LYS A 62 8.40 -4.78 3.68
N VAL A 63 8.25 -3.75 4.51
CA VAL A 63 8.26 -2.39 4.02
C VAL A 63 9.52 -1.70 4.52
N THR A 64 10.15 -0.94 3.65
CA THR A 64 11.38 -0.24 4.00
C THR A 64 11.41 1.15 3.38
N TYR A 65 11.76 2.15 4.19
CA TYR A 65 11.85 3.52 3.72
C TYR A 65 13.04 3.65 2.78
N ASN A 66 12.77 4.09 1.55
CA ASN A 66 13.77 4.15 0.49
C ASN A 66 14.40 2.77 0.30
N GLY A 67 13.63 1.87 -0.30
CA GLY A 67 14.05 0.50 -0.44
C GLY A 67 15.23 0.31 -1.38
N GLY A 68 15.28 1.11 -2.43
CA GLY A 68 16.33 0.96 -3.42
C GLY A 68 15.98 -0.13 -4.43
N GLU A 69 14.81 -0.71 -4.26
CA GLU A 69 14.33 -1.77 -5.13
C GLU A 69 13.51 -1.16 -6.26
N LYS A 70 13.19 -1.98 -7.25
CA LYS A 70 12.30 -1.57 -8.31
C LYS A 70 10.90 -2.11 -8.07
N PRO A 71 9.97 -1.23 -7.68
CA PRO A 71 8.58 -1.62 -7.45
C PRO A 71 7.85 -1.97 -8.73
N ASP A 72 7.20 -3.12 -8.73
CA ASP A 72 6.39 -3.55 -9.86
C ASP A 72 5.18 -2.64 -10.01
N VAL A 73 4.73 -2.10 -8.88
CA VAL A 73 3.69 -1.08 -8.86
C VAL A 73 4.02 0.01 -7.84
N THR A 74 3.79 1.25 -8.21
CA THR A 74 4.01 2.38 -7.32
C THR A 74 2.71 3.16 -7.12
N PHE A 75 2.35 3.40 -5.86
CA PHE A 75 1.14 4.12 -5.53
C PHE A 75 1.49 5.43 -4.83
N THR A 76 0.97 6.53 -5.36
CA THR A 76 1.14 7.82 -4.73
C THR A 76 -0.14 8.22 -4.01
N ILE A 77 -0.03 8.53 -2.73
CA ILE A 77 -1.19 8.80 -1.89
C ILE A 77 -0.83 9.66 -0.69
N SER A 78 -1.79 10.45 -0.25
CA SER A 78 -1.64 11.30 0.90
C SER A 78 -1.75 10.51 2.20
N ASP A 79 -0.89 10.86 3.16
CA ASP A 79 -0.87 10.25 4.50
C ASP A 79 -2.24 10.31 5.15
N GLU A 80 -3.00 11.32 4.77
CA GLU A 80 -4.33 11.56 5.30
C GLU A 80 -5.29 10.48 4.80
N ASP A 81 -5.13 10.10 3.55
CA ASP A 81 -6.04 9.18 2.89
C ASP A 81 -5.60 7.73 3.07
N VAL A 82 -4.31 7.54 3.26
CA VAL A 82 -3.74 6.20 3.39
C VAL A 82 -4.42 5.45 4.55
N VAL A 83 -4.80 6.21 5.58
CA VAL A 83 -5.33 5.61 6.79
C VAL A 83 -6.70 4.99 6.54
N ASP A 84 -7.42 5.55 5.57
CA ASP A 84 -8.69 5.00 5.18
C ASP A 84 -8.46 3.82 4.25
N LEU A 85 -7.45 3.96 3.40
CA LEU A 85 -7.12 2.93 2.43
C LEU A 85 -6.68 1.65 3.12
N ILE A 86 -5.77 1.79 4.07
CA ILE A 86 -5.18 0.66 4.77
C ILE A 86 -6.18 0.05 5.76
N SER A 87 -7.12 0.85 6.22
CA SER A 87 -8.10 0.38 7.20
C SER A 87 -9.33 -0.22 6.49
N GLY A 88 -9.40 -0.05 5.18
CA GLY A 88 -10.54 -0.58 4.43
C GLY A 88 -11.71 0.37 4.41
N LYS A 89 -11.44 1.62 4.74
CA LYS A 89 -12.47 2.65 4.80
C LYS A 89 -12.63 3.33 3.45
N LEU A 90 -11.51 3.62 2.82
CA LEU A 90 -11.50 4.31 1.54
C LEU A 90 -11.16 3.36 0.41
N ASN A 91 -12.02 3.34 -0.60
CA ASN A 91 -11.79 2.55 -1.80
C ASN A 91 -10.68 3.16 -2.64
N PRO A 92 -9.63 2.37 -2.94
CA PRO A 92 -8.54 2.82 -3.80
C PRO A 92 -9.04 3.05 -5.21
N GLN A 93 -10.12 2.36 -5.54
CA GLN A 93 -10.82 2.55 -6.78
C GLN A 93 -11.29 4.00 -6.93
N LYS A 94 -12.13 4.44 -6.01
CA LYS A 94 -12.66 5.80 -6.05
C LYS A 94 -11.53 6.80 -5.91
N ALA A 95 -10.54 6.46 -5.10
CA ALA A 95 -9.45 7.39 -4.83
C ALA A 95 -8.60 7.56 -6.08
N PHE A 96 -8.52 6.50 -6.87
CA PHE A 96 -7.83 6.54 -8.16
C PHE A 96 -8.55 7.51 -9.08
N PHE A 97 -9.86 7.34 -9.17
CA PHE A 97 -10.70 8.14 -10.06
C PHE A 97 -10.72 9.60 -9.62
N GLN A 98 -10.60 9.83 -8.33
CA GLN A 98 -10.61 11.18 -7.77
C GLN A 98 -9.23 11.83 -7.82
N GLY A 99 -8.26 11.12 -8.39
CA GLY A 99 -6.94 11.68 -8.59
C GLY A 99 -6.07 11.66 -7.34
N LYS A 100 -6.50 10.93 -6.33
CA LYS A 100 -5.72 10.82 -5.10
C LYS A 100 -4.73 9.68 -5.21
N ILE A 101 -5.18 8.57 -5.76
CA ILE A 101 -4.32 7.41 -5.96
C ILE A 101 -3.67 7.49 -7.34
N LYS A 102 -2.36 7.63 -7.35
CA LYS A 102 -1.59 7.65 -8.58
C LYS A 102 -0.73 6.40 -8.66
N ILE A 103 -1.20 5.42 -9.40
CA ILE A 103 -0.50 4.15 -9.54
C ILE A 103 -0.12 3.92 -11.00
N GLN A 104 1.10 3.42 -11.20
CA GLN A 104 1.67 3.23 -12.51
C GLN A 104 2.55 2.00 -12.49
N GLY A 105 1.92 0.85 -12.64
CA GLY A 105 2.61 -0.41 -12.46
C GLY A 105 1.87 -1.55 -13.09
N ASN A 106 2.50 -2.72 -13.12
CA ASN A 106 1.88 -3.92 -13.67
C ASN A 106 0.48 -4.12 -13.09
N MET A 107 -0.52 -4.00 -13.95
CA MET A 107 -1.91 -4.02 -13.50
C MET A 107 -2.28 -5.36 -12.89
N GLY A 108 -1.63 -6.43 -13.35
CA GLY A 108 -1.97 -7.77 -12.88
C GLY A 108 -1.62 -7.95 -11.43
N LEU A 109 -0.50 -7.38 -11.04
CA LEU A 109 -0.04 -7.39 -9.66
C LEU A 109 -1.03 -6.64 -8.78
N ALA A 110 -1.38 -5.44 -9.22
CA ALA A 110 -2.29 -4.59 -8.48
C ALA A 110 -3.71 -5.17 -8.48
N MET A 111 -3.99 -6.05 -9.44
CA MET A 111 -5.30 -6.72 -9.51
C MET A 111 -5.51 -7.63 -8.33
N LYS A 112 -4.43 -8.10 -7.71
CA LYS A 112 -4.56 -8.93 -6.52
C LYS A 112 -4.89 -8.08 -5.32
N LEU A 113 -4.69 -6.77 -5.44
CA LEU A 113 -5.05 -5.85 -4.37
C LEU A 113 -6.56 -5.65 -4.34
N THR A 114 -7.17 -5.65 -5.53
CA THR A 114 -8.61 -5.51 -5.64
C THR A 114 -9.29 -6.87 -5.45
N ASP A 115 -8.50 -7.93 -5.59
CA ASP A 115 -8.98 -9.29 -5.35
C ASP A 115 -9.47 -9.43 -3.92
N LEU A 116 -8.90 -8.64 -3.04
CA LEU A 116 -9.27 -8.60 -1.63
C LEU A 116 -10.76 -8.31 -1.44
N GLN A 117 -11.41 -7.81 -2.49
CA GLN A 117 -12.82 -7.44 -2.45
C GLN A 117 -13.71 -8.63 -2.08
N ARG A 118 -13.19 -9.85 -2.25
CA ARG A 118 -13.94 -11.05 -1.92
C ARG A 118 -14.45 -10.99 -0.48
N GLN A 119 -13.53 -10.77 0.44
CA GLN A 119 -13.89 -10.67 1.85
C GLN A 119 -14.17 -9.22 2.23
N ALA A 120 -13.48 -8.28 1.58
CA ALA A 120 -13.57 -6.87 1.92
C ALA A 120 -14.94 -6.28 1.62
N ALA A 121 -15.77 -7.02 0.90
CA ALA A 121 -17.12 -6.56 0.56
C ALA A 121 -18.10 -6.86 1.70
N GLY A 122 -17.55 -7.21 2.87
CA GLY A 122 -18.39 -7.49 4.02
C GLY A 122 -18.85 -8.93 4.05
N ARG A 123 -18.21 -9.76 3.23
CA ARG A 123 -18.56 -11.17 3.17
C ARG A 123 -17.90 -11.93 4.30
N ILE A 124 -18.57 -12.00 5.43
CA ILE A 124 -18.04 -12.68 6.60
C ILE A 124 -19.06 -13.69 7.14
N GLU A 125 -20.33 -13.37 6.91
CA GLU A 125 -21.42 -14.13 7.50
C GLU A 125 -22.00 -15.11 6.49
N SER A 126 -22.75 -16.07 6.98
CA SER A 126 -23.35 -17.08 6.13
C SER A 126 -24.78 -17.37 6.59
N ILE A 127 -25.70 -16.52 6.15
CA ILE A 127 -27.10 -16.66 6.47
C ILE A 127 -27.85 -17.26 5.30
N GLY A 1 17.25 18.99 2.51
CA GLY A 1 15.77 18.91 2.55
C GLY A 1 15.26 18.01 3.64
N SER A 2 15.59 18.32 4.89
CA SER A 2 15.10 17.57 6.03
C SER A 2 13.66 17.94 6.33
N SER A 3 12.73 17.17 5.80
CA SER A 3 11.31 17.44 5.99
C SER A 3 10.77 16.66 7.19
N GLY A 4 9.46 16.63 7.33
CA GLY A 4 8.83 15.90 8.42
C GLY A 4 9.31 14.47 8.51
N ASN A 5 9.52 14.00 9.74
CA ASN A 5 9.99 12.65 9.98
C ASN A 5 8.91 11.64 9.68
N PRO A 6 9.32 10.49 9.11
CA PRO A 6 8.43 9.37 8.80
C PRO A 6 7.60 8.93 10.00
N GLU A 7 8.23 8.98 11.16
CA GLU A 7 7.57 8.67 12.43
C GLU A 7 6.31 9.51 12.63
N ASP A 8 6.36 10.76 12.20
CA ASP A 8 5.26 11.70 12.43
C ASP A 8 4.12 11.47 11.43
N PHE A 9 4.34 10.57 10.49
CA PHE A 9 3.32 10.20 9.52
C PHE A 9 2.33 9.24 10.16
N LYS A 10 1.09 9.32 9.71
CA LYS A 10 0.05 8.41 10.16
C LYS A 10 0.31 7.04 9.60
N VAL A 11 1.00 7.02 8.46
CA VAL A 11 1.33 5.79 7.76
C VAL A 11 2.40 5.01 8.51
N PHE A 12 3.11 5.68 9.41
CA PHE A 12 4.21 5.03 10.12
C PHE A 12 3.73 3.78 10.85
N LYS A 13 2.69 3.94 11.65
CA LYS A 13 2.10 2.83 12.38
C LYS A 13 1.36 1.90 11.42
N TYR A 14 0.66 2.49 10.46
CA TYR A 14 -0.16 1.73 9.53
C TYR A 14 0.66 0.81 8.65
N MET A 15 1.77 1.31 8.09
CA MET A 15 2.60 0.49 7.23
C MET A 15 3.43 -0.47 8.07
N LYS A 16 3.63 -0.14 9.33
CA LYS A 16 4.33 -1.03 10.25
C LYS A 16 3.45 -2.23 10.61
N ILE A 17 2.14 -2.00 10.73
CA ILE A 17 1.21 -3.09 10.99
C ILE A 17 0.86 -3.78 9.68
N LEU A 18 0.97 -3.05 8.57
CA LEU A 18 0.82 -3.64 7.24
C LEU A 18 1.84 -4.76 7.10
N GLU A 19 3.09 -4.41 7.38
CA GLU A 19 4.22 -5.32 7.39
C GLU A 19 3.87 -6.63 8.09
N GLU A 20 3.30 -6.50 9.27
CA GLU A 20 2.91 -7.66 10.05
C GLU A 20 1.66 -8.34 9.50
N ALA A 21 0.60 -7.55 9.36
CA ALA A 21 -0.74 -8.08 9.07
C ALA A 21 -0.79 -8.93 7.80
N MET A 22 0.00 -8.54 6.80
CA MET A 22 0.04 -9.27 5.55
C MET A 22 0.53 -10.70 5.74
N GLU A 23 1.58 -10.87 6.54
CA GLU A 23 2.12 -12.20 6.83
C GLU A 23 1.46 -12.80 8.08
N ASN A 24 0.83 -11.93 8.86
CA ASN A 24 0.12 -12.35 10.06
C ASN A 24 -1.08 -13.20 9.68
N ASP A 25 -1.71 -12.83 8.56
CA ASP A 25 -2.80 -13.60 8.01
C ASP A 25 -2.35 -15.03 7.76
N THR A 26 -3.09 -15.98 8.31
CA THR A 26 -2.76 -17.39 8.26
C THR A 26 -2.56 -17.88 6.82
N GLU A 27 -3.19 -17.22 5.86
CA GLU A 27 -3.10 -17.62 4.46
C GLU A 27 -1.97 -16.88 3.76
N ASN A 28 -1.50 -15.78 4.37
CA ASN A 28 -0.45 -14.92 3.80
C ASN A 28 -0.58 -14.82 2.29
N LEU A 29 -1.66 -14.15 1.87
CA LEU A 29 -2.02 -14.04 0.45
C LEU A 29 -0.98 -13.25 -0.34
N ILE A 30 0.06 -12.79 0.35
CA ILE A 30 1.10 -11.99 -0.26
C ILE A 30 1.84 -12.76 -1.36
N GLU A 31 1.84 -14.09 -1.25
CA GLU A 31 2.56 -14.92 -2.21
C GLU A 31 1.80 -15.04 -3.52
N LYS A 32 0.49 -14.81 -3.46
CA LYS A 32 -0.35 -14.88 -4.64
C LYS A 32 -0.17 -13.64 -5.51
N VAL A 33 0.36 -12.59 -4.90
CA VAL A 33 0.53 -11.31 -5.57
C VAL A 33 1.96 -10.80 -5.38
N ARG A 34 2.91 -11.75 -5.31
CA ARG A 34 4.32 -11.42 -5.11
C ARG A 34 4.77 -10.31 -6.04
N GLY A 35 5.23 -9.23 -5.42
CA GLY A 35 5.65 -8.06 -6.15
C GLY A 35 6.12 -6.98 -5.21
N ILE A 36 6.77 -5.96 -5.75
CA ILE A 36 7.26 -4.88 -4.92
C ILE A 36 6.37 -3.66 -5.06
N TYR A 37 5.85 -3.21 -3.93
CA TYR A 37 4.93 -2.09 -3.90
C TYR A 37 5.65 -0.84 -3.42
N GLY A 38 5.70 0.17 -4.27
CA GLY A 38 6.31 1.42 -3.88
C GLY A 38 5.27 2.41 -3.40
N PHE A 39 5.29 2.73 -2.13
CA PHE A 39 4.32 3.66 -1.57
C PHE A 39 4.90 5.06 -1.46
N LYS A 40 4.48 5.93 -2.36
CA LYS A 40 4.87 7.32 -2.33
C LYS A 40 3.83 8.13 -1.56
N VAL A 41 4.12 8.39 -0.30
CA VAL A 41 3.21 9.12 0.57
C VAL A 41 3.66 10.57 0.70
N ARG A 42 2.73 11.48 0.80
CA ARG A 42 3.08 12.88 0.97
C ARG A 42 1.97 13.65 1.67
N ASN A 43 2.10 14.97 1.79
CA ASN A 43 1.17 15.79 2.56
C ASN A 43 1.23 15.42 4.03
N GLY A 44 2.43 15.15 4.50
CA GLY A 44 2.63 14.78 5.89
C GLY A 44 2.54 15.98 6.83
N PRO A 45 3.19 15.88 8.01
CA PRO A 45 3.11 16.90 9.08
C PRO A 45 3.02 18.34 8.56
N ASN A 46 4.04 18.76 7.83
CA ASN A 46 4.06 20.09 7.25
C ASN A 46 4.35 20.00 5.76
N GLY A 47 3.54 19.22 5.06
CA GLY A 47 3.76 19.01 3.64
C GLY A 47 4.93 18.08 3.40
N ALA A 48 5.18 17.21 4.35
CA ALA A 48 6.29 16.27 4.27
C ALA A 48 5.97 15.12 3.34
N GLU A 49 7.03 14.52 2.83
CA GLU A 49 6.90 13.43 1.91
C GLU A 49 7.69 12.23 2.41
N GLY A 50 7.17 11.06 2.10
CA GLY A 50 7.81 9.83 2.50
C GLY A 50 7.69 8.77 1.44
N TYR A 51 8.50 7.74 1.53
CA TYR A 51 8.50 6.68 0.53
C TYR A 51 8.92 5.34 1.14
N TRP A 52 8.00 4.40 1.15
CA TRP A 52 8.26 3.08 1.72
C TRP A 52 8.06 2.01 0.65
N VAL A 53 8.98 1.07 0.61
CA VAL A 53 8.93 -0.01 -0.33
C VAL A 53 8.47 -1.30 0.36
N ILE A 54 7.32 -1.81 -0.06
CA ILE A 54 6.82 -3.07 0.47
C ILE A 54 7.27 -4.19 -0.45
N ASN A 55 8.31 -4.90 -0.02
CA ASN A 55 8.88 -5.96 -0.83
C ASN A 55 8.14 -7.26 -0.58
N ALA A 56 7.22 -7.57 -1.48
CA ALA A 56 6.49 -8.82 -1.43
C ALA A 56 6.96 -9.76 -2.52
N LYS A 57 7.95 -9.31 -3.29
CA LYS A 57 8.52 -10.11 -4.36
C LYS A 57 9.19 -11.34 -3.77
N GLU A 58 9.89 -11.13 -2.67
CA GLU A 58 10.58 -12.20 -1.97
C GLU A 58 9.59 -13.05 -1.18
N GLY A 59 8.34 -12.59 -1.15
CA GLY A 59 7.28 -13.32 -0.49
C GLY A 59 7.10 -12.91 0.95
N LYS A 60 7.78 -11.86 1.35
CA LYS A 60 7.74 -11.43 2.74
C LYS A 60 6.65 -10.39 2.98
N GLY A 61 6.68 -9.29 2.24
CA GLY A 61 5.71 -8.24 2.47
C GLY A 61 6.22 -7.23 3.48
N LYS A 62 7.52 -6.97 3.45
CA LYS A 62 8.15 -6.07 4.41
C LYS A 62 8.28 -4.68 3.82
N VAL A 63 8.11 -3.66 4.65
CA VAL A 63 8.19 -2.29 4.17
C VAL A 63 9.49 -1.66 4.66
N THR A 64 10.20 -1.03 3.75
CA THR A 64 11.46 -0.39 4.05
C THR A 64 11.56 0.93 3.31
N TYR A 65 12.00 1.96 4.01
CA TYR A 65 12.06 3.30 3.44
C TYR A 65 13.04 3.31 2.27
N ASN A 66 12.56 3.84 1.13
CA ASN A 66 13.31 3.89 -0.12
C ASN A 66 13.43 2.51 -0.77
N GLY A 67 13.70 1.50 0.05
CA GLY A 67 13.74 0.12 -0.40
C GLY A 67 14.98 -0.24 -1.21
N GLY A 68 15.38 0.65 -2.10
CA GLY A 68 16.49 0.37 -2.99
C GLY A 68 16.09 -0.60 -4.09
N GLU A 69 14.81 -0.93 -4.13
CA GLU A 69 14.29 -1.89 -5.09
C GLU A 69 13.34 -1.20 -6.06
N LYS A 70 13.37 -1.62 -7.31
CA LYS A 70 12.43 -1.13 -8.30
C LYS A 70 11.06 -1.77 -8.14
N PRO A 71 10.07 -0.99 -7.70
CA PRO A 71 8.70 -1.49 -7.47
C PRO A 71 7.99 -1.82 -8.76
N ASP A 72 7.41 -3.03 -8.80
CA ASP A 72 6.61 -3.46 -9.95
C ASP A 72 5.39 -2.57 -10.09
N VAL A 73 4.87 -2.12 -8.95
CA VAL A 73 3.76 -1.20 -8.90
C VAL A 73 3.96 -0.14 -7.82
N THR A 74 3.72 1.10 -8.17
CA THR A 74 3.87 2.21 -7.23
C THR A 74 2.54 2.89 -6.98
N PHE A 75 2.28 3.26 -5.73
CA PHE A 75 1.05 3.93 -5.36
C PHE A 75 1.38 5.31 -4.79
N THR A 76 0.67 6.33 -5.25
CA THR A 76 0.82 7.66 -4.70
C THR A 76 -0.42 8.05 -3.91
N ILE A 77 -0.22 8.50 -2.69
CA ILE A 77 -1.32 8.85 -1.78
C ILE A 77 -0.79 9.73 -0.65
N SER A 78 -1.62 10.67 -0.23
CA SER A 78 -1.27 11.55 0.86
C SER A 78 -1.55 10.89 2.21
N ASP A 79 -0.70 11.24 3.18
CA ASP A 79 -0.73 10.69 4.54
C ASP A 79 -2.12 10.77 5.16
N GLU A 80 -2.87 11.76 4.73
CA GLU A 80 -4.19 12.02 5.27
C GLU A 80 -5.20 10.98 4.78
N ASP A 81 -5.03 10.52 3.55
CA ASP A 81 -5.99 9.60 2.94
C ASP A 81 -5.61 8.15 3.23
N VAL A 82 -4.31 7.93 3.44
CA VAL A 82 -3.80 6.57 3.62
C VAL A 82 -4.48 5.86 4.78
N VAL A 83 -4.88 6.63 5.78
CA VAL A 83 -5.37 6.08 7.03
C VAL A 83 -6.71 5.38 6.86
N ASP A 84 -7.49 5.84 5.90
CA ASP A 84 -8.75 5.19 5.61
C ASP A 84 -8.50 4.04 4.67
N LEU A 85 -7.49 4.18 3.82
CA LEU A 85 -7.14 3.14 2.88
C LEU A 85 -6.66 1.89 3.60
N ILE A 86 -5.71 2.08 4.51
CA ILE A 86 -5.08 0.98 5.22
C ILE A 86 -6.02 0.43 6.31
N SER A 87 -7.04 1.19 6.68
CA SER A 87 -7.97 0.75 7.69
C SER A 87 -9.20 0.08 7.06
N GLY A 88 -9.27 0.07 5.74
CA GLY A 88 -10.39 -0.53 5.05
C GLY A 88 -11.62 0.35 5.10
N LYS A 89 -11.40 1.64 5.13
CA LYS A 89 -12.48 2.62 5.20
C LYS A 89 -12.65 3.32 3.86
N LEU A 90 -11.53 3.67 3.26
CA LEU A 90 -11.53 4.33 1.98
C LEU A 90 -11.15 3.35 0.89
N ASN A 91 -12.05 3.17 -0.07
CA ASN A 91 -11.82 2.28 -1.19
C ASN A 91 -10.73 2.84 -2.09
N PRO A 92 -9.64 2.08 -2.28
CA PRO A 92 -8.55 2.50 -3.17
C PRO A 92 -9.04 2.57 -4.60
N GLN A 93 -10.14 1.89 -4.86
CA GLN A 93 -10.82 1.94 -6.14
C GLN A 93 -11.34 3.34 -6.41
N LYS A 94 -12.18 3.84 -5.52
CA LYS A 94 -12.76 5.16 -5.69
C LYS A 94 -11.69 6.22 -5.57
N ALA A 95 -10.70 5.95 -4.71
CA ALA A 95 -9.59 6.89 -4.54
C ALA A 95 -8.77 6.97 -5.81
N PHE A 96 -8.75 5.87 -6.57
CA PHE A 96 -8.09 5.86 -7.86
C PHE A 96 -8.79 6.80 -8.82
N PHE A 97 -10.12 6.69 -8.86
CA PHE A 97 -10.94 7.50 -9.75
C PHE A 97 -10.90 8.98 -9.36
N GLN A 98 -10.85 9.23 -8.05
CA GLN A 98 -10.88 10.58 -7.52
C GLN A 98 -9.50 11.25 -7.60
N GLY A 99 -8.57 10.62 -8.32
CA GLY A 99 -7.28 11.22 -8.58
C GLY A 99 -6.35 11.18 -7.38
N LYS A 100 -6.76 10.48 -6.34
CA LYS A 100 -5.97 10.36 -5.13
C LYS A 100 -4.92 9.29 -5.29
N ILE A 101 -5.37 8.12 -5.67
CA ILE A 101 -4.50 6.96 -5.81
C ILE A 101 -3.93 6.91 -7.23
N LYS A 102 -2.60 7.06 -7.30
CA LYS A 102 -1.89 6.98 -8.56
C LYS A 102 -1.03 5.73 -8.57
N ILE A 103 -1.49 4.71 -9.28
CA ILE A 103 -0.81 3.43 -9.32
C ILE A 103 -0.63 2.94 -10.75
N GLN A 104 0.59 2.56 -11.08
CA GLN A 104 0.90 1.99 -12.38
C GLN A 104 0.55 0.50 -12.35
N GLY A 105 -0.65 0.18 -12.78
CA GLY A 105 -1.15 -1.18 -12.66
C GLY A 105 -0.47 -2.16 -13.59
N ASN A 106 0.47 -2.92 -13.04
CA ASN A 106 1.06 -4.03 -13.77
C ASN A 106 -0.02 -5.08 -14.03
N MET A 107 -0.33 -5.31 -15.30
CA MET A 107 -1.47 -6.14 -15.68
C MET A 107 -1.39 -7.55 -15.11
N GLY A 108 -0.18 -8.03 -14.87
CA GLY A 108 -0.02 -9.35 -14.33
C GLY A 108 0.02 -9.37 -12.81
N LEU A 109 0.65 -8.36 -12.25
CA LEU A 109 0.90 -8.32 -10.82
C LEU A 109 -0.22 -7.64 -10.06
N ALA A 110 -0.63 -6.47 -10.54
CA ALA A 110 -1.62 -5.67 -9.83
C ALA A 110 -3.03 -6.23 -9.99
N MET A 111 -3.23 -7.12 -10.97
CA MET A 111 -4.55 -7.75 -11.14
C MET A 111 -4.82 -8.73 -10.02
N LYS A 112 -3.77 -9.15 -9.33
CA LYS A 112 -3.93 -10.03 -8.18
C LYS A 112 -4.41 -9.24 -6.97
N LEU A 113 -4.17 -7.93 -6.98
CA LEU A 113 -4.63 -7.06 -5.91
C LEU A 113 -6.15 -7.05 -5.86
N THR A 114 -6.78 -6.91 -7.02
CA THR A 114 -8.23 -6.94 -7.09
C THR A 114 -8.73 -8.38 -6.95
N ASP A 115 -7.99 -9.33 -7.52
CA ASP A 115 -8.35 -10.74 -7.44
C ASP A 115 -8.54 -11.18 -5.99
N LEU A 116 -7.63 -10.74 -5.13
CA LEU A 116 -7.69 -11.04 -3.70
C LEU A 116 -9.03 -10.63 -3.08
N GLN A 117 -9.54 -9.47 -3.48
CA GLN A 117 -10.81 -8.99 -2.91
C GLN A 117 -12.00 -9.52 -3.70
N ARG A 118 -11.77 -9.94 -4.94
CA ARG A 118 -12.84 -10.54 -5.74
C ARG A 118 -13.29 -11.85 -5.11
N GLN A 119 -12.31 -12.65 -4.68
CA GLN A 119 -12.60 -13.92 -4.02
C GLN A 119 -12.99 -13.71 -2.57
N ALA A 120 -12.87 -12.47 -2.10
CA ALA A 120 -13.30 -12.11 -0.76
C ALA A 120 -14.65 -11.39 -0.82
N ALA A 121 -15.16 -11.24 -2.03
CA ALA A 121 -16.43 -10.55 -2.25
C ALA A 121 -17.58 -11.54 -2.35
N GLY A 122 -17.25 -12.82 -2.37
CA GLY A 122 -18.27 -13.85 -2.43
C GLY A 122 -18.61 -14.25 -3.84
N ARG A 123 -17.59 -14.54 -4.65
CA ARG A 123 -17.81 -14.97 -6.02
C ARG A 123 -17.95 -16.49 -6.07
N ILE A 124 -19.17 -16.97 -6.27
CA ILE A 124 -19.44 -18.39 -6.35
C ILE A 124 -18.99 -18.94 -7.70
N GLU A 125 -19.69 -18.53 -8.75
CA GLU A 125 -19.40 -19.01 -10.09
C GLU A 125 -18.60 -17.96 -10.86
N SER A 126 -17.77 -18.43 -11.79
CA SER A 126 -16.89 -17.55 -12.53
C SER A 126 -17.64 -16.78 -13.62
N ILE A 127 -18.07 -15.58 -13.28
CA ILE A 127 -18.74 -14.70 -14.24
C ILE A 127 -17.78 -13.62 -14.69
N GLY A 1 16.97 13.51 5.09
CA GLY A 1 16.60 14.08 3.78
C GLY A 1 15.61 15.20 3.91
N SER A 2 15.12 15.70 2.79
CA SER A 2 14.17 16.80 2.78
C SER A 2 12.81 16.36 3.35
N SER A 3 12.57 15.06 3.30
CA SER A 3 11.33 14.50 3.80
C SER A 3 11.35 14.44 5.33
N GLY A 4 10.18 14.56 5.94
CA GLY A 4 10.08 14.41 7.37
C GLY A 4 10.31 12.98 7.79
N ASN A 5 10.53 12.77 9.09
CA ASN A 5 10.85 11.44 9.59
C ASN A 5 9.66 10.51 9.45
N PRO A 6 9.95 9.27 9.04
CA PRO A 6 8.94 8.24 8.78
C PRO A 6 8.05 7.98 9.98
N GLU A 7 8.64 8.07 11.17
CA GLU A 7 7.91 7.87 12.41
C GLU A 7 6.78 8.88 12.57
N ASP A 8 7.02 10.12 12.14
CA ASP A 8 6.06 11.18 12.38
C ASP A 8 4.85 11.06 11.45
N PHE A 9 5.01 10.30 10.37
CA PHE A 9 3.93 10.08 9.44
C PHE A 9 2.82 9.25 10.07
N LYS A 10 1.62 9.42 9.55
CA LYS A 10 0.45 8.72 10.05
C LYS A 10 0.44 7.32 9.48
N VAL A 11 1.17 7.15 8.38
CA VAL A 11 1.29 5.86 7.74
C VAL A 11 2.27 4.96 8.50
N PHE A 12 3.04 5.55 9.40
CA PHE A 12 4.07 4.81 10.14
C PHE A 12 3.51 3.55 10.77
N LYS A 13 2.47 3.70 11.60
CA LYS A 13 1.85 2.59 12.27
C LYS A 13 1.22 1.62 11.27
N TYR A 14 0.57 2.18 10.26
CA TYR A 14 -0.12 1.37 9.27
C TYR A 14 0.85 0.53 8.45
N MET A 15 1.90 1.16 7.94
CA MET A 15 2.95 0.45 7.22
C MET A 15 3.64 -0.57 8.13
N LYS A 16 3.74 -0.24 9.41
CA LYS A 16 4.36 -1.15 10.37
C LYS A 16 3.49 -2.37 10.63
N ILE A 17 2.18 -2.19 10.71
CA ILE A 17 1.28 -3.33 10.89
C ILE A 17 1.03 -4.02 9.56
N LEU A 18 1.24 -3.28 8.47
CA LEU A 18 1.21 -3.85 7.13
C LEU A 18 2.25 -4.95 7.05
N GLU A 19 3.45 -4.61 7.52
CA GLU A 19 4.56 -5.54 7.63
C GLU A 19 4.11 -6.84 8.28
N GLU A 20 3.46 -6.70 9.42
CA GLU A 20 2.99 -7.83 10.22
C GLU A 20 1.84 -8.56 9.53
N ALA A 21 0.82 -7.81 9.15
CA ALA A 21 -0.46 -8.36 8.74
C ALA A 21 -0.38 -9.15 7.44
N MET A 22 0.43 -8.67 6.50
CA MET A 22 0.57 -9.33 5.20
C MET A 22 1.02 -10.78 5.35
N GLU A 23 2.04 -11.01 6.17
CA GLU A 23 2.54 -12.37 6.36
C GLU A 23 1.83 -13.03 7.54
N ASN A 24 1.05 -12.26 8.28
CA ASN A 24 0.26 -12.80 9.39
C ASN A 24 -0.82 -13.71 8.83
N ASP A 25 -1.21 -13.45 7.59
CA ASP A 25 -2.19 -14.28 6.90
C ASP A 25 -1.73 -15.73 6.92
N THR A 26 -2.59 -16.58 7.47
CA THR A 26 -2.30 -17.97 7.72
C THR A 26 -1.78 -18.70 6.47
N GLU A 27 -2.36 -18.40 5.33
CA GLU A 27 -1.95 -19.03 4.08
C GLU A 27 -1.09 -18.11 3.24
N ASN A 28 -0.53 -17.09 3.90
CA ASN A 28 0.31 -16.02 3.29
C ASN A 28 0.06 -15.87 1.79
N LEU A 29 -1.07 -15.24 1.49
CA LEU A 29 -1.49 -15.00 0.10
C LEU A 29 -0.53 -14.04 -0.60
N ILE A 30 0.47 -13.57 0.14
CA ILE A 30 1.48 -12.67 -0.40
C ILE A 30 2.20 -13.31 -1.58
N GLU A 31 2.25 -14.64 -1.59
CA GLU A 31 2.96 -15.37 -2.63
C GLU A 31 2.16 -15.42 -3.93
N LYS A 32 0.87 -15.09 -3.83
CA LYS A 32 0.01 -15.08 -5.00
C LYS A 32 0.04 -13.71 -5.67
N VAL A 33 0.60 -12.74 -4.96
CA VAL A 33 0.72 -11.38 -5.46
C VAL A 33 2.15 -10.87 -5.28
N ARG A 34 3.10 -11.79 -5.39
CA ARG A 34 4.51 -11.44 -5.21
C ARG A 34 4.91 -10.28 -6.10
N GLY A 35 5.15 -9.17 -5.45
CA GLY A 35 5.46 -7.94 -6.14
C GLY A 35 5.91 -6.87 -5.17
N ILE A 36 6.65 -5.91 -5.65
CA ILE A 36 7.14 -4.85 -4.80
C ILE A 36 6.24 -3.62 -4.92
N TYR A 37 5.77 -3.15 -3.77
CA TYR A 37 4.84 -2.04 -3.74
C TYR A 37 5.55 -0.77 -3.28
N GLY A 38 5.58 0.22 -4.16
CA GLY A 38 6.21 1.47 -3.82
C GLY A 38 5.19 2.50 -3.39
N PHE A 39 5.19 2.82 -2.12
CA PHE A 39 4.23 3.78 -1.60
C PHE A 39 4.82 5.16 -1.48
N LYS A 40 4.46 6.02 -2.41
CA LYS A 40 4.84 7.42 -2.38
C LYS A 40 3.80 8.21 -1.61
N VAL A 41 4.07 8.49 -0.35
CA VAL A 41 3.11 9.14 0.51
C VAL A 41 3.36 10.64 0.57
N ARG A 42 2.36 11.42 0.20
CA ARG A 42 2.49 12.87 0.18
C ARG A 42 1.66 13.47 1.31
N ASN A 43 1.70 14.80 1.43
CA ASN A 43 0.93 15.51 2.46
C ASN A 43 1.33 15.06 3.86
N GLY A 44 2.63 14.95 4.07
CA GLY A 44 3.15 14.53 5.36
C GLY A 44 3.14 15.63 6.41
N PRO A 45 4.01 15.52 7.42
CA PRO A 45 4.07 16.47 8.55
C PRO A 45 3.96 17.93 8.13
N ASN A 46 4.90 18.38 7.31
CA ASN A 46 4.87 19.75 6.81
C ASN A 46 4.67 19.73 5.30
N GLY A 47 3.70 18.95 4.86
CA GLY A 47 3.48 18.78 3.43
C GLY A 47 4.57 17.93 2.81
N ALA A 48 5.22 17.15 3.65
CA ALA A 48 6.35 16.34 3.24
C ALA A 48 5.92 15.15 2.39
N GLU A 49 6.91 14.50 1.81
CA GLU A 49 6.67 13.36 0.94
C GLU A 49 7.58 12.21 1.30
N GLY A 50 6.96 11.18 1.84
CA GLY A 50 7.70 10.01 2.26
C GLY A 50 7.60 8.89 1.25
N TYR A 51 8.40 7.85 1.42
CA TYR A 51 8.43 6.76 0.47
C TYR A 51 8.79 5.45 1.14
N TRP A 52 7.88 4.49 1.09
CA TRP A 52 8.11 3.18 1.68
C TRP A 52 7.97 2.11 0.61
N VAL A 53 8.87 1.15 0.64
CA VAL A 53 8.86 0.06 -0.30
C VAL A 53 8.47 -1.25 0.38
N ILE A 54 7.34 -1.79 -0.04
CA ILE A 54 6.88 -3.06 0.50
C ILE A 54 7.30 -4.19 -0.42
N ASN A 55 8.29 -4.96 0.02
CA ASN A 55 8.80 -6.06 -0.77
C ASN A 55 7.97 -7.32 -0.52
N ALA A 56 7.05 -7.57 -1.43
CA ALA A 56 6.27 -8.80 -1.39
C ALA A 56 6.83 -9.79 -2.42
N LYS A 57 7.83 -9.34 -3.16
CA LYS A 57 8.44 -10.15 -4.22
C LYS A 57 9.10 -11.38 -3.63
N GLU A 58 9.75 -11.20 -2.49
CA GLU A 58 10.44 -12.29 -1.82
C GLU A 58 9.48 -13.04 -0.90
N GLY A 59 8.20 -12.72 -1.01
CA GLY A 59 7.18 -13.44 -0.26
C GLY A 59 7.12 -13.03 1.19
N LYS A 60 7.62 -11.84 1.49
CA LYS A 60 7.59 -11.33 2.86
C LYS A 60 6.45 -10.35 3.05
N GLY A 61 6.52 -9.21 2.38
CA GLY A 61 5.55 -8.17 2.61
C GLY A 61 6.04 -7.15 3.61
N LYS A 62 7.35 -6.89 3.58
CA LYS A 62 7.97 -5.98 4.52
C LYS A 62 8.12 -4.61 3.89
N VAL A 63 7.97 -3.57 4.70
CA VAL A 63 8.06 -2.22 4.20
C VAL A 63 9.37 -1.60 4.67
N THR A 64 10.11 -1.03 3.75
CA THR A 64 11.38 -0.40 4.06
C THR A 64 11.46 0.95 3.37
N TYR A 65 11.90 1.94 4.13
CA TYR A 65 11.99 3.31 3.64
C TYR A 65 12.97 3.40 2.47
N ASN A 66 12.47 3.89 1.33
CA ASN A 66 13.25 3.99 0.09
C ASN A 66 13.41 2.62 -0.59
N GLY A 67 13.64 1.60 0.21
CA GLY A 67 13.69 0.22 -0.26
C GLY A 67 14.94 -0.11 -1.07
N GLY A 68 15.34 0.79 -1.96
CA GLY A 68 16.45 0.50 -2.85
C GLY A 68 16.05 -0.52 -3.91
N GLU A 69 14.75 -0.65 -4.11
CA GLU A 69 14.19 -1.61 -5.06
C GLU A 69 13.28 -0.91 -6.05
N LYS A 70 13.05 -1.54 -7.19
CA LYS A 70 12.11 -1.01 -8.17
C LYS A 70 10.77 -1.70 -8.04
N PRO A 71 9.77 -0.98 -7.53
CA PRO A 71 8.43 -1.52 -7.30
C PRO A 71 7.72 -1.91 -8.59
N ASP A 72 7.14 -3.11 -8.58
CA ASP A 72 6.31 -3.58 -9.67
C ASP A 72 5.11 -2.67 -9.83
N VAL A 73 4.64 -2.14 -8.71
CA VAL A 73 3.58 -1.15 -8.69
C VAL A 73 3.86 -0.05 -7.67
N THR A 74 3.71 1.19 -8.11
CA THR A 74 3.89 2.33 -7.23
C THR A 74 2.58 3.07 -7.05
N PHE A 75 2.25 3.40 -5.82
CA PHE A 75 1.02 4.13 -5.51
C PHE A 75 1.36 5.44 -4.83
N THR A 76 0.80 6.53 -5.34
CA THR A 76 0.98 7.82 -4.71
C THR A 76 -0.29 8.20 -3.94
N ILE A 77 -0.13 8.38 -2.64
CA ILE A 77 -1.24 8.60 -1.73
C ILE A 77 -0.83 9.60 -0.67
N SER A 78 -1.79 10.33 -0.14
CA SER A 78 -1.54 11.27 0.93
C SER A 78 -1.58 10.57 2.29
N ASP A 79 -0.75 11.08 3.20
CA ASP A 79 -0.63 10.58 4.56
C ASP A 79 -1.99 10.52 5.26
N GLU A 80 -2.90 11.36 4.81
CA GLU A 80 -4.23 11.45 5.39
C GLU A 80 -5.14 10.36 4.87
N ASP A 81 -4.99 10.03 3.59
CA ASP A 81 -5.89 9.10 2.92
C ASP A 81 -5.43 7.67 3.09
N VAL A 82 -4.14 7.49 3.35
CA VAL A 82 -3.56 6.16 3.51
C VAL A 82 -4.30 5.39 4.61
N VAL A 83 -4.73 6.11 5.63
CA VAL A 83 -5.30 5.49 6.81
C VAL A 83 -6.65 4.87 6.50
N ASP A 84 -7.36 5.44 5.54
CA ASP A 84 -8.64 4.90 5.13
C ASP A 84 -8.40 3.78 4.14
N LEU A 85 -7.34 3.92 3.35
CA LEU A 85 -7.01 2.92 2.34
C LEU A 85 -6.54 1.63 3.00
N ILE A 86 -5.66 1.77 3.98
CA ILE A 86 -5.08 0.62 4.67
C ILE A 86 -6.08 0.00 5.66
N SER A 87 -7.09 0.78 6.04
CA SER A 87 -8.10 0.29 6.97
C SER A 87 -9.31 -0.27 6.22
N GLY A 88 -9.28 -0.20 4.90
CA GLY A 88 -10.36 -0.74 4.09
C GLY A 88 -11.57 0.18 4.08
N LYS A 89 -11.34 1.43 4.41
CA LYS A 89 -12.40 2.43 4.50
C LYS A 89 -12.52 3.20 3.21
N LEU A 90 -11.39 3.56 2.64
CA LEU A 90 -11.35 4.32 1.40
C LEU A 90 -11.05 3.40 0.24
N ASN A 91 -11.92 3.41 -0.75
CA ASN A 91 -11.73 2.61 -1.95
C ASN A 91 -10.62 3.20 -2.81
N PRO A 92 -9.59 2.41 -3.13
CA PRO A 92 -8.52 2.85 -4.01
C PRO A 92 -9.05 3.08 -5.41
N GLN A 93 -10.18 2.46 -5.68
CA GLN A 93 -10.94 2.68 -6.90
C GLN A 93 -11.35 4.15 -7.01
N LYS A 94 -12.14 4.60 -6.04
CA LYS A 94 -12.65 5.97 -6.06
C LYS A 94 -11.50 6.95 -5.89
N ALA A 95 -10.50 6.55 -5.11
CA ALA A 95 -9.35 7.41 -4.88
C ALA A 95 -8.53 7.57 -6.15
N PHE A 96 -8.53 6.53 -6.98
CA PHE A 96 -7.87 6.60 -8.28
C PHE A 96 -8.60 7.61 -9.15
N PHE A 97 -9.93 7.47 -9.19
CA PHE A 97 -10.78 8.33 -10.02
C PHE A 97 -10.70 9.78 -9.55
N GLN A 98 -10.73 9.98 -8.25
CA GLN A 98 -10.73 11.32 -7.67
C GLN A 98 -9.32 11.93 -7.69
N GLY A 99 -8.39 11.28 -8.38
CA GLY A 99 -7.08 11.87 -8.63
C GLY A 99 -6.05 11.55 -7.57
N LYS A 100 -6.52 11.14 -6.40
CA LYS A 100 -5.65 10.83 -5.27
C LYS A 100 -4.64 9.76 -5.59
N ILE A 101 -5.13 8.58 -5.93
CA ILE A 101 -4.27 7.44 -6.15
C ILE A 101 -3.61 7.49 -7.52
N LYS A 102 -2.29 7.62 -7.51
CA LYS A 102 -1.48 7.54 -8.72
C LYS A 102 -0.72 6.23 -8.72
N ILE A 103 -1.24 5.25 -9.44
CA ILE A 103 -0.59 3.96 -9.55
C ILE A 103 -0.17 3.71 -10.99
N GLN A 104 1.07 3.25 -11.15
CA GLN A 104 1.65 3.04 -12.45
C GLN A 104 2.52 1.79 -12.39
N GLY A 105 1.88 0.65 -12.56
CA GLY A 105 2.56 -0.60 -12.32
C GLY A 105 1.87 -1.75 -12.98
N ASN A 106 2.52 -2.92 -12.93
CA ASN A 106 1.97 -4.15 -13.49
C ASN A 106 0.57 -4.41 -12.92
N MET A 107 -0.45 -4.22 -13.76
CA MET A 107 -1.83 -4.33 -13.30
C MET A 107 -2.23 -5.78 -13.06
N GLY A 108 -1.52 -6.71 -13.70
CA GLY A 108 -1.82 -8.12 -13.50
C GLY A 108 -1.43 -8.55 -12.10
N LEU A 109 -0.53 -7.77 -11.53
CA LEU A 109 -0.05 -7.99 -10.18
C LEU A 109 -0.93 -7.22 -9.20
N ALA A 110 -1.27 -5.98 -9.56
CA ALA A 110 -2.08 -5.12 -8.72
C ALA A 110 -3.51 -5.62 -8.62
N MET A 111 -3.94 -6.40 -9.61
CA MET A 111 -5.28 -6.97 -9.60
C MET A 111 -5.47 -7.89 -8.40
N LYS A 112 -4.38 -8.43 -7.87
CA LYS A 112 -4.47 -9.27 -6.71
C LYS A 112 -4.63 -8.44 -5.45
N LEU A 113 -4.23 -7.17 -5.51
CA LEU A 113 -4.38 -6.28 -4.37
C LEU A 113 -5.85 -5.97 -4.15
N THR A 114 -6.56 -5.69 -5.24
CA THR A 114 -7.98 -5.41 -5.19
C THR A 114 -8.76 -6.69 -4.92
N ASP A 115 -8.09 -7.82 -5.10
CA ASP A 115 -8.67 -9.12 -4.80
C ASP A 115 -8.47 -9.46 -3.32
N LEU A 116 -7.27 -9.20 -2.83
CA LEU A 116 -6.93 -9.46 -1.43
C LEU A 116 -7.78 -8.61 -0.49
N GLN A 117 -8.04 -7.36 -0.89
CA GLN A 117 -8.82 -6.44 -0.06
C GLN A 117 -10.24 -6.96 0.16
N ARG A 118 -10.67 -7.90 -0.68
CA ARG A 118 -11.99 -8.51 -0.54
C ARG A 118 -12.03 -9.38 0.71
N GLN A 119 -10.95 -10.10 0.95
CA GLN A 119 -10.85 -10.93 2.15
C GLN A 119 -10.34 -10.10 3.33
N ALA A 120 -9.52 -9.10 3.02
CA ALA A 120 -8.94 -8.24 4.04
C ALA A 120 -9.89 -7.11 4.43
N ALA A 121 -11.16 -7.25 4.06
CA ALA A 121 -12.17 -6.25 4.38
C ALA A 121 -12.81 -6.56 5.73
N GLY A 122 -12.09 -7.31 6.56
CA GLY A 122 -12.62 -7.73 7.84
C GLY A 122 -13.58 -8.88 7.66
N ARG A 123 -13.17 -9.86 6.85
CA ARG A 123 -14.02 -11.00 6.56
C ARG A 123 -14.09 -11.94 7.76
N ILE A 124 -15.06 -11.67 8.61
CA ILE A 124 -15.33 -12.48 9.78
C ILE A 124 -16.01 -13.77 9.38
N GLU A 125 -17.11 -13.63 8.67
CA GLU A 125 -17.94 -14.76 8.32
C GLU A 125 -17.69 -15.20 6.88
N SER A 126 -18.08 -16.43 6.58
CA SER A 126 -17.94 -16.98 5.23
C SER A 126 -18.97 -18.07 5.00
N ILE A 127 -19.20 -18.87 6.02
CA ILE A 127 -20.15 -19.98 5.93
C ILE A 127 -21.43 -19.63 6.67
N GLY A 1 13.31 19.63 -1.84
CA GLY A 1 12.58 18.51 -1.20
C GLY A 1 12.39 18.75 0.28
N SER A 2 11.33 18.16 0.82
CA SER A 2 11.04 18.28 2.24
C SER A 2 10.47 16.97 2.76
N SER A 3 11.27 16.26 3.55
CA SER A 3 10.82 15.01 4.14
C SER A 3 11.23 14.91 5.60
N GLY A 4 10.27 15.13 6.49
CA GLY A 4 10.50 14.92 7.91
C GLY A 4 10.63 13.46 8.25
N ASN A 5 10.97 13.16 9.50
CA ASN A 5 11.15 11.78 9.94
C ASN A 5 9.90 10.94 9.67
N PRO A 6 10.12 9.66 9.32
CA PRO A 6 9.05 8.75 8.92
C PRO A 6 8.11 8.46 10.09
N GLU A 7 8.64 8.65 11.29
CA GLU A 7 7.91 8.39 12.52
C GLU A 7 6.66 9.26 12.60
N ASP A 8 6.76 10.48 12.11
CA ASP A 8 5.69 11.46 12.21
C ASP A 8 4.56 11.17 11.22
N PHE A 9 4.84 10.30 10.27
CA PHE A 9 3.84 9.89 9.29
C PHE A 9 2.89 8.89 9.92
N LYS A 10 1.62 9.01 9.60
CA LYS A 10 0.60 8.14 10.15
C LYS A 10 0.69 6.77 9.49
N VAL A 11 1.26 6.77 8.29
CA VAL A 11 1.51 5.53 7.56
C VAL A 11 2.60 4.72 8.24
N PHE A 12 3.36 5.35 9.14
CA PHE A 12 4.44 4.64 9.83
C PHE A 12 3.88 3.45 10.60
N LYS A 13 2.92 3.71 11.48
CA LYS A 13 2.32 2.66 12.30
C LYS A 13 1.48 1.73 11.44
N TYR A 14 0.86 2.27 10.40
CA TYR A 14 0.04 1.47 9.50
C TYR A 14 0.89 0.54 8.65
N MET A 15 1.91 1.08 8.01
CA MET A 15 2.85 0.28 7.23
C MET A 15 3.59 -0.72 8.12
N LYS A 16 3.84 -0.35 9.36
CA LYS A 16 4.52 -1.23 10.30
C LYS A 16 3.64 -2.43 10.66
N ILE A 17 2.34 -2.22 10.73
CA ILE A 17 1.43 -3.33 11.00
C ILE A 17 1.09 -4.04 9.69
N LEU A 18 1.25 -3.34 8.58
CA LEU A 18 1.14 -3.95 7.26
C LEU A 18 2.21 -5.02 7.11
N GLU A 19 3.43 -4.62 7.48
CA GLU A 19 4.58 -5.51 7.56
C GLU A 19 4.21 -6.83 8.24
N GLU A 20 3.57 -6.71 9.40
CA GLU A 20 3.12 -7.86 10.16
C GLU A 20 1.94 -8.56 9.49
N ALA A 21 0.90 -7.78 9.21
CA ALA A 21 -0.41 -8.30 8.84
C ALA A 21 -0.39 -9.11 7.55
N MET A 22 0.37 -8.65 6.56
CA MET A 22 0.45 -9.32 5.28
C MET A 22 0.83 -10.77 5.42
N GLU A 23 1.81 -11.06 6.28
CA GLU A 23 2.21 -12.44 6.51
C GLU A 23 1.45 -13.04 7.70
N ASN A 24 0.89 -12.17 8.54
CA ASN A 24 0.16 -12.63 9.73
C ASN A 24 -1.14 -13.29 9.32
N ASP A 25 -1.61 -12.96 8.12
CA ASP A 25 -2.78 -13.61 7.54
C ASP A 25 -2.51 -15.09 7.40
N THR A 26 -3.41 -15.90 7.94
CA THR A 26 -3.26 -17.32 7.99
C THR A 26 -3.07 -17.94 6.60
N GLU A 27 -3.54 -17.25 5.57
CA GLU A 27 -3.43 -17.75 4.22
C GLU A 27 -2.27 -17.11 3.45
N ASN A 28 -1.49 -16.27 4.16
CA ASN A 28 -0.32 -15.56 3.61
C ASN A 28 -0.47 -15.29 2.11
N LEU A 29 -1.52 -14.53 1.80
CA LEU A 29 -1.92 -14.25 0.42
C LEU A 29 -0.81 -13.55 -0.36
N ILE A 30 0.19 -13.08 0.36
CA ILE A 30 1.32 -12.38 -0.24
C ILE A 30 2.06 -13.29 -1.22
N GLU A 31 1.97 -14.60 -0.98
CA GLU A 31 2.69 -15.60 -1.77
C GLU A 31 2.14 -15.69 -3.19
N LYS A 32 0.87 -15.36 -3.35
CA LYS A 32 0.23 -15.44 -4.65
C LYS A 32 0.49 -14.20 -5.48
N VAL A 33 0.82 -13.11 -4.80
CA VAL A 33 1.02 -11.83 -5.46
C VAL A 33 2.42 -11.28 -5.15
N ARG A 34 3.38 -12.19 -5.00
CA ARG A 34 4.76 -11.80 -4.76
C ARG A 34 5.22 -10.74 -5.75
N GLY A 35 5.55 -9.59 -5.21
CA GLY A 35 5.95 -8.45 -6.01
C GLY A 35 6.42 -7.33 -5.12
N ILE A 36 6.65 -6.16 -5.68
CA ILE A 36 7.12 -5.05 -4.86
C ILE A 36 6.23 -3.82 -5.06
N TYR A 37 5.83 -3.22 -3.95
CA TYR A 37 4.96 -2.06 -3.98
C TYR A 37 5.73 -0.82 -3.53
N GLY A 38 5.62 0.25 -4.28
CA GLY A 38 6.23 1.49 -3.89
C GLY A 38 5.21 2.51 -3.46
N PHE A 39 5.19 2.84 -2.18
CA PHE A 39 4.23 3.81 -1.67
C PHE A 39 4.85 5.19 -1.55
N LYS A 40 4.47 6.07 -2.46
CA LYS A 40 4.88 7.46 -2.40
C LYS A 40 3.83 8.26 -1.64
N VAL A 41 4.11 8.51 -0.37
CA VAL A 41 3.14 9.16 0.51
C VAL A 41 3.42 10.65 0.61
N ARG A 42 2.43 11.46 0.28
CA ARG A 42 2.57 12.91 0.33
C ARG A 42 1.70 13.48 1.44
N ASN A 43 1.71 14.80 1.59
CA ASN A 43 0.94 15.49 2.64
C ASN A 43 1.40 15.05 4.02
N GLY A 44 2.72 15.01 4.19
CA GLY A 44 3.30 14.64 5.46
C GLY A 44 3.25 15.77 6.46
N PRO A 45 3.82 15.54 7.67
CA PRO A 45 3.79 16.48 8.80
C PRO A 45 3.88 17.95 8.40
N ASN A 46 4.96 18.33 7.76
CA ASN A 46 5.21 19.71 7.38
C ASN A 46 5.13 19.87 5.87
N GLY A 47 4.14 19.20 5.26
CA GLY A 47 4.06 19.17 3.82
C GLY A 47 5.13 18.28 3.25
N ALA A 48 5.49 17.27 4.03
CA ALA A 48 6.56 16.36 3.69
C ALA A 48 6.09 15.23 2.80
N GLU A 49 7.04 14.45 2.35
CA GLU A 49 6.77 13.32 1.48
C GLU A 49 7.64 12.15 1.86
N GLY A 50 7.05 10.98 1.91
CA GLY A 50 7.76 9.78 2.30
C GLY A 50 7.62 8.68 1.29
N TYR A 51 8.49 7.70 1.37
CA TYR A 51 8.46 6.59 0.41
C TYR A 51 8.77 5.28 1.11
N TRP A 52 7.84 4.35 1.04
CA TRP A 52 8.03 3.03 1.64
C TRP A 52 7.86 1.95 0.58
N VAL A 53 8.82 1.06 0.54
CA VAL A 53 8.81 -0.03 -0.42
C VAL A 53 8.37 -1.33 0.26
N ILE A 54 7.27 -1.88 -0.21
CA ILE A 54 6.75 -3.12 0.33
C ILE A 54 7.27 -4.30 -0.51
N ASN A 55 8.26 -5.00 0.03
CA ASN A 55 8.86 -6.13 -0.64
C ASN A 55 8.06 -7.38 -0.34
N ALA A 56 7.20 -7.74 -1.28
CA ALA A 56 6.46 -9.00 -1.23
C ALA A 56 7.19 -10.03 -2.05
N LYS A 57 8.17 -9.55 -2.81
CA LYS A 57 8.99 -10.35 -3.72
C LYS A 57 9.56 -11.58 -3.01
N GLU A 58 10.12 -11.36 -1.83
CA GLU A 58 10.79 -12.43 -1.09
C GLU A 58 9.82 -13.18 -0.19
N GLY A 59 8.54 -12.95 -0.40
CA GLY A 59 7.52 -13.67 0.34
C GLY A 59 7.14 -13.01 1.64
N LYS A 60 7.80 -11.90 1.94
CA LYS A 60 7.54 -11.17 3.17
C LYS A 60 6.29 -10.33 3.07
N GLY A 61 6.37 -9.22 2.36
CA GLY A 61 5.33 -8.23 2.43
C GLY A 61 5.71 -7.14 3.40
N LYS A 62 7.01 -6.85 3.45
CA LYS A 62 7.56 -5.92 4.42
C LYS A 62 7.70 -4.55 3.79
N VAL A 63 7.62 -3.50 4.59
CA VAL A 63 7.82 -2.16 4.08
C VAL A 63 9.16 -1.63 4.56
N THR A 64 9.83 -0.88 3.70
CA THR A 64 11.10 -0.27 4.04
C THR A 64 11.17 1.15 3.49
N TYR A 65 11.57 2.09 4.33
CA TYR A 65 11.66 3.49 3.93
C TYR A 65 12.76 3.68 2.90
N ASN A 66 12.38 4.19 1.74
CA ASN A 66 13.30 4.38 0.61
C ASN A 66 14.02 3.06 0.32
N GLY A 67 13.25 2.06 -0.06
CA GLY A 67 13.78 0.73 -0.27
C GLY A 67 14.86 0.67 -1.34
N GLY A 68 14.71 1.47 -2.38
CA GLY A 68 15.67 1.48 -3.46
C GLY A 68 15.37 0.44 -4.51
N GLU A 69 14.51 -0.51 -4.16
CA GLU A 69 14.08 -1.53 -5.10
C GLU A 69 13.07 -0.93 -6.06
N LYS A 70 13.05 -1.43 -7.28
CA LYS A 70 12.10 -0.98 -8.28
C LYS A 70 10.80 -1.75 -8.15
N PRO A 71 9.74 -1.09 -7.67
CA PRO A 71 8.45 -1.73 -7.43
C PRO A 71 7.76 -2.13 -8.71
N ASP A 72 7.10 -3.28 -8.65
CA ASP A 72 6.25 -3.73 -9.73
C ASP A 72 5.10 -2.74 -9.94
N VAL A 73 4.64 -2.14 -8.84
CA VAL A 73 3.64 -1.09 -8.90
C VAL A 73 3.92 0.01 -7.87
N THR A 74 3.73 1.25 -8.27
CA THR A 74 3.90 2.39 -7.37
C THR A 74 2.57 3.11 -7.16
N PHE A 75 2.29 3.47 -5.91
CA PHE A 75 1.06 4.19 -5.59
C PHE A 75 1.41 5.52 -4.93
N THR A 76 0.72 6.58 -5.34
CA THR A 76 0.91 7.89 -4.74
C THR A 76 -0.33 8.28 -3.93
N ILE A 77 -0.14 8.43 -2.62
CA ILE A 77 -1.24 8.64 -1.70
C ILE A 77 -0.83 9.66 -0.64
N SER A 78 -1.79 10.39 -0.10
CA SER A 78 -1.54 11.32 0.99
C SER A 78 -1.66 10.61 2.33
N ASP A 79 -0.82 11.05 3.27
CA ASP A 79 -0.78 10.52 4.63
C ASP A 79 -2.16 10.56 5.29
N GLU A 80 -2.99 11.46 4.80
CA GLU A 80 -4.33 11.66 5.34
C GLU A 80 -5.26 10.55 4.89
N ASP A 81 -5.07 10.10 3.65
CA ASP A 81 -5.97 9.14 3.03
C ASP A 81 -5.54 7.71 3.31
N VAL A 82 -4.24 7.53 3.61
CA VAL A 82 -3.70 6.21 3.86
C VAL A 82 -4.46 5.51 4.97
N VAL A 83 -4.90 6.27 5.97
CA VAL A 83 -5.46 5.68 7.16
C VAL A 83 -6.71 4.88 6.86
N ASP A 84 -7.45 5.28 5.83
CA ASP A 84 -8.64 4.55 5.42
C ASP A 84 -8.29 3.51 4.38
N LEU A 85 -7.22 3.75 3.64
CA LEU A 85 -6.77 2.80 2.63
C LEU A 85 -6.17 1.57 3.30
N ILE A 86 -5.42 1.80 4.36
CA ILE A 86 -4.83 0.71 5.13
C ILE A 86 -5.92 -0.09 5.84
N SER A 87 -6.86 0.63 6.43
CA SER A 87 -7.91 0.02 7.24
C SER A 87 -8.99 -0.61 6.37
N GLY A 88 -9.18 -0.08 5.18
CA GLY A 88 -10.19 -0.61 4.28
C GLY A 88 -11.41 0.28 4.18
N LYS A 89 -11.41 1.39 4.91
CA LYS A 89 -12.51 2.35 4.87
C LYS A 89 -12.59 3.04 3.51
N LEU A 90 -11.45 3.37 2.96
CA LEU A 90 -11.39 4.08 1.70
C LEU A 90 -11.06 3.15 0.54
N ASN A 91 -11.87 3.24 -0.50
CA ASN A 91 -11.64 2.46 -1.71
C ASN A 91 -10.53 3.10 -2.53
N PRO A 92 -9.47 2.33 -2.84
CA PRO A 92 -8.40 2.82 -3.71
C PRO A 92 -8.92 3.07 -5.10
N GLN A 93 -10.00 2.37 -5.45
CA GLN A 93 -10.68 2.58 -6.71
C GLN A 93 -11.21 4.00 -6.81
N LYS A 94 -12.06 4.38 -5.86
CA LYS A 94 -12.64 5.72 -5.86
C LYS A 94 -11.55 6.75 -5.67
N ALA A 95 -10.55 6.42 -4.87
CA ALA A 95 -9.48 7.37 -4.60
C ALA A 95 -8.67 7.62 -5.86
N PHE A 96 -8.54 6.58 -6.68
CA PHE A 96 -7.88 6.69 -7.97
C PHE A 96 -8.57 7.74 -8.83
N PHE A 97 -9.89 7.59 -8.96
CA PHE A 97 -10.71 8.47 -9.78
C PHE A 97 -10.68 9.90 -9.22
N GLN A 98 -10.55 10.00 -7.91
CA GLN A 98 -10.55 11.29 -7.23
C GLN A 98 -9.15 11.92 -7.21
N GLY A 99 -8.18 11.21 -7.77
CA GLY A 99 -6.83 11.77 -7.90
C GLY A 99 -5.96 11.52 -6.68
N LYS A 100 -6.49 10.77 -5.70
CA LYS A 100 -5.77 10.51 -4.47
C LYS A 100 -5.02 9.20 -4.53
N ILE A 101 -4.95 8.65 -5.73
CA ILE A 101 -4.17 7.45 -5.97
C ILE A 101 -3.60 7.49 -7.38
N LYS A 102 -2.30 7.67 -7.45
CA LYS A 102 -1.58 7.66 -8.71
C LYS A 102 -0.75 6.40 -8.80
N ILE A 103 -1.25 5.42 -9.52
CA ILE A 103 -0.59 4.14 -9.65
C ILE A 103 -0.16 3.90 -11.10
N GLN A 104 1.05 3.39 -11.25
CA GLN A 104 1.65 3.14 -12.55
C GLN A 104 2.56 1.93 -12.41
N GLY A 105 2.04 0.77 -12.78
CA GLY A 105 2.74 -0.45 -12.48
C GLY A 105 2.29 -1.62 -13.31
N ASN A 106 3.00 -2.73 -13.16
CA ASN A 106 2.69 -4.00 -13.81
C ASN A 106 1.21 -4.32 -13.64
N MET A 107 0.52 -4.44 -14.76
CA MET A 107 -0.92 -4.67 -14.77
C MET A 107 -1.26 -6.02 -14.15
N GLY A 108 -0.50 -7.05 -14.51
CA GLY A 108 -0.76 -8.38 -13.97
C GLY A 108 -0.51 -8.44 -12.49
N LEU A 109 0.35 -7.56 -12.03
CA LEU A 109 0.68 -7.45 -10.62
C LEU A 109 -0.50 -6.84 -9.87
N ALA A 110 -0.93 -5.66 -10.31
CA ALA A 110 -2.01 -4.93 -9.64
C ALA A 110 -3.37 -5.57 -9.91
N MET A 111 -3.45 -6.43 -10.93
CA MET A 111 -4.67 -7.18 -11.17
C MET A 111 -4.94 -8.14 -10.02
N LYS A 112 -3.87 -8.57 -9.37
CA LYS A 112 -3.98 -9.43 -8.19
C LYS A 112 -4.50 -8.61 -7.02
N LEU A 113 -4.23 -7.31 -7.05
CA LEU A 113 -4.68 -6.39 -6.03
C LEU A 113 -6.19 -6.26 -6.08
N THR A 114 -6.70 -6.03 -7.29
CA THR A 114 -8.13 -5.88 -7.49
C THR A 114 -8.83 -7.24 -7.47
N ASP A 115 -8.02 -8.29 -7.55
CA ASP A 115 -8.52 -9.66 -7.40
C ASP A 115 -8.68 -9.98 -5.91
N LEU A 116 -7.65 -9.65 -5.15
CA LEU A 116 -7.63 -9.90 -3.72
C LEU A 116 -8.77 -9.19 -3.01
N GLN A 117 -9.08 -7.97 -3.46
CA GLN A 117 -10.15 -7.18 -2.84
C GLN A 117 -11.50 -7.88 -2.93
N ARG A 118 -11.64 -8.76 -3.93
CA ARG A 118 -12.87 -9.53 -4.09
C ARG A 118 -12.95 -10.60 -3.00
N GLN A 119 -11.81 -11.21 -2.71
CA GLN A 119 -11.72 -12.17 -1.62
C GLN A 119 -11.91 -11.44 -0.29
N ALA A 120 -11.34 -10.24 -0.20
CA ALA A 120 -11.49 -9.39 0.97
C ALA A 120 -12.95 -8.99 1.16
N ALA A 121 -13.68 -8.95 0.06
CA ALA A 121 -15.10 -8.61 0.08
C ALA A 121 -15.94 -9.83 0.46
N GLY A 122 -15.35 -11.02 0.31
CA GLY A 122 -16.02 -12.22 0.75
C GLY A 122 -16.12 -13.30 -0.32
N ARG A 123 -16.19 -12.91 -1.58
CA ARG A 123 -16.37 -13.90 -2.64
C ARG A 123 -15.27 -13.82 -3.71
N ILE A 124 -14.37 -14.78 -3.68
CA ILE A 124 -13.33 -14.90 -4.70
C ILE A 124 -13.52 -16.18 -5.50
N GLU A 125 -13.91 -17.24 -4.80
CA GLU A 125 -14.08 -18.55 -5.41
C GLU A 125 -15.56 -18.81 -5.66
N SER A 126 -15.85 -19.87 -6.40
CA SER A 126 -17.23 -20.21 -6.71
C SER A 126 -17.38 -21.73 -6.79
N ILE A 127 -18.06 -22.30 -5.81
CA ILE A 127 -18.32 -23.73 -5.80
C ILE A 127 -19.72 -24.01 -6.33
N GLY A 1 17.48 16.83 1.39
CA GLY A 1 17.75 17.49 2.69
C GLY A 1 16.90 16.91 3.80
N SER A 2 17.01 17.47 4.99
CA SER A 2 16.26 16.99 6.15
C SER A 2 14.76 17.12 5.90
N SER A 3 14.09 15.99 5.77
CA SER A 3 12.67 15.97 5.46
C SER A 3 11.88 15.48 6.66
N GLY A 4 10.56 15.41 6.52
CA GLY A 4 9.71 14.96 7.60
C GLY A 4 10.11 13.57 8.08
N ASN A 5 10.24 13.40 9.38
CA ASN A 5 10.63 12.12 9.95
C ASN A 5 9.52 11.11 9.78
N PRO A 6 9.88 9.82 9.59
CA PRO A 6 8.92 8.76 9.33
C PRO A 6 7.86 8.64 10.42
N GLU A 7 8.31 8.75 11.67
CA GLU A 7 7.41 8.67 12.83
C GLU A 7 6.31 9.73 12.77
N ASP A 8 6.66 10.90 12.23
CA ASP A 8 5.72 12.01 12.15
C ASP A 8 4.61 11.74 11.14
N PHE A 9 4.82 10.74 10.30
CA PHE A 9 3.78 10.31 9.37
C PHE A 9 2.78 9.43 10.10
N LYS A 10 1.53 9.53 9.72
CA LYS A 10 0.49 8.74 10.33
C LYS A 10 0.52 7.35 9.71
N VAL A 11 1.17 7.27 8.55
CA VAL A 11 1.33 6.01 7.86
C VAL A 11 2.40 5.15 8.54
N PHE A 12 3.16 5.74 9.45
CA PHE A 12 4.23 5.03 10.13
C PHE A 12 3.69 3.81 10.88
N LYS A 13 2.67 4.03 11.69
CA LYS A 13 2.04 2.95 12.45
C LYS A 13 1.28 2.00 11.53
N TYR A 14 0.83 2.51 10.40
CA TYR A 14 0.07 1.71 9.44
C TYR A 14 0.98 0.83 8.59
N MET A 15 1.98 1.43 7.97
CA MET A 15 2.95 0.69 7.17
C MET A 15 3.68 -0.36 8.00
N LYS A 16 3.95 -0.04 9.25
CA LYS A 16 4.63 -0.97 10.13
C LYS A 16 3.75 -2.18 10.48
N ILE A 17 2.44 -1.97 10.54
CA ILE A 17 1.54 -3.09 10.78
C ILE A 17 1.10 -3.71 9.46
N LEU A 18 1.31 -2.98 8.37
CA LEU A 18 1.11 -3.49 7.02
C LEU A 18 2.07 -4.66 6.82
N GLU A 19 3.33 -4.41 7.20
CA GLU A 19 4.37 -5.42 7.18
C GLU A 19 3.88 -6.70 7.84
N GLU A 20 3.32 -6.53 9.02
CA GLU A 20 2.75 -7.62 9.77
C GLU A 20 1.56 -8.24 9.04
N ALA A 21 0.54 -7.40 8.82
CA ALA A 21 -0.78 -7.85 8.39
C ALA A 21 -0.75 -8.68 7.11
N MET A 22 0.00 -8.22 6.11
CA MET A 22 0.06 -8.91 4.83
C MET A 22 0.52 -10.35 4.97
N GLU A 23 1.54 -10.59 5.79
CA GLU A 23 2.04 -11.95 5.97
C GLU A 23 1.34 -12.61 7.16
N ASN A 24 0.71 -11.80 8.01
CA ASN A 24 0.01 -12.28 9.19
C ASN A 24 -1.15 -13.18 8.79
N ASP A 25 -1.70 -12.91 7.60
CA ASP A 25 -2.76 -13.73 7.06
C ASP A 25 -2.25 -15.15 6.86
N THR A 26 -2.96 -16.11 7.42
CA THR A 26 -2.54 -17.50 7.42
C THR A 26 -2.57 -18.11 6.02
N GLU A 27 -3.28 -17.46 5.10
CA GLU A 27 -3.33 -17.92 3.72
C GLU A 27 -2.27 -17.21 2.89
N ASN A 28 -1.56 -16.27 3.55
CA ASN A 28 -0.52 -15.41 2.94
C ASN A 28 -0.72 -15.24 1.44
N LEU A 29 -1.74 -14.47 1.07
CA LEU A 29 -2.07 -14.21 -0.32
C LEU A 29 -0.94 -13.45 -1.01
N ILE A 30 0.03 -13.02 -0.21
CA ILE A 30 1.18 -12.30 -0.71
C ILE A 30 1.97 -13.16 -1.70
N GLU A 31 1.88 -14.49 -1.53
CA GLU A 31 2.58 -15.42 -2.40
C GLU A 31 1.96 -15.45 -3.79
N LYS A 32 0.68 -15.15 -3.87
CA LYS A 32 -0.04 -15.21 -5.13
C LYS A 32 0.12 -13.90 -5.90
N VAL A 33 0.60 -12.88 -5.21
CA VAL A 33 0.76 -11.56 -5.80
C VAL A 33 2.16 -11.03 -5.52
N ARG A 34 3.12 -11.95 -5.43
CA ARG A 34 4.50 -11.59 -5.12
C ARG A 34 5.02 -10.50 -6.02
N GLY A 35 5.27 -9.36 -5.41
CA GLY A 35 5.66 -8.17 -6.12
C GLY A 35 6.14 -7.09 -5.17
N ILE A 36 6.70 -6.02 -5.70
CA ILE A 36 7.16 -4.93 -4.87
C ILE A 36 6.23 -3.74 -4.97
N TYR A 37 5.79 -3.24 -3.83
CA TYR A 37 4.86 -2.13 -3.77
C TYR A 37 5.57 -0.89 -3.26
N GLY A 38 5.70 0.11 -4.10
CA GLY A 38 6.30 1.35 -3.68
C GLY A 38 5.26 2.37 -3.26
N PHE A 39 5.22 2.68 -1.99
CA PHE A 39 4.24 3.64 -1.48
C PHE A 39 4.84 5.03 -1.37
N LYS A 40 4.44 5.89 -2.29
CA LYS A 40 4.83 7.29 -2.26
C LYS A 40 3.79 8.08 -1.49
N VAL A 41 4.09 8.39 -0.25
CA VAL A 41 3.14 9.06 0.64
C VAL A 41 3.43 10.55 0.73
N ARG A 42 2.55 11.36 0.17
CA ARG A 42 2.74 12.80 0.15
C ARG A 42 1.85 13.49 1.17
N ASN A 43 1.99 14.81 1.27
CA ASN A 43 1.16 15.63 2.15
C ASN A 43 1.30 15.21 3.61
N GLY A 44 2.54 15.01 4.04
CA GLY A 44 2.81 14.72 5.43
C GLY A 44 2.74 15.96 6.30
N PRO A 45 3.41 15.92 7.48
CA PRO A 45 3.37 17.00 8.48
C PRO A 45 3.45 18.40 7.87
N ASN A 46 4.54 18.69 7.18
CA ASN A 46 4.71 19.98 6.51
C ASN A 46 4.77 19.76 5.02
N GLY A 47 3.88 18.91 4.52
CA GLY A 47 3.91 18.56 3.11
C GLY A 47 5.02 17.58 2.82
N ALA A 48 5.44 16.87 3.86
CA ALA A 48 6.51 15.90 3.74
C ALA A 48 6.09 14.72 2.89
N GLU A 49 7.03 14.27 2.08
CA GLU A 49 6.81 13.17 1.18
C GLU A 49 7.67 11.98 1.58
N GLY A 50 7.03 10.94 2.08
CA GLY A 50 7.72 9.76 2.50
C GLY A 50 7.58 8.65 1.49
N TYR A 51 8.39 7.63 1.60
CA TYR A 51 8.38 6.55 0.63
C TYR A 51 8.75 5.22 1.29
N TRP A 52 7.86 4.26 1.22
CA TRP A 52 8.09 2.94 1.80
C TRP A 52 7.94 1.87 0.74
N VAL A 53 8.94 1.01 0.65
CA VAL A 53 8.94 -0.08 -0.31
C VAL A 53 8.51 -1.38 0.35
N ILE A 54 7.36 -1.90 -0.06
CA ILE A 54 6.90 -3.19 0.43
C ILE A 54 7.39 -4.29 -0.52
N ASN A 55 8.45 -4.96 -0.12
CA ASN A 55 9.05 -5.99 -0.95
C ASN A 55 8.39 -7.34 -0.67
N ALA A 56 7.46 -7.70 -1.54
CA ALA A 56 6.82 -9.00 -1.44
C ALA A 56 7.34 -9.91 -2.55
N LYS A 57 8.32 -9.41 -3.30
CA LYS A 57 8.88 -10.15 -4.42
C LYS A 57 9.50 -11.45 -3.93
N GLU A 58 10.27 -11.36 -2.86
CA GLU A 58 10.92 -12.54 -2.31
C GLU A 58 10.05 -13.19 -1.24
N GLY A 59 8.76 -12.91 -1.31
CA GLY A 59 7.79 -13.53 -0.42
C GLY A 59 7.88 -13.00 1.00
N LYS A 60 8.55 -11.88 1.15
CA LYS A 60 8.76 -11.29 2.46
C LYS A 60 7.56 -10.45 2.89
N GLY A 61 7.18 -9.49 2.06
CA GLY A 61 6.07 -8.62 2.41
C GLY A 61 6.47 -7.61 3.47
N LYS A 62 7.72 -7.17 3.42
CA LYS A 62 8.21 -6.22 4.40
C LYS A 62 8.21 -4.81 3.79
N VAL A 63 8.26 -3.79 4.62
CA VAL A 63 8.30 -2.42 4.12
C VAL A 63 9.58 -1.74 4.61
N THR A 64 10.21 -0.97 3.73
CA THR A 64 11.43 -0.28 4.06
C THR A 64 11.41 1.13 3.49
N TYR A 65 11.86 2.08 4.30
CA TYR A 65 11.88 3.49 3.90
C TYR A 65 12.94 3.70 2.81
N ASN A 66 12.49 4.11 1.64
CA ASN A 66 13.36 4.27 0.46
C ASN A 66 14.15 2.99 0.22
N GLY A 67 13.43 1.93 -0.12
CA GLY A 67 14.03 0.62 -0.24
C GLY A 67 15.11 0.54 -1.31
N GLY A 68 14.88 1.19 -2.44
CA GLY A 68 15.83 1.14 -3.53
C GLY A 68 15.50 0.04 -4.51
N GLU A 69 14.71 -0.92 -4.06
CA GLU A 69 14.21 -1.98 -4.94
C GLU A 69 13.22 -1.39 -5.92
N LYS A 70 13.12 -1.97 -7.11
CA LYS A 70 12.17 -1.52 -8.09
C LYS A 70 10.79 -2.10 -7.82
N PRO A 71 9.85 -1.23 -7.48
CA PRO A 71 8.46 -1.60 -7.30
C PRO A 71 7.80 -1.98 -8.61
N ASP A 72 7.15 -3.13 -8.62
CA ASP A 72 6.36 -3.55 -9.77
C ASP A 72 5.19 -2.62 -9.94
N VAL A 73 4.70 -2.12 -8.80
CA VAL A 73 3.63 -1.15 -8.79
C VAL A 73 3.89 -0.10 -7.70
N THR A 74 3.76 1.16 -8.07
CA THR A 74 3.93 2.26 -7.12
C THR A 74 2.60 2.95 -6.88
N PHE A 75 2.25 3.14 -5.62
CA PHE A 75 1.02 3.83 -5.25
C PHE A 75 1.36 5.18 -4.63
N THR A 76 0.80 6.23 -5.19
CA THR A 76 0.96 7.56 -4.62
C THR A 76 -0.31 7.97 -3.89
N ILE A 77 -0.18 8.33 -2.62
CA ILE A 77 -1.31 8.66 -1.78
C ILE A 77 -0.86 9.55 -0.64
N SER A 78 -1.77 10.36 -0.13
CA SER A 78 -1.46 11.32 0.91
C SER A 78 -1.55 10.66 2.28
N ASP A 79 -0.71 11.15 3.19
CA ASP A 79 -0.67 10.71 4.60
C ASP A 79 -2.07 10.75 5.21
N GLU A 80 -2.90 11.64 4.68
CA GLU A 80 -4.24 11.84 5.18
C GLU A 80 -5.17 10.70 4.75
N ASP A 81 -5.11 10.34 3.47
CA ASP A 81 -6.03 9.37 2.89
C ASP A 81 -5.63 7.94 3.21
N VAL A 82 -4.33 7.75 3.43
CA VAL A 82 -3.77 6.42 3.64
C VAL A 82 -4.49 5.69 4.78
N VAL A 83 -4.92 6.45 5.78
CA VAL A 83 -5.41 5.87 7.01
C VAL A 83 -6.74 5.17 6.81
N ASP A 84 -7.54 5.67 5.86
CA ASP A 84 -8.81 5.04 5.54
C ASP A 84 -8.55 3.89 4.59
N LEU A 85 -7.55 4.04 3.75
CA LEU A 85 -7.19 3.01 2.78
C LEU A 85 -6.70 1.75 3.47
N ILE A 86 -5.77 1.93 4.41
CA ILE A 86 -5.14 0.81 5.08
C ILE A 86 -6.06 0.17 6.12
N SER A 87 -7.06 0.93 6.57
CA SER A 87 -8.01 0.42 7.53
C SER A 87 -9.14 -0.36 6.83
N GLY A 88 -9.39 -0.01 5.58
CA GLY A 88 -10.50 -0.62 4.85
C GLY A 88 -11.72 0.28 4.84
N LYS A 89 -11.50 1.56 5.05
CA LYS A 89 -12.57 2.54 5.14
C LYS A 89 -12.75 3.27 3.81
N LEU A 90 -11.64 3.61 3.19
CA LEU A 90 -11.68 4.34 1.92
C LEU A 90 -11.41 3.39 0.76
N ASN A 91 -12.31 3.41 -0.21
CA ASN A 91 -12.16 2.61 -1.41
C ASN A 91 -11.01 3.15 -2.26
N PRO A 92 -10.00 2.31 -2.56
CA PRO A 92 -8.90 2.70 -3.42
C PRO A 92 -9.39 2.89 -4.84
N GLN A 93 -10.52 2.27 -5.11
CA GLN A 93 -11.20 2.41 -6.39
C GLN A 93 -11.66 3.84 -6.62
N LYS A 94 -12.44 4.36 -5.68
CA LYS A 94 -12.91 5.73 -5.76
C LYS A 94 -11.73 6.69 -5.66
N ALA A 95 -10.77 6.33 -4.81
CA ALA A 95 -9.62 7.19 -4.61
C ALA A 95 -8.78 7.25 -5.89
N PHE A 96 -8.75 6.14 -6.61
CA PHE A 96 -8.08 6.05 -7.90
C PHE A 96 -8.73 7.04 -8.88
N PHE A 97 -10.04 6.96 -8.97
CA PHE A 97 -10.82 7.82 -9.87
C PHE A 97 -10.65 9.28 -9.50
N GLN A 98 -10.63 9.55 -8.20
CA GLN A 98 -10.54 10.91 -7.69
C GLN A 98 -9.12 11.46 -7.78
N GLY A 99 -8.23 10.71 -8.44
CA GLY A 99 -6.89 11.20 -8.69
C GLY A 99 -6.01 11.14 -7.46
N LYS A 100 -6.53 10.54 -6.40
CA LYS A 100 -5.80 10.41 -5.15
C LYS A 100 -4.81 9.28 -5.23
N ILE A 101 -5.28 8.14 -5.71
CA ILE A 101 -4.47 6.96 -5.84
C ILE A 101 -3.84 6.92 -7.24
N LYS A 102 -2.53 7.11 -7.28
CA LYS A 102 -1.77 7.03 -8.51
C LYS A 102 -0.94 5.75 -8.48
N ILE A 103 -1.36 4.75 -9.24
CA ILE A 103 -0.73 3.45 -9.19
C ILE A 103 -0.23 3.02 -10.58
N GLN A 104 1.03 2.60 -10.61
CA GLN A 104 1.68 2.15 -11.84
C GLN A 104 0.98 0.91 -12.39
N GLY A 105 0.66 0.91 -13.67
CA GLY A 105 -0.14 -0.15 -14.25
C GLY A 105 0.65 -1.42 -14.53
N ASN A 106 0.72 -2.29 -13.54
CA ASN A 106 1.17 -3.65 -13.74
C ASN A 106 -0.04 -4.59 -13.64
N MET A 107 -0.67 -4.81 -14.78
CA MET A 107 -1.97 -5.45 -14.88
C MET A 107 -2.09 -6.70 -14.02
N GLY A 108 -1.22 -7.66 -14.25
CA GLY A 108 -1.38 -8.96 -13.61
C GLY A 108 -1.11 -8.92 -12.13
N LEU A 109 -0.36 -7.93 -11.70
CA LEU A 109 0.04 -7.82 -10.31
C LEU A 109 -0.97 -6.98 -9.53
N ALA A 110 -1.24 -5.78 -10.01
CA ALA A 110 -2.12 -4.85 -9.30
C ALA A 110 -3.58 -5.26 -9.40
N MET A 111 -3.92 -6.18 -10.29
CA MET A 111 -5.29 -6.68 -10.36
C MET A 111 -5.58 -7.59 -9.18
N LYS A 112 -4.54 -8.13 -8.55
CA LYS A 112 -4.72 -8.91 -7.34
C LYS A 112 -4.77 -7.97 -6.14
N LEU A 113 -4.05 -6.85 -6.24
CA LEU A 113 -4.21 -5.74 -5.31
C LEU A 113 -5.66 -5.32 -5.33
N THR A 114 -6.18 -5.21 -6.54
CA THR A 114 -7.58 -4.95 -6.79
C THR A 114 -8.44 -6.07 -6.22
N ASP A 115 -8.04 -7.31 -6.46
CA ASP A 115 -8.77 -8.49 -6.00
C ASP A 115 -8.93 -8.47 -4.48
N LEU A 116 -7.88 -8.03 -3.79
CA LEU A 116 -7.90 -7.92 -2.34
C LEU A 116 -9.02 -7.00 -1.87
N GLN A 117 -9.14 -5.84 -2.50
CA GLN A 117 -10.20 -4.90 -2.14
C GLN A 117 -11.53 -5.31 -2.74
N ARG A 118 -11.50 -6.16 -3.76
CA ARG A 118 -12.72 -6.72 -4.35
C ARG A 118 -13.39 -7.67 -3.36
N GLN A 119 -12.61 -8.61 -2.83
CA GLN A 119 -13.13 -9.57 -1.86
C GLN A 119 -13.52 -8.85 -0.57
N ALA A 120 -12.79 -7.78 -0.26
CA ALA A 120 -13.02 -7.01 0.95
C ALA A 120 -14.26 -6.11 0.82
N ALA A 121 -14.96 -6.23 -0.30
CA ALA A 121 -16.16 -5.43 -0.53
C ALA A 121 -17.38 -6.12 0.07
N GLY A 122 -17.15 -7.09 0.93
CA GLY A 122 -18.25 -7.81 1.56
C GLY A 122 -18.88 -8.81 0.62
N ARG A 123 -18.06 -9.61 -0.03
CA ARG A 123 -18.55 -10.60 -0.97
C ARG A 123 -19.08 -11.83 -0.26
N ILE A 124 -20.23 -12.30 -0.72
CA ILE A 124 -20.86 -13.50 -0.17
C ILE A 124 -20.35 -14.72 -0.91
N GLU A 125 -20.65 -14.80 -2.19
CA GLU A 125 -20.27 -15.95 -2.99
C GLU A 125 -19.03 -15.65 -3.83
N SER A 126 -18.29 -16.69 -4.18
CA SER A 126 -17.06 -16.56 -4.96
C SER A 126 -16.01 -15.80 -4.15
N ILE A 127 -15.70 -16.34 -2.98
CA ILE A 127 -14.79 -15.70 -2.05
C ILE A 127 -13.62 -16.65 -1.70
N GLY A 1 14.73 11.48 1.11
CA GLY A 1 15.23 12.87 1.03
C GLY A 1 15.04 13.61 2.33
N SER A 2 15.36 14.89 2.33
CA SER A 2 15.25 15.70 3.54
C SER A 2 13.81 16.18 3.75
N SER A 3 12.96 15.27 4.18
CA SER A 3 11.57 15.59 4.45
C SER A 3 11.25 15.26 5.90
N GLY A 4 9.97 15.24 6.24
CA GLY A 4 9.56 14.92 7.59
C GLY A 4 9.90 13.49 7.97
N ASN A 5 10.14 13.26 9.26
CA ASN A 5 10.47 11.94 9.77
C ASN A 5 9.37 10.95 9.41
N PRO A 6 9.80 9.82 8.85
CA PRO A 6 8.90 8.78 8.33
C PRO A 6 8.09 8.12 9.44
N GLU A 7 8.58 8.24 10.65
CA GLU A 7 7.93 7.64 11.81
C GLU A 7 6.88 8.57 12.36
N ASP A 8 6.96 9.83 11.97
CA ASP A 8 6.03 10.85 12.44
C ASP A 8 4.76 10.85 11.60
N PHE A 9 4.77 10.08 10.51
CA PHE A 9 3.60 9.95 9.64
C PHE A 9 2.53 9.11 10.32
N LYS A 10 1.32 9.20 9.80
CA LYS A 10 0.22 8.37 10.26
C LYS A 10 0.36 7.00 9.63
N VAL A 11 0.90 6.98 8.43
CA VAL A 11 1.10 5.75 7.67
C VAL A 11 2.19 4.90 8.30
N PHE A 12 2.97 5.50 9.19
CA PHE A 12 4.07 4.79 9.83
C PHE A 12 3.56 3.53 10.54
N LYS A 13 2.60 3.71 11.43
CA LYS A 13 2.01 2.60 12.15
C LYS A 13 1.21 1.72 11.20
N TYR A 14 0.48 2.33 10.27
CA TYR A 14 -0.35 1.60 9.32
C TYR A 14 0.50 0.68 8.44
N MET A 15 1.59 1.19 7.91
CA MET A 15 2.46 0.40 7.06
C MET A 15 3.28 -0.59 7.88
N LYS A 16 3.53 -0.26 9.14
CA LYS A 16 4.20 -1.18 10.04
C LYS A 16 3.33 -2.38 10.33
N ILE A 17 2.04 -2.16 10.52
CA ILE A 17 1.11 -3.24 10.74
C ILE A 17 0.75 -3.92 9.42
N LEU A 18 0.91 -3.18 8.32
CA LEU A 18 0.76 -3.73 6.98
C LEU A 18 1.75 -4.89 6.82
N GLU A 19 3.01 -4.59 7.10
CA GLU A 19 4.09 -5.56 7.06
C GLU A 19 3.71 -6.87 7.73
N GLU A 20 3.15 -6.74 8.92
CA GLU A 20 2.74 -7.90 9.69
C GLU A 20 1.45 -8.51 9.14
N ALA A 21 0.39 -7.71 9.15
CA ALA A 21 -0.98 -8.19 8.93
C ALA A 21 -1.14 -8.94 7.61
N MET A 22 -0.42 -8.52 6.57
CA MET A 22 -0.51 -9.17 5.28
C MET A 22 -0.07 -10.64 5.36
N GLU A 23 1.01 -10.90 6.09
CA GLU A 23 1.49 -12.27 6.23
C GLU A 23 0.89 -12.93 7.48
N ASN A 24 0.54 -12.10 8.46
CA ASN A 24 0.01 -12.57 9.74
C ASN A 24 -1.37 -13.20 9.54
N ASP A 25 -2.07 -12.74 8.51
CA ASP A 25 -3.33 -13.36 8.14
C ASP A 25 -3.09 -14.82 7.79
N THR A 26 -4.02 -15.67 8.19
CA THR A 26 -3.88 -17.12 8.06
C THR A 26 -3.80 -17.56 6.59
N GLU A 27 -4.15 -16.67 5.68
CA GLU A 27 -4.06 -16.95 4.27
C GLU A 27 -2.77 -16.41 3.66
N ASN A 28 -2.02 -15.62 4.43
CA ASN A 28 -0.75 -15.01 3.98
C ASN A 28 -0.84 -14.65 2.50
N LEU A 29 -1.70 -13.68 2.24
CA LEU A 29 -2.08 -13.30 0.88
C LEU A 29 -0.90 -12.77 0.08
N ILE A 30 0.20 -12.50 0.77
CA ILE A 30 1.37 -11.89 0.14
C ILE A 30 1.97 -12.83 -0.92
N GLU A 31 1.82 -14.14 -0.69
CA GLU A 31 2.39 -15.14 -1.58
C GLU A 31 1.64 -15.21 -2.90
N LYS A 32 0.36 -14.87 -2.86
CA LYS A 32 -0.48 -14.91 -4.05
C LYS A 32 -0.19 -13.73 -4.96
N VAL A 33 0.39 -12.70 -4.39
CA VAL A 33 0.62 -11.45 -5.10
C VAL A 33 2.08 -11.00 -4.94
N ARG A 34 2.98 -11.96 -4.83
CA ARG A 34 4.41 -11.66 -4.69
C ARG A 34 4.86 -10.60 -5.68
N GLY A 35 5.29 -9.48 -5.12
CA GLY A 35 5.67 -8.33 -5.92
C GLY A 35 6.12 -7.19 -5.03
N ILE A 36 6.79 -6.21 -5.60
CA ILE A 36 7.25 -5.07 -4.82
C ILE A 36 6.29 -3.91 -4.93
N TYR A 37 5.87 -3.38 -3.79
CA TYR A 37 4.92 -2.28 -3.76
C TYR A 37 5.63 -1.01 -3.31
N GLY A 38 5.58 0.02 -4.13
CA GLY A 38 6.19 1.27 -3.76
C GLY A 38 5.16 2.25 -3.27
N PHE A 39 5.24 2.64 -2.01
CA PHE A 39 4.29 3.56 -1.43
C PHE A 39 4.86 4.97 -1.34
N LYS A 40 4.38 5.84 -2.21
CA LYS A 40 4.76 7.24 -2.20
C LYS A 40 3.72 8.05 -1.45
N VAL A 41 4.00 8.36 -0.20
CA VAL A 41 3.02 9.04 0.64
C VAL A 41 3.38 10.52 0.77
N ARG A 42 2.42 11.37 0.44
CA ARG A 42 2.64 12.81 0.48
C ARG A 42 1.74 13.45 1.53
N ASN A 43 1.86 14.76 1.70
CA ASN A 43 1.02 15.53 2.63
C ASN A 43 1.15 15.00 4.06
N GLY A 44 2.38 14.75 4.48
CA GLY A 44 2.63 14.29 5.82
C GLY A 44 2.60 15.40 6.85
N PRO A 45 3.30 15.21 7.99
CA PRO A 45 3.32 16.15 9.13
C PRO A 45 3.27 17.62 8.72
N ASN A 46 4.27 18.06 7.96
CA ASN A 46 4.31 19.43 7.46
C ASN A 46 4.52 19.41 5.96
N GLY A 47 3.59 18.82 5.25
CA GLY A 47 3.74 18.68 3.80
C GLY A 47 4.87 17.75 3.47
N ALA A 48 5.12 16.80 4.36
CA ALA A 48 6.21 15.87 4.21
C ALA A 48 5.87 14.79 3.20
N GLU A 49 6.90 14.23 2.61
CA GLU A 49 6.75 13.23 1.58
C GLU A 49 7.66 12.06 1.85
N GLY A 50 7.05 10.95 2.20
CA GLY A 50 7.78 9.75 2.53
C GLY A 50 7.62 8.69 1.48
N TYR A 51 8.50 7.71 1.49
CA TYR A 51 8.47 6.66 0.50
C TYR A 51 8.96 5.34 1.10
N TRP A 52 8.07 4.36 1.14
CA TRP A 52 8.41 3.06 1.68
C TRP A 52 8.20 2.01 0.61
N VAL A 53 9.10 1.05 0.58
CA VAL A 53 9.05 -0.04 -0.37
C VAL A 53 8.65 -1.33 0.33
N ILE A 54 7.53 -1.89 -0.07
CA ILE A 54 7.07 -3.15 0.46
C ILE A 54 7.57 -4.27 -0.45
N ASN A 55 8.65 -4.92 -0.05
CA ASN A 55 9.26 -5.95 -0.87
C ASN A 55 8.63 -7.30 -0.60
N ALA A 56 7.72 -7.70 -1.48
CA ALA A 56 7.11 -9.00 -1.40
C ALA A 56 7.53 -9.86 -2.60
N LYS A 57 8.56 -9.40 -3.30
CA LYS A 57 9.07 -10.12 -4.46
C LYS A 57 9.64 -11.47 -4.05
N GLU A 58 10.41 -11.46 -2.98
CA GLU A 58 10.99 -12.68 -2.42
C GLU A 58 9.96 -13.40 -1.54
N GLY A 59 8.79 -12.80 -1.42
CA GLY A 59 7.73 -13.39 -0.63
C GLY A 59 7.84 -13.01 0.83
N LYS A 60 8.44 -11.86 1.09
CA LYS A 60 8.63 -11.40 2.46
C LYS A 60 7.49 -10.49 2.88
N GLY A 61 7.33 -9.36 2.20
CA GLY A 61 6.30 -8.42 2.58
C GLY A 61 6.78 -7.40 3.59
N LYS A 62 8.05 -7.02 3.47
CA LYS A 62 8.66 -6.08 4.40
C LYS A 62 8.64 -4.68 3.80
N VAL A 63 8.50 -3.67 4.64
CA VAL A 63 8.51 -2.30 4.15
C VAL A 63 9.78 -1.58 4.62
N THR A 64 10.43 -0.93 3.69
CA THR A 64 11.68 -0.23 3.97
C THR A 64 11.70 1.11 3.26
N TYR A 65 12.20 2.14 3.95
CA TYR A 65 12.23 3.48 3.38
C TYR A 65 13.16 3.51 2.16
N ASN A 66 12.64 4.01 1.04
CA ASN A 66 13.37 4.10 -0.23
C ASN A 66 13.47 2.73 -0.92
N GLY A 67 13.83 1.71 -0.14
CA GLY A 67 13.93 0.35 -0.63
C GLY A 67 15.10 0.08 -1.56
N GLY A 68 15.35 0.99 -2.50
CA GLY A 68 16.38 0.78 -3.49
C GLY A 68 15.92 -0.14 -4.61
N GLU A 69 14.87 -0.89 -4.34
CA GLU A 69 14.29 -1.81 -5.31
C GLU A 69 13.36 -1.07 -6.25
N LYS A 70 13.13 -1.64 -7.41
CA LYS A 70 12.17 -1.09 -8.36
C LYS A 70 10.82 -1.78 -8.19
N PRO A 71 9.84 -1.05 -7.66
CA PRO A 71 8.51 -1.60 -7.37
C PRO A 71 7.77 -2.01 -8.62
N ASP A 72 7.12 -3.17 -8.55
CA ASP A 72 6.29 -3.68 -9.63
C ASP A 72 5.06 -2.80 -9.78
N VAL A 73 4.60 -2.27 -8.66
CA VAL A 73 3.53 -1.29 -8.64
C VAL A 73 3.81 -0.20 -7.61
N THR A 74 3.70 1.05 -8.03
CA THR A 74 3.88 2.17 -7.12
C THR A 74 2.57 2.94 -6.97
N PHE A 75 2.23 3.26 -5.72
CA PHE A 75 1.02 4.01 -5.42
C PHE A 75 1.39 5.33 -4.75
N THR A 76 0.87 6.42 -5.26
CA THR A 76 1.07 7.72 -4.64
C THR A 76 -0.22 8.17 -3.97
N ILE A 77 -0.13 8.54 -2.70
CA ILE A 77 -1.29 8.89 -1.90
C ILE A 77 -0.88 9.74 -0.71
N SER A 78 -1.78 10.61 -0.29
CA SER A 78 -1.55 11.47 0.85
C SER A 78 -1.74 10.71 2.16
N ASP A 79 -0.90 11.07 3.14
CA ASP A 79 -0.95 10.53 4.51
C ASP A 79 -2.37 10.60 5.07
N GLU A 80 -3.11 11.58 4.58
CA GLU A 80 -4.46 11.86 5.04
C GLU A 80 -5.44 10.81 4.54
N ASP A 81 -5.32 10.47 3.25
CA ASP A 81 -6.25 9.53 2.62
C ASP A 81 -5.88 8.09 2.93
N VAL A 82 -4.60 7.87 3.21
CA VAL A 82 -4.08 6.52 3.42
C VAL A 82 -4.84 5.81 4.53
N VAL A 83 -5.27 6.56 5.54
CA VAL A 83 -5.83 5.97 6.75
C VAL A 83 -7.16 5.30 6.46
N ASP A 84 -7.87 5.80 5.45
CA ASP A 84 -9.13 5.23 5.06
C ASP A 84 -8.89 4.11 4.06
N LEU A 85 -7.81 4.24 3.30
CA LEU A 85 -7.45 3.23 2.30
C LEU A 85 -7.02 1.94 2.97
N ILE A 86 -6.17 2.07 3.98
CA ILE A 86 -5.61 0.92 4.66
C ILE A 86 -6.63 0.26 5.59
N SER A 87 -7.61 1.05 6.03
CA SER A 87 -8.66 0.53 6.89
C SER A 87 -9.79 -0.09 6.07
N GLY A 88 -9.83 0.24 4.80
CA GLY A 88 -10.86 -0.28 3.92
C GLY A 88 -12.09 0.61 3.87
N LYS A 89 -11.93 1.82 4.38
CA LYS A 89 -13.01 2.80 4.42
C LYS A 89 -13.10 3.58 3.12
N LEU A 90 -11.95 3.95 2.58
CA LEU A 90 -11.90 4.70 1.34
C LEU A 90 -11.60 3.77 0.18
N ASN A 91 -12.47 3.81 -0.83
CA ASN A 91 -12.27 3.01 -2.02
C ASN A 91 -11.13 3.57 -2.86
N PRO A 92 -10.11 2.74 -3.13
CA PRO A 92 -9.00 3.13 -3.98
C PRO A 92 -9.48 3.39 -5.40
N GLN A 93 -10.61 2.77 -5.73
CA GLN A 93 -11.30 3.04 -6.98
C GLN A 93 -11.60 4.54 -7.11
N LYS A 94 -12.40 5.05 -6.19
CA LYS A 94 -12.84 6.43 -6.24
C LYS A 94 -11.64 7.36 -6.09
N ALA A 95 -10.68 6.97 -5.27
CA ALA A 95 -9.51 7.79 -5.04
C ALA A 95 -8.64 7.83 -6.29
N PHE A 96 -8.62 6.73 -7.02
CA PHE A 96 -7.91 6.66 -8.29
C PHE A 96 -8.56 7.62 -9.29
N PHE A 97 -9.87 7.51 -9.39
CA PHE A 97 -10.65 8.35 -10.29
C PHE A 97 -10.47 9.83 -9.97
N GLN A 98 -10.44 10.13 -8.67
CA GLN A 98 -10.34 11.51 -8.20
C GLN A 98 -8.90 11.99 -8.15
N GLY A 99 -8.00 11.25 -8.78
CA GLY A 99 -6.63 11.68 -8.95
C GLY A 99 -5.82 11.69 -7.65
N LYS A 100 -6.33 11.04 -6.63
CA LYS A 100 -5.61 10.96 -5.36
C LYS A 100 -4.68 9.76 -5.37
N ILE A 101 -5.18 8.65 -5.88
CA ILE A 101 -4.39 7.45 -6.02
C ILE A 101 -3.70 7.44 -7.39
N LYS A 102 -2.38 7.53 -7.35
CA LYS A 102 -1.59 7.46 -8.57
C LYS A 102 -0.80 6.15 -8.58
N ILE A 103 -1.31 5.16 -9.30
CA ILE A 103 -0.65 3.88 -9.40
C ILE A 103 -0.20 3.63 -10.84
N GLN A 104 1.01 3.13 -10.98
CA GLN A 104 1.63 2.93 -12.28
C GLN A 104 2.50 1.69 -12.21
N GLY A 105 1.89 0.55 -12.45
CA GLY A 105 2.56 -0.70 -12.22
C GLY A 105 1.93 -1.85 -12.95
N ASN A 106 2.60 -2.99 -12.91
CA ASN A 106 2.12 -4.22 -13.54
C ASN A 106 0.70 -4.52 -13.08
N MET A 107 -0.26 -4.34 -13.98
CA MET A 107 -1.67 -4.49 -13.65
C MET A 107 -2.01 -5.94 -13.32
N GLY A 108 -1.28 -6.87 -13.91
CA GLY A 108 -1.54 -8.28 -13.65
C GLY A 108 -1.17 -8.66 -12.24
N LEU A 109 -0.31 -7.84 -11.66
CA LEU A 109 0.15 -8.03 -10.30
C LEU A 109 -0.80 -7.33 -9.33
N ALA A 110 -1.24 -6.13 -9.72
CA ALA A 110 -2.15 -5.36 -8.90
C ALA A 110 -3.57 -5.92 -8.98
N MET A 111 -3.83 -6.76 -9.97
CA MET A 111 -5.12 -7.44 -10.09
C MET A 111 -5.36 -8.38 -8.93
N LYS A 112 -4.29 -8.79 -8.25
CA LYS A 112 -4.45 -9.58 -7.05
C LYS A 112 -4.66 -8.67 -5.85
N LEU A 113 -4.05 -7.49 -5.90
CA LEU A 113 -4.23 -6.49 -4.85
C LEU A 113 -5.69 -6.06 -4.78
N THR A 114 -6.30 -5.90 -5.94
CA THR A 114 -7.68 -5.48 -6.02
C THR A 114 -8.63 -6.60 -5.61
N ASP A 115 -8.09 -7.81 -5.54
CA ASP A 115 -8.85 -8.94 -5.02
C ASP A 115 -8.67 -9.01 -3.50
N LEU A 116 -7.42 -8.88 -3.08
CA LEU A 116 -7.05 -8.97 -1.67
C LEU A 116 -7.80 -7.96 -0.80
N GLN A 117 -8.06 -6.79 -1.36
CA GLN A 117 -8.72 -5.71 -0.63
C GLN A 117 -10.09 -6.11 -0.11
N ARG A 118 -10.69 -7.13 -0.74
CA ARG A 118 -11.98 -7.65 -0.30
C ARG A 118 -11.83 -8.31 1.07
N GLN A 119 -10.77 -9.10 1.22
CA GLN A 119 -10.49 -9.79 2.46
C GLN A 119 -9.77 -8.85 3.43
N ALA A 120 -8.97 -7.94 2.87
CA ALA A 120 -8.21 -6.98 3.67
C ALA A 120 -9.09 -5.82 4.12
N ALA A 121 -10.40 -6.03 4.08
CA ALA A 121 -11.34 -5.02 4.53
C ALA A 121 -11.61 -5.15 6.02
N GLY A 122 -11.01 -6.18 6.62
CA GLY A 122 -11.14 -6.39 8.06
C GLY A 122 -12.55 -6.72 8.48
N ARG A 123 -13.29 -7.37 7.57
CA ARG A 123 -14.69 -7.73 7.80
C ARG A 123 -15.51 -6.51 8.19
N ILE A 124 -16.04 -5.81 7.21
CA ILE A 124 -16.87 -4.64 7.45
C ILE A 124 -18.20 -4.77 6.74
N GLU A 125 -18.16 -5.16 5.48
CA GLU A 125 -19.34 -5.30 4.67
C GLU A 125 -19.72 -6.77 4.54
N SER A 126 -21.01 -7.06 4.53
CA SER A 126 -21.50 -8.41 4.38
C SER A 126 -21.61 -8.77 2.90
N ILE A 127 -20.48 -8.83 2.23
CA ILE A 127 -20.43 -9.13 0.81
C ILE A 127 -20.62 -10.63 0.56
N GLY A 1 14.98 14.25 6.89
CA GLY A 1 15.83 13.88 5.74
C GLY A 1 15.58 14.77 4.55
N SER A 2 15.21 14.18 3.43
CA SER A 2 14.83 14.95 2.25
C SER A 2 13.46 15.58 2.49
N SER A 3 12.78 15.08 3.51
CA SER A 3 11.51 15.62 3.95
C SER A 3 11.34 15.39 5.45
N GLY A 4 10.13 15.63 5.96
CA GLY A 4 9.86 15.41 7.37
C GLY A 4 10.03 13.97 7.81
N ASN A 5 9.98 13.75 9.11
CA ASN A 5 10.20 12.43 9.68
C ASN A 5 9.13 11.44 9.25
N PRO A 6 9.58 10.26 8.82
CA PRO A 6 8.72 9.16 8.37
C PRO A 6 7.80 8.67 9.47
N GLU A 7 8.33 8.65 10.68
CA GLU A 7 7.59 8.23 11.86
C GLU A 7 6.37 9.13 12.11
N ASP A 8 6.49 10.40 11.73
CA ASP A 8 5.44 11.38 12.01
C ASP A 8 4.24 11.17 11.08
N PHE A 9 4.40 10.30 10.09
CA PHE A 9 3.31 9.95 9.20
C PHE A 9 2.42 8.91 9.86
N LYS A 10 1.15 8.89 9.45
CA LYS A 10 0.20 7.91 9.97
C LYS A 10 0.55 6.54 9.42
N VAL A 11 1.13 6.56 8.23
CA VAL A 11 1.44 5.36 7.48
C VAL A 11 2.54 4.57 8.18
N PHE A 12 3.28 5.21 9.06
CA PHE A 12 4.37 4.56 9.78
C PHE A 12 3.88 3.31 10.48
N LYS A 13 2.85 3.46 11.31
CA LYS A 13 2.25 2.33 12.00
C LYS A 13 1.45 1.48 11.02
N TYR A 14 0.69 2.13 10.16
CA TYR A 14 -0.21 1.43 9.24
C TYR A 14 0.55 0.48 8.32
N MET A 15 1.65 0.96 7.74
CA MET A 15 2.42 0.14 6.83
C MET A 15 3.28 -0.86 7.59
N LYS A 16 3.60 -0.56 8.84
CA LYS A 16 4.36 -1.46 9.68
C LYS A 16 3.50 -2.61 10.17
N ILE A 17 2.22 -2.36 10.37
CA ILE A 17 1.29 -3.43 10.71
C ILE A 17 0.84 -4.13 9.43
N LEU A 18 0.85 -3.39 8.32
CA LEU A 18 0.69 -3.99 6.99
C LEU A 18 1.72 -5.09 6.83
N GLU A 19 2.96 -4.70 7.10
CA GLU A 19 4.11 -5.59 7.06
C GLU A 19 3.79 -6.93 7.72
N GLU A 20 3.40 -6.87 8.98
CA GLU A 20 3.06 -8.07 9.72
C GLU A 20 1.79 -8.73 9.19
N ALA A 21 0.72 -7.94 9.11
CA ALA A 21 -0.62 -8.46 8.83
C ALA A 21 -0.68 -9.29 7.55
N MET A 22 0.05 -8.88 6.52
CA MET A 22 0.07 -9.60 5.25
C MET A 22 0.63 -11.02 5.41
N GLU A 23 1.63 -11.17 6.26
CA GLU A 23 2.22 -12.48 6.53
C GLU A 23 1.50 -13.14 7.70
N ASN A 24 0.83 -12.33 8.50
CA ASN A 24 0.10 -12.79 9.67
C ASN A 24 -1.13 -13.60 9.24
N ASP A 25 -1.63 -13.31 8.04
CA ASP A 25 -2.73 -14.08 7.48
C ASP A 25 -2.34 -15.56 7.40
N THR A 26 -3.24 -16.41 7.85
CA THR A 26 -3.00 -17.83 7.96
C THR A 26 -2.52 -18.45 6.64
N GLU A 27 -2.95 -17.88 5.52
CA GLU A 27 -2.53 -18.38 4.20
C GLU A 27 -1.44 -17.51 3.59
N ASN A 28 -1.11 -16.40 4.26
CA ASN A 28 -0.08 -15.45 3.81
C ASN A 28 -0.09 -15.31 2.29
N LEU A 29 -1.12 -14.62 1.80
CA LEU A 29 -1.35 -14.48 0.35
C LEU A 29 -0.23 -13.71 -0.33
N ILE A 30 0.75 -13.28 0.45
CA ILE A 30 1.89 -12.53 -0.07
C ILE A 30 2.66 -13.36 -1.10
N GLU A 31 2.56 -14.69 -0.98
CA GLU A 31 3.30 -15.58 -1.87
C GLU A 31 2.60 -15.72 -3.21
N LYS A 32 1.32 -15.35 -3.25
CA LYS A 32 0.56 -15.38 -4.49
C LYS A 32 0.76 -14.08 -5.26
N VAL A 33 0.86 -12.99 -4.52
CA VAL A 33 1.01 -11.67 -5.10
C VAL A 33 2.45 -11.17 -4.95
N ARG A 34 3.40 -12.11 -5.00
CA ARG A 34 4.81 -11.78 -4.87
C ARG A 34 5.22 -10.71 -5.86
N GLY A 35 5.49 -9.54 -5.31
CA GLY A 35 5.81 -8.37 -6.10
C GLY A 35 6.24 -7.23 -5.22
N ILE A 36 6.66 -6.13 -5.81
CA ILE A 36 7.14 -5.02 -5.02
C ILE A 36 6.21 -3.82 -5.12
N TYR A 37 5.79 -3.31 -3.97
CA TYR A 37 4.87 -2.19 -3.93
C TYR A 37 5.60 -0.96 -3.42
N GLY A 38 5.48 0.13 -4.14
CA GLY A 38 6.10 1.37 -3.71
C GLY A 38 5.04 2.36 -3.25
N PHE A 39 5.11 2.74 -1.98
CA PHE A 39 4.15 3.71 -1.45
C PHE A 39 4.76 5.08 -1.34
N LYS A 40 4.39 5.94 -2.28
CA LYS A 40 4.80 7.33 -2.25
C LYS A 40 3.76 8.14 -1.47
N VAL A 41 4.06 8.42 -0.21
CA VAL A 41 3.13 9.11 0.65
C VAL A 41 3.51 10.57 0.78
N ARG A 42 2.65 11.46 0.33
CA ARG A 42 2.95 12.88 0.32
C ARG A 42 1.96 13.64 1.21
N ASN A 43 2.13 14.95 1.29
CA ASN A 43 1.25 15.82 2.09
C ASN A 43 1.27 15.39 3.55
N GLY A 44 2.47 15.19 4.07
CA GLY A 44 2.63 14.81 5.46
C GLY A 44 2.48 15.99 6.40
N PRO A 45 3.02 15.87 7.64
CA PRO A 45 2.88 16.86 8.71
C PRO A 45 2.90 18.31 8.22
N ASN A 46 4.02 18.71 7.61
CA ASN A 46 4.14 20.06 7.07
C ASN A 46 4.65 20.00 5.64
N GLY A 47 3.81 19.49 4.75
CA GLY A 47 4.20 19.35 3.35
C GLY A 47 5.29 18.32 3.19
N ALA A 48 5.39 17.42 4.15
CA ALA A 48 6.42 16.40 4.17
C ALA A 48 6.07 15.26 3.23
N GLU A 49 7.06 14.42 2.98
CA GLU A 49 6.92 13.31 2.05
C GLU A 49 7.66 12.09 2.55
N GLY A 50 7.09 10.94 2.30
CA GLY A 50 7.71 9.69 2.70
C GLY A 50 7.61 8.67 1.60
N TYR A 51 8.45 7.65 1.65
CA TYR A 51 8.45 6.62 0.63
C TYR A 51 8.86 5.28 1.22
N TRP A 52 7.92 4.35 1.27
CA TRP A 52 8.18 3.02 1.81
C TRP A 52 7.98 1.98 0.72
N VAL A 53 8.92 1.06 0.65
CA VAL A 53 8.89 -0.01 -0.33
C VAL A 53 8.47 -1.32 0.32
N ILE A 54 7.36 -1.88 -0.14
CA ILE A 54 6.89 -3.15 0.35
C ILE A 54 7.38 -4.27 -0.55
N ASN A 55 8.43 -4.96 -0.12
CA ASN A 55 9.00 -6.04 -0.91
C ASN A 55 8.27 -7.34 -0.60
N ALA A 56 7.31 -7.68 -1.46
CA ALA A 56 6.62 -8.95 -1.40
C ALA A 56 7.24 -9.91 -2.39
N LYS A 57 8.16 -9.37 -3.20
CA LYS A 57 8.88 -10.13 -4.22
C LYS A 57 9.57 -11.34 -3.60
N GLU A 58 10.29 -11.10 -2.52
CA GLU A 58 11.03 -12.14 -1.83
C GLU A 58 10.11 -12.96 -0.93
N GLY A 59 8.83 -12.64 -0.98
CA GLY A 59 7.84 -13.35 -0.16
C GLY A 59 7.81 -12.82 1.26
N LYS A 60 8.46 -11.69 1.47
CA LYS A 60 8.54 -11.10 2.79
C LYS A 60 7.30 -10.26 3.09
N GLY A 61 7.06 -9.26 2.27
CA GLY A 61 5.98 -8.33 2.56
C GLY A 61 6.42 -7.28 3.54
N LYS A 62 7.69 -6.90 3.43
CA LYS A 62 8.29 -5.97 4.36
C LYS A 62 8.31 -4.57 3.77
N VAL A 63 8.14 -3.55 4.58
CA VAL A 63 8.16 -2.18 4.08
C VAL A 63 9.41 -1.47 4.60
N THR A 64 10.10 -0.79 3.71
CA THR A 64 11.34 -0.12 4.04
C THR A 64 11.42 1.25 3.36
N TYR A 65 11.85 2.25 4.12
CA TYR A 65 11.95 3.61 3.60
C TYR A 65 13.09 3.69 2.60
N ASN A 66 12.76 4.10 1.38
CA ASN A 66 13.71 4.09 0.26
C ASN A 66 14.32 2.70 0.10
N GLY A 67 13.49 1.78 -0.37
CA GLY A 67 13.87 0.38 -0.42
C GLY A 67 15.05 0.10 -1.32
N GLY A 68 15.16 0.85 -2.41
CA GLY A 68 16.21 0.59 -3.38
C GLY A 68 15.80 -0.46 -4.39
N GLU A 69 14.61 -1.00 -4.19
CA GLU A 69 14.07 -2.01 -5.08
C GLU A 69 13.24 -1.35 -6.17
N LYS A 70 12.96 -2.09 -7.23
CA LYS A 70 12.07 -1.60 -8.26
C LYS A 70 10.65 -2.10 -8.01
N PRO A 71 9.75 -1.20 -7.58
CA PRO A 71 8.36 -1.53 -7.32
C PRO A 71 7.57 -1.75 -8.61
N ASP A 72 7.01 -2.94 -8.73
CA ASP A 72 6.15 -3.27 -9.87
C ASP A 72 4.96 -2.33 -9.91
N VAL A 73 4.38 -2.06 -8.75
CA VAL A 73 3.29 -1.12 -8.64
C VAL A 73 3.60 -0.08 -7.57
N THR A 74 3.48 1.19 -7.95
CA THR A 74 3.72 2.29 -7.03
C THR A 74 2.44 3.11 -6.85
N PHE A 75 2.07 3.35 -5.60
CA PHE A 75 0.87 4.12 -5.29
C PHE A 75 1.26 5.46 -4.69
N THR A 76 0.69 6.53 -5.22
CA THR A 76 0.96 7.87 -4.71
C THR A 76 -0.26 8.41 -3.97
N ILE A 77 -0.15 8.46 -2.65
CA ILE A 77 -1.26 8.83 -1.77
C ILE A 77 -0.78 9.88 -0.78
N SER A 78 -1.72 10.65 -0.24
CA SER A 78 -1.41 11.61 0.79
C SER A 78 -1.62 10.99 2.16
N ASP A 79 -0.72 11.31 3.10
CA ASP A 79 -0.75 10.74 4.46
C ASP A 79 -2.16 10.70 5.02
N GLU A 80 -2.82 11.85 4.95
CA GLU A 80 -4.15 12.05 5.50
C GLU A 80 -5.17 11.06 4.92
N ASP A 81 -5.03 10.72 3.65
CA ASP A 81 -5.99 9.86 2.98
C ASP A 81 -5.62 8.40 3.11
N VAL A 82 -4.33 8.12 3.35
CA VAL A 82 -3.83 6.76 3.44
C VAL A 82 -4.54 6.02 4.57
N VAL A 83 -4.91 6.76 5.60
CA VAL A 83 -5.45 6.16 6.82
C VAL A 83 -6.80 5.51 6.56
N ASP A 84 -7.56 6.06 5.61
CA ASP A 84 -8.84 5.50 5.27
C ASP A 84 -8.64 4.35 4.29
N LEU A 85 -7.62 4.48 3.46
CA LEU A 85 -7.32 3.44 2.47
C LEU A 85 -6.87 2.16 3.16
N ILE A 86 -5.91 2.30 4.06
CA ILE A 86 -5.34 1.15 4.75
C ILE A 86 -6.33 0.56 5.75
N SER A 87 -7.24 1.39 6.24
CA SER A 87 -8.23 0.94 7.20
C SER A 87 -9.41 0.25 6.50
N GLY A 88 -9.51 0.45 5.19
CA GLY A 88 -10.60 -0.15 4.43
C GLY A 88 -11.83 0.74 4.40
N LYS A 89 -11.61 2.01 4.67
CA LYS A 89 -12.68 3.00 4.73
C LYS A 89 -12.81 3.74 3.41
N LEU A 90 -11.67 4.09 2.83
CA LEU A 90 -11.65 4.80 1.56
C LEU A 90 -11.35 3.85 0.42
N ASN A 91 -12.24 3.84 -0.57
CA ASN A 91 -12.07 3.01 -1.76
C ASN A 91 -10.92 3.52 -2.61
N PRO A 92 -9.91 2.68 -2.87
CA PRO A 92 -8.77 3.05 -3.69
C PRO A 92 -9.21 3.32 -5.12
N GLN A 93 -10.35 2.77 -5.49
CA GLN A 93 -10.95 3.00 -6.79
C GLN A 93 -11.38 4.46 -6.92
N LYS A 94 -12.22 4.91 -6.00
CA LYS A 94 -12.69 6.30 -6.03
C LYS A 94 -11.51 7.23 -5.79
N ALA A 95 -10.55 6.78 -4.99
CA ALA A 95 -9.36 7.56 -4.74
C ALA A 95 -8.53 7.69 -6.01
N PHE A 96 -8.47 6.60 -6.77
CA PHE A 96 -7.80 6.59 -8.05
C PHE A 96 -8.41 7.65 -8.97
N PHE A 97 -9.73 7.58 -9.10
CA PHE A 97 -10.47 8.50 -9.96
C PHE A 97 -10.30 9.95 -9.52
N GLN A 98 -10.36 10.17 -8.22
CA GLN A 98 -10.31 11.52 -7.67
C GLN A 98 -8.89 12.09 -7.69
N GLY A 99 -7.90 11.25 -7.97
CA GLY A 99 -6.53 11.72 -8.09
C GLY A 99 -5.72 11.50 -6.83
N LYS A 100 -6.32 10.79 -5.88
CA LYS A 100 -5.67 10.51 -4.60
C LYS A 100 -4.81 9.26 -4.70
N ILE A 101 -5.02 8.49 -5.76
CA ILE A 101 -4.27 7.29 -5.98
C ILE A 101 -3.70 7.27 -7.41
N LYS A 102 -2.39 7.43 -7.48
CA LYS A 102 -1.65 7.30 -8.71
C LYS A 102 -0.83 6.02 -8.64
N ILE A 103 -1.21 5.05 -9.45
CA ILE A 103 -0.62 3.72 -9.36
C ILE A 103 -0.06 3.26 -10.71
N GLN A 104 1.18 2.79 -10.67
CA GLN A 104 1.88 2.32 -11.86
C GLN A 104 1.23 1.04 -12.40
N GLY A 105 0.78 1.11 -13.65
CA GLY A 105 -0.06 0.06 -14.20
C GLY A 105 0.68 -1.24 -14.47
N ASN A 106 0.69 -2.11 -13.47
CA ASN A 106 1.07 -3.51 -13.66
C ASN A 106 -0.14 -4.37 -13.34
N MET A 107 -0.94 -4.62 -14.38
CA MET A 107 -2.25 -5.22 -14.22
C MET A 107 -2.19 -6.60 -13.57
N GLY A 108 -1.28 -7.44 -14.06
CA GLY A 108 -1.27 -8.82 -13.63
C GLY A 108 -0.90 -8.97 -12.17
N LEU A 109 -0.16 -8.01 -11.68
CA LEU A 109 0.33 -8.05 -10.32
C LEU A 109 -0.66 -7.38 -9.37
N ALA A 110 -1.23 -6.26 -9.82
CA ALA A 110 -2.15 -5.52 -8.98
C ALA A 110 -3.54 -6.17 -8.96
N MET A 111 -3.78 -7.09 -9.89
CA MET A 111 -5.01 -7.89 -9.88
C MET A 111 -5.11 -8.68 -8.59
N LYS A 112 -3.98 -9.14 -8.09
CA LYS A 112 -3.95 -9.90 -6.86
C LYS A 112 -4.12 -8.96 -5.65
N LEU A 113 -3.91 -7.67 -5.88
CA LEU A 113 -4.12 -6.68 -4.84
C LEU A 113 -5.59 -6.35 -4.72
N THR A 114 -6.27 -6.23 -5.86
CA THR A 114 -7.70 -5.98 -5.86
C THR A 114 -8.45 -7.28 -5.50
N ASP A 115 -7.74 -8.40 -5.61
CA ASP A 115 -8.23 -9.68 -5.13
C ASP A 115 -8.39 -9.65 -3.62
N LEU A 116 -7.41 -9.04 -2.97
CA LEU A 116 -7.40 -8.90 -1.52
C LEU A 116 -8.63 -8.12 -1.05
N GLN A 117 -8.93 -7.00 -1.72
CA GLN A 117 -10.03 -6.14 -1.29
C GLN A 117 -11.38 -6.82 -1.45
N ARG A 118 -11.46 -7.81 -2.35
CA ARG A 118 -12.67 -8.59 -2.52
C ARG A 118 -12.94 -9.40 -1.27
N GLN A 119 -11.90 -10.06 -0.78
CA GLN A 119 -11.98 -10.85 0.44
C GLN A 119 -12.17 -9.93 1.66
N ALA A 120 -11.56 -8.75 1.58
CA ALA A 120 -11.66 -7.76 2.66
C ALA A 120 -13.09 -7.25 2.81
N ALA A 121 -13.79 -7.13 1.69
CA ALA A 121 -15.17 -6.67 1.70
C ALA A 121 -16.10 -7.78 2.20
N GLY A 122 -15.73 -9.02 1.90
CA GLY A 122 -16.51 -10.15 2.35
C GLY A 122 -17.37 -10.72 1.24
N ARG A 123 -17.62 -9.92 0.21
CA ARG A 123 -18.42 -10.36 -0.90
C ARG A 123 -17.56 -11.09 -1.93
N ILE A 124 -17.42 -12.38 -1.71
CA ILE A 124 -16.67 -13.23 -2.64
C ILE A 124 -17.63 -14.23 -3.28
N GLU A 125 -18.69 -14.55 -2.55
CA GLU A 125 -19.61 -15.59 -2.93
C GLU A 125 -20.86 -15.01 -3.57
N SER A 126 -21.68 -15.87 -4.14
CA SER A 126 -22.88 -15.44 -4.83
C SER A 126 -24.13 -15.93 -4.10
N ILE A 127 -24.66 -15.10 -3.22
CA ILE A 127 -25.88 -15.42 -2.51
C ILE A 127 -27.08 -14.81 -3.24
N GLY A 1 12.71 16.46 -1.14
CA GLY A 1 12.92 17.76 -0.46
C GLY A 1 13.06 17.59 1.04
N SER A 2 12.98 18.71 1.76
CA SER A 2 13.11 18.70 3.21
C SER A 2 11.84 18.19 3.86
N SER A 3 11.70 16.88 3.90
CA SER A 3 10.53 16.25 4.47
C SER A 3 10.79 15.81 5.91
N GLY A 4 9.79 16.03 6.77
CA GLY A 4 9.89 15.61 8.15
C GLY A 4 10.02 14.10 8.28
N ASN A 5 10.50 13.66 9.45
CA ASN A 5 10.75 12.26 9.71
C ASN A 5 9.53 11.40 9.47
N PRO A 6 9.77 10.27 8.81
CA PRO A 6 8.72 9.30 8.41
C PRO A 6 8.02 8.67 9.61
N GLU A 7 8.60 8.83 10.78
CA GLU A 7 8.08 8.25 12.00
C GLU A 7 6.87 9.05 12.48
N ASP A 8 6.78 10.29 12.01
CA ASP A 8 5.71 11.19 12.44
C ASP A 8 4.47 11.04 11.56
N PHE A 9 4.62 10.32 10.46
CA PHE A 9 3.51 10.06 9.55
C PHE A 9 2.48 9.14 10.19
N LYS A 10 1.27 9.18 9.67
CA LYS A 10 0.22 8.27 10.10
C LYS A 10 0.45 6.90 9.50
N VAL A 11 1.10 6.91 8.35
CA VAL A 11 1.39 5.69 7.62
C VAL A 11 2.46 4.89 8.34
N PHE A 12 3.14 5.52 9.29
CA PHE A 12 4.19 4.86 10.05
C PHE A 12 3.65 3.61 10.74
N LYS A 13 2.64 3.78 11.56
CA LYS A 13 2.06 2.66 12.31
C LYS A 13 1.27 1.75 11.39
N TYR A 14 0.70 2.31 10.33
CA TYR A 14 -0.07 1.52 9.37
C TYR A 14 0.83 0.63 8.53
N MET A 15 1.86 1.21 7.92
CA MET A 15 2.82 0.43 7.15
C MET A 15 3.55 -0.58 8.03
N LYS A 16 3.73 -0.24 9.30
CA LYS A 16 4.38 -1.14 10.25
C LYS A 16 3.50 -2.36 10.55
N ILE A 17 2.18 -2.16 10.56
CA ILE A 17 1.29 -3.29 10.78
C ILE A 17 0.96 -3.96 9.47
N LEU A 18 1.07 -3.21 8.37
CA LEU A 18 0.96 -3.76 7.03
C LEU A 18 2.02 -4.84 6.87
N GLU A 19 3.23 -4.48 7.29
CA GLU A 19 4.37 -5.38 7.31
C GLU A 19 4.00 -6.73 7.92
N GLU A 20 3.39 -6.68 9.08
CA GLU A 20 2.98 -7.88 9.78
C GLU A 20 1.74 -8.51 9.13
N ALA A 21 0.66 -7.74 9.08
CA ALA A 21 -0.67 -8.25 8.74
C ALA A 21 -0.71 -9.01 7.42
N MET A 22 0.01 -8.53 6.41
CA MET A 22 0.01 -9.17 5.11
C MET A 22 0.54 -10.60 5.18
N GLU A 23 1.59 -10.80 5.97
CA GLU A 23 2.18 -12.12 6.11
C GLU A 23 1.54 -12.85 7.28
N ASN A 24 1.02 -12.08 8.24
CA ASN A 24 0.37 -12.64 9.43
C ASN A 24 -0.89 -13.40 9.06
N ASP A 25 -1.38 -13.14 7.85
CA ASP A 25 -2.49 -13.91 7.30
C ASP A 25 -2.11 -15.38 7.27
N THR A 26 -3.01 -16.21 7.79
CA THR A 26 -2.75 -17.63 7.96
C THR A 26 -2.57 -18.34 6.63
N GLU A 27 -3.10 -17.75 5.56
CA GLU A 27 -2.96 -18.31 4.23
C GLU A 27 -1.88 -17.57 3.45
N ASN A 28 -1.27 -16.58 4.10
CA ASN A 28 -0.22 -15.72 3.52
C ASN A 28 -0.34 -15.60 2.00
N LEU A 29 -1.41 -14.94 1.55
CA LEU A 29 -1.69 -14.77 0.14
C LEU A 29 -0.62 -13.91 -0.55
N ILE A 30 0.32 -13.42 0.25
CA ILE A 30 1.41 -12.61 -0.25
C ILE A 30 2.26 -13.41 -1.24
N GLU A 31 2.25 -14.74 -1.10
CA GLU A 31 3.04 -15.61 -1.97
C GLU A 31 2.43 -15.68 -3.37
N LYS A 32 1.15 -15.40 -3.47
CA LYS A 32 0.47 -15.40 -4.77
C LYS A 32 0.76 -14.11 -5.52
N VAL A 33 0.70 -13.01 -4.80
CA VAL A 33 0.87 -11.69 -5.39
C VAL A 33 2.28 -11.14 -5.10
N ARG A 34 3.26 -12.03 -5.01
CA ARG A 34 4.63 -11.63 -4.77
C ARG A 34 5.06 -10.55 -5.75
N GLY A 35 5.37 -9.40 -5.19
CA GLY A 35 5.75 -8.24 -5.98
C GLY A 35 6.22 -7.12 -5.08
N ILE A 36 6.66 -6.03 -5.66
CA ILE A 36 7.16 -4.93 -4.85
C ILE A 36 6.28 -3.70 -5.00
N TYR A 37 5.80 -3.20 -3.87
CA TYR A 37 4.90 -2.06 -3.85
C TYR A 37 5.63 -0.82 -3.36
N GLY A 38 5.72 0.18 -4.21
CA GLY A 38 6.36 1.42 -3.81
C GLY A 38 5.34 2.47 -3.44
N PHE A 39 5.29 2.81 -2.16
CA PHE A 39 4.33 3.79 -1.67
C PHE A 39 4.94 5.18 -1.58
N LYS A 40 4.47 6.07 -2.45
CA LYS A 40 4.85 7.47 -2.39
C LYS A 40 3.79 8.25 -1.62
N VAL A 41 4.12 8.63 -0.40
CA VAL A 41 3.16 9.27 0.47
C VAL A 41 3.45 10.77 0.60
N ARG A 42 2.61 11.58 -0.02
CA ARG A 42 2.73 13.03 0.08
C ARG A 42 1.86 13.56 1.23
N ASN A 43 1.88 14.88 1.41
CA ASN A 43 1.03 15.55 2.41
C ASN A 43 1.30 15.04 3.82
N GLY A 44 2.57 14.90 4.16
CA GLY A 44 2.93 14.49 5.50
C GLY A 44 2.92 15.64 6.48
N PRO A 45 3.53 15.47 7.67
CA PRO A 45 3.55 16.46 8.76
C PRO A 45 3.62 17.91 8.29
N ASN A 46 4.69 18.26 7.60
CA ASN A 46 4.90 19.62 7.12
C ASN A 46 4.84 19.66 5.60
N GLY A 47 3.88 18.95 5.03
CA GLY A 47 3.85 18.76 3.59
C GLY A 47 4.94 17.79 3.20
N ALA A 48 5.32 16.97 4.16
CA ALA A 48 6.41 16.03 4.00
C ALA A 48 6.05 14.90 3.06
N GLU A 49 7.06 14.34 2.49
CA GLU A 49 6.93 13.22 1.60
C GLU A 49 7.60 12.01 2.21
N GLY A 50 6.96 10.87 2.07
CA GLY A 50 7.54 9.64 2.52
C GLY A 50 7.50 8.59 1.44
N TYR A 51 8.42 7.65 1.48
CA TYR A 51 8.48 6.61 0.48
C TYR A 51 8.83 5.27 1.12
N TRP A 52 7.90 4.33 1.02
CA TRP A 52 8.09 3.01 1.62
C TRP A 52 7.97 1.93 0.57
N VAL A 53 8.92 1.02 0.57
CA VAL A 53 8.92 -0.09 -0.35
C VAL A 53 8.46 -1.35 0.35
N ILE A 54 7.29 -1.85 -0.03
CA ILE A 54 6.79 -3.09 0.51
C ILE A 54 7.27 -4.25 -0.36
N ASN A 55 8.27 -4.94 0.14
CA ASN A 55 8.85 -6.06 -0.60
C ASN A 55 8.06 -7.33 -0.33
N ALA A 56 7.15 -7.63 -1.23
CA ALA A 56 6.41 -8.88 -1.19
C ALA A 56 7.05 -9.85 -2.18
N LYS A 57 8.07 -9.36 -2.87
CA LYS A 57 8.83 -10.11 -3.87
C LYS A 57 9.29 -11.45 -3.30
N GLU A 58 9.92 -11.39 -2.15
CA GLU A 58 10.49 -12.58 -1.53
C GLU A 58 9.43 -13.33 -0.73
N GLY A 59 8.24 -12.77 -0.67
CA GLY A 59 7.15 -13.39 0.07
C GLY A 59 7.14 -13.00 1.53
N LYS A 60 8.00 -12.05 1.87
CA LYS A 60 8.11 -11.58 3.23
C LYS A 60 7.06 -10.51 3.51
N GLY A 61 6.89 -9.58 2.58
CA GLY A 61 5.85 -8.58 2.70
C GLY A 61 6.21 -7.47 3.67
N LYS A 62 7.49 -7.11 3.70
CA LYS A 62 7.94 -6.08 4.65
C LYS A 62 8.01 -4.73 3.96
N VAL A 63 8.10 -3.66 4.74
CA VAL A 63 8.20 -2.33 4.17
C VAL A 63 9.47 -1.65 4.66
N THR A 64 10.15 -1.00 3.75
CA THR A 64 11.39 -0.30 4.08
C THR A 64 11.39 1.08 3.43
N TYR A 65 11.81 2.08 4.19
CA TYR A 65 11.83 3.45 3.68
C TYR A 65 12.92 3.59 2.63
N ASN A 66 12.49 3.89 1.40
CA ASN A 66 13.39 3.93 0.25
C ASN A 66 14.16 2.62 0.15
N GLY A 67 13.47 1.58 -0.28
CA GLY A 67 14.07 0.26 -0.38
C GLY A 67 15.21 0.20 -1.38
N GLY A 68 15.14 1.05 -2.40
CA GLY A 68 16.14 1.03 -3.44
C GLY A 68 15.74 0.14 -4.59
N GLU A 69 14.83 -0.77 -4.31
CA GLU A 69 14.30 -1.68 -5.33
C GLU A 69 13.38 -0.92 -6.26
N LYS A 70 13.22 -1.44 -7.47
CA LYS A 70 12.27 -0.89 -8.41
C LYS A 70 10.94 -1.61 -8.25
N PRO A 71 9.94 -0.93 -7.67
CA PRO A 71 8.63 -1.52 -7.39
C PRO A 71 7.89 -1.89 -8.65
N ASP A 72 7.30 -3.08 -8.64
CA ASP A 72 6.48 -3.55 -9.74
C ASP A 72 5.28 -2.65 -9.91
N VAL A 73 4.82 -2.08 -8.80
CA VAL A 73 3.72 -1.13 -8.80
C VAL A 73 3.96 -0.01 -7.78
N THR A 74 3.73 1.22 -8.19
CA THR A 74 3.86 2.38 -7.31
C THR A 74 2.49 3.00 -7.05
N PHE A 75 2.26 3.45 -5.83
CA PHE A 75 1.02 4.12 -5.47
C PHE A 75 1.32 5.46 -4.83
N THR A 76 0.63 6.50 -5.24
CA THR A 76 0.79 7.82 -4.65
C THR A 76 -0.45 8.21 -3.85
N ILE A 77 -0.27 8.41 -2.55
CA ILE A 77 -1.35 8.69 -1.61
C ILE A 77 -0.87 9.73 -0.60
N SER A 78 -1.79 10.44 0.01
CA SER A 78 -1.46 11.40 1.05
C SER A 78 -1.52 10.77 2.44
N ASP A 79 -0.63 11.20 3.32
CA ASP A 79 -0.56 10.71 4.71
C ASP A 79 -1.94 10.56 5.32
N GLU A 80 -2.64 11.66 5.29
CA GLU A 80 -3.92 11.82 5.96
C GLU A 80 -4.97 10.84 5.47
N ASP A 81 -4.92 10.50 4.18
CA ASP A 81 -5.91 9.61 3.59
C ASP A 81 -5.48 8.15 3.65
N VAL A 82 -4.18 7.91 3.82
CA VAL A 82 -3.66 6.55 3.87
C VAL A 82 -4.38 5.75 4.96
N VAL A 83 -4.73 6.44 6.04
CA VAL A 83 -5.29 5.80 7.21
C VAL A 83 -6.66 5.21 6.91
N ASP A 84 -7.36 5.82 5.96
CA ASP A 84 -8.66 5.33 5.55
C ASP A 84 -8.49 4.25 4.52
N LEU A 85 -7.49 4.40 3.67
CA LEU A 85 -7.24 3.46 2.59
C LEU A 85 -6.77 2.11 3.13
N ILE A 86 -5.89 2.16 4.12
CA ILE A 86 -5.33 0.95 4.71
C ILE A 86 -6.35 0.28 5.64
N SER A 87 -7.30 1.07 6.13
CA SER A 87 -8.33 0.55 7.00
C SER A 87 -9.52 0.04 6.19
N GLY A 88 -9.63 0.49 4.95
CA GLY A 88 -10.75 0.12 4.11
C GLY A 88 -11.87 1.14 4.17
N LYS A 89 -11.65 2.18 4.96
CA LYS A 89 -12.61 3.25 5.12
C LYS A 89 -12.76 4.05 3.83
N LEU A 90 -11.64 4.32 3.19
CA LEU A 90 -11.62 5.03 1.94
C LEU A 90 -11.37 4.07 0.80
N ASN A 91 -12.25 4.10 -0.18
CA ASN A 91 -12.14 3.22 -1.33
C ASN A 91 -11.00 3.68 -2.23
N PRO A 92 -10.01 2.81 -2.48
CA PRO A 92 -8.92 3.14 -3.39
C PRO A 92 -9.42 3.31 -4.80
N GLN A 93 -10.57 2.74 -5.08
CA GLN A 93 -11.25 2.91 -6.35
C GLN A 93 -11.77 4.34 -6.50
N LYS A 94 -12.58 4.77 -5.55
CA LYS A 94 -13.11 6.13 -5.57
C LYS A 94 -11.96 7.13 -5.48
N ALA A 95 -10.94 6.79 -4.72
CA ALA A 95 -9.77 7.64 -4.60
C ALA A 95 -9.00 7.67 -5.92
N PHE A 96 -8.99 6.54 -6.60
CA PHE A 96 -8.37 6.44 -7.93
C PHE A 96 -9.07 7.41 -8.88
N PHE A 97 -10.40 7.35 -8.88
CA PHE A 97 -11.23 8.20 -9.73
C PHE A 97 -11.07 9.66 -9.35
N GLN A 98 -10.87 9.92 -8.07
CA GLN A 98 -10.75 11.27 -7.56
C GLN A 98 -9.30 11.77 -7.63
N GLY A 99 -8.44 11.02 -8.31
CA GLY A 99 -7.09 11.48 -8.57
C GLY A 99 -6.16 11.32 -7.39
N LYS A 100 -6.66 10.79 -6.30
CA LYS A 100 -5.89 10.64 -5.08
C LYS A 100 -5.21 9.30 -4.96
N ILE A 101 -5.21 8.54 -6.03
CA ILE A 101 -4.48 7.30 -6.09
C ILE A 101 -3.85 7.16 -7.47
N LYS A 102 -2.54 7.29 -7.51
CA LYS A 102 -1.79 7.15 -8.73
C LYS A 102 -0.99 5.86 -8.69
N ILE A 103 -1.52 4.84 -9.32
CA ILE A 103 -0.85 3.55 -9.38
C ILE A 103 -0.47 3.25 -10.82
N GLN A 104 0.81 2.98 -11.02
CA GLN A 104 1.37 2.79 -12.35
C GLN A 104 2.35 1.62 -12.29
N GLY A 105 1.84 0.43 -12.56
CA GLY A 105 2.62 -0.75 -12.34
C GLY A 105 2.10 -1.95 -13.09
N ASN A 106 2.87 -3.03 -13.03
CA ASN A 106 2.56 -4.27 -13.72
C ASN A 106 1.12 -4.69 -13.44
N MET A 107 0.28 -4.61 -14.47
CA MET A 107 -1.14 -4.88 -14.35
C MET A 107 -1.39 -6.32 -13.95
N GLY A 108 -0.53 -7.23 -14.40
CA GLY A 108 -0.72 -8.63 -14.11
C GLY A 108 -0.43 -8.95 -12.67
N LEU A 109 0.33 -8.06 -12.03
CA LEU A 109 0.68 -8.22 -10.64
C LEU A 109 -0.36 -7.54 -9.75
N ALA A 110 -0.71 -6.31 -10.12
CA ALA A 110 -1.66 -5.52 -9.33
C ALA A 110 -3.08 -6.05 -9.48
N MET A 111 -3.34 -6.85 -10.51
CA MET A 111 -4.66 -7.41 -10.71
C MET A 111 -4.99 -8.41 -9.61
N LYS A 112 -3.96 -8.94 -8.96
CA LYS A 112 -4.17 -9.85 -7.83
C LYS A 112 -4.73 -9.08 -6.64
N LEU A 113 -4.47 -7.78 -6.59
CA LEU A 113 -4.94 -6.94 -5.51
C LEU A 113 -6.46 -6.80 -5.58
N THR A 114 -7.02 -6.99 -6.77
CA THR A 114 -8.45 -6.85 -6.97
C THR A 114 -9.18 -8.11 -6.56
N ASP A 115 -8.45 -9.22 -6.56
CA ASP A 115 -9.03 -10.52 -6.25
C ASP A 115 -9.72 -10.52 -4.90
N LEU A 116 -9.08 -9.89 -3.94
CA LEU A 116 -9.58 -9.84 -2.56
C LEU A 116 -11.02 -9.31 -2.48
N GLN A 117 -11.36 -8.35 -3.33
CA GLN A 117 -12.68 -7.74 -3.29
C GLN A 117 -13.67 -8.46 -4.21
N ARG A 118 -13.18 -9.03 -5.31
CA ARG A 118 -14.06 -9.74 -6.24
C ARG A 118 -14.53 -11.05 -5.64
N GLN A 119 -13.63 -11.71 -4.89
CA GLN A 119 -14.00 -12.92 -4.18
C GLN A 119 -14.87 -12.58 -2.98
N ALA A 120 -14.71 -11.37 -2.46
CA ALA A 120 -15.54 -10.90 -1.37
C ALA A 120 -16.97 -10.73 -1.83
N ALA A 121 -17.14 -10.23 -3.04
CA ALA A 121 -18.46 -10.08 -3.64
C ALA A 121 -19.05 -11.45 -3.96
N GLY A 122 -18.31 -12.25 -4.72
CA GLY A 122 -18.72 -13.61 -5.01
C GLY A 122 -19.18 -13.80 -6.44
N ARG A 123 -19.36 -12.70 -7.16
CA ARG A 123 -19.85 -12.73 -8.53
C ARG A 123 -21.25 -13.36 -8.61
N ILE A 124 -22.27 -12.52 -8.50
CA ILE A 124 -23.65 -13.00 -8.57
C ILE A 124 -24.12 -12.99 -10.03
N GLU A 125 -23.66 -11.99 -10.77
CA GLU A 125 -24.12 -11.79 -12.14
C GLU A 125 -23.11 -12.34 -13.14
N SER A 126 -23.62 -13.10 -14.11
CA SER A 126 -22.83 -13.65 -15.23
C SER A 126 -21.67 -14.53 -14.74
N ILE A 127 -20.90 -15.04 -15.69
CA ILE A 127 -19.70 -15.79 -15.37
C ILE A 127 -18.45 -15.00 -15.77
N GLY A 1 9.22 23.35 7.06
CA GLY A 1 10.14 22.19 7.14
C GLY A 1 10.48 21.65 5.76
N SER A 2 11.32 20.64 5.73
CA SER A 2 11.71 20.01 4.48
C SER A 2 11.04 18.64 4.34
N SER A 3 11.24 17.80 5.35
CA SER A 3 10.65 16.47 5.36
C SER A 3 10.68 15.90 6.78
N GLY A 4 9.51 15.84 7.38
CA GLY A 4 9.38 15.21 8.69
C GLY A 4 9.79 13.76 8.67
N ASN A 5 10.20 13.25 9.82
CA ASN A 5 10.66 11.87 9.93
C ASN A 5 9.58 10.89 9.51
N PRO A 6 10.00 9.78 8.88
CA PRO A 6 9.10 8.74 8.40
C PRO A 6 8.28 8.14 9.54
N GLU A 7 8.86 8.13 10.73
CA GLU A 7 8.19 7.68 11.93
C GLU A 7 6.98 8.56 12.25
N ASP A 8 7.11 9.86 11.97
CA ASP A 8 6.07 10.82 12.32
C ASP A 8 4.93 10.83 11.32
N PHE A 9 5.01 9.98 10.31
CA PHE A 9 3.92 9.80 9.37
C PHE A 9 2.83 8.94 10.00
N LYS A 10 1.61 9.13 9.54
CA LYS A 10 0.47 8.37 10.05
C LYS A 10 0.50 6.97 9.46
N VAL A 11 1.16 6.86 8.31
CA VAL A 11 1.29 5.59 7.62
C VAL A 11 2.30 4.69 8.34
N PHE A 12 3.09 5.27 9.23
CA PHE A 12 4.14 4.53 9.92
C PHE A 12 3.54 3.33 10.64
N LYS A 13 2.50 3.58 11.43
CA LYS A 13 1.81 2.52 12.15
C LYS A 13 1.13 1.57 11.17
N TYR A 14 0.47 2.13 10.18
CA TYR A 14 -0.27 1.33 9.21
C TYR A 14 0.65 0.39 8.42
N MET A 15 1.76 0.91 7.94
CA MET A 15 2.70 0.09 7.18
C MET A 15 3.47 -0.85 8.10
N LYS A 16 3.62 -0.46 9.36
CA LYS A 16 4.27 -1.32 10.35
C LYS A 16 3.38 -2.50 10.71
N ILE A 17 2.08 -2.27 10.83
CA ILE A 17 1.16 -3.36 11.07
C ILE A 17 0.91 -4.13 9.78
N LEU A 18 1.08 -3.45 8.65
CA LEU A 18 1.01 -4.09 7.33
C LEU A 18 2.08 -5.16 7.24
N GLU A 19 3.32 -4.75 7.54
CA GLU A 19 4.48 -5.63 7.59
C GLU A 19 4.14 -6.95 8.31
N GLU A 20 3.50 -6.83 9.45
CA GLU A 20 3.12 -7.97 10.25
C GLU A 20 1.89 -8.68 9.68
N ALA A 21 0.82 -7.92 9.47
CA ALA A 21 -0.50 -8.47 9.17
C ALA A 21 -0.50 -9.32 7.90
N MET A 22 0.24 -8.89 6.88
CA MET A 22 0.27 -9.60 5.61
C MET A 22 0.78 -11.02 5.78
N GLU A 23 1.80 -11.19 6.62
CA GLU A 23 2.36 -12.52 6.86
C GLU A 23 1.68 -13.18 8.05
N ASN A 24 1.03 -12.38 8.89
CA ASN A 24 0.30 -12.89 10.05
C ASN A 24 -0.89 -13.72 9.59
N ASP A 25 -1.34 -13.45 8.38
CA ASP A 25 -2.37 -14.25 7.74
C ASP A 25 -1.87 -15.68 7.56
N THR A 26 -2.71 -16.63 7.92
CA THR A 26 -2.35 -18.04 7.91
C THR A 26 -2.00 -18.53 6.51
N GLU A 27 -2.66 -17.98 5.51
CA GLU A 27 -2.40 -18.33 4.14
C GLU A 27 -1.36 -17.40 3.52
N ASN A 28 -0.84 -16.44 4.32
CA ASN A 28 0.16 -15.48 3.89
C ASN A 28 -0.04 -15.10 2.43
N LEU A 29 -1.19 -14.49 2.18
CA LEU A 29 -1.65 -14.18 0.82
C LEU A 29 -0.64 -13.32 0.07
N ILE A 30 0.33 -12.78 0.78
CA ILE A 30 1.35 -11.95 0.18
C ILE A 30 2.15 -12.74 -0.86
N GLU A 31 2.30 -14.05 -0.65
CA GLU A 31 3.09 -14.87 -1.52
C GLU A 31 2.37 -15.14 -2.83
N LYS A 32 1.05 -15.11 -2.78
CA LYS A 32 0.22 -15.36 -3.95
C LYS A 32 0.27 -14.18 -4.91
N VAL A 33 0.75 -13.07 -4.40
CA VAL A 33 0.83 -11.83 -5.18
C VAL A 33 2.22 -11.21 -5.04
N ARG A 34 3.24 -12.06 -4.87
CA ARG A 34 4.61 -11.58 -4.65
C ARG A 34 5.02 -10.52 -5.65
N GLY A 35 5.13 -9.32 -5.13
CA GLY A 35 5.49 -8.17 -5.93
C GLY A 35 6.02 -7.07 -5.05
N ILE A 36 6.56 -6.03 -5.64
CA ILE A 36 7.07 -4.92 -4.86
C ILE A 36 6.15 -3.72 -4.96
N TYR A 37 5.72 -3.22 -3.82
CA TYR A 37 4.81 -2.09 -3.77
C TYR A 37 5.53 -0.84 -3.30
N GLY A 38 5.61 0.15 -4.16
CA GLY A 38 6.24 1.39 -3.78
C GLY A 38 5.21 2.41 -3.37
N PHE A 39 5.19 2.75 -2.09
CA PHE A 39 4.20 3.70 -1.58
C PHE A 39 4.80 5.07 -1.39
N LYS A 40 4.47 5.97 -2.32
CA LYS A 40 4.90 7.35 -2.24
C LYS A 40 3.85 8.18 -1.50
N VAL A 41 4.13 8.46 -0.24
CA VAL A 41 3.16 9.10 0.62
C VAL A 41 3.46 10.59 0.76
N ARG A 42 2.53 11.41 0.32
CA ARG A 42 2.68 12.86 0.38
C ARG A 42 1.73 13.44 1.42
N ASN A 43 1.80 14.76 1.63
CA ASN A 43 0.93 15.44 2.59
C ASN A 43 1.11 14.86 3.99
N GLY A 44 2.36 14.58 4.36
CA GLY A 44 2.65 14.04 5.66
C GLY A 44 2.52 15.06 6.76
N PRO A 45 3.26 14.87 7.89
CA PRO A 45 3.21 15.75 9.07
C PRO A 45 2.92 17.22 8.75
N ASN A 46 3.79 17.83 7.96
CA ASN A 46 3.57 19.22 7.55
C ASN A 46 4.02 19.39 6.10
N GLY A 47 3.24 18.80 5.19
CA GLY A 47 3.59 18.85 3.78
C GLY A 47 4.77 17.96 3.46
N ALA A 48 5.04 17.03 4.36
CA ALA A 48 6.18 16.13 4.23
C ALA A 48 5.87 15.01 3.25
N GLU A 49 6.93 14.37 2.79
CA GLU A 49 6.81 13.31 1.82
C GLU A 49 7.70 12.14 2.18
N GLY A 50 7.13 10.96 2.12
CA GLY A 50 7.84 9.76 2.47
C GLY A 50 7.65 8.69 1.43
N TYR A 51 8.52 7.69 1.43
CA TYR A 51 8.45 6.63 0.43
C TYR A 51 8.89 5.31 1.03
N TRP A 52 7.96 4.37 1.13
CA TRP A 52 8.25 3.04 1.65
C TRP A 52 8.10 2.00 0.55
N VAL A 53 9.01 1.05 0.54
CA VAL A 53 8.97 -0.04 -0.42
C VAL A 53 8.54 -1.32 0.27
N ILE A 54 7.38 -1.83 -0.10
CA ILE A 54 6.91 -3.10 0.42
C ILE A 54 7.38 -4.23 -0.48
N ASN A 55 8.45 -4.89 -0.07
CA ASN A 55 9.04 -5.95 -0.87
C ASN A 55 8.37 -7.28 -0.54
N ALA A 56 7.44 -7.68 -1.39
CA ALA A 56 6.81 -8.98 -1.27
C ALA A 56 7.41 -9.94 -2.28
N LYS A 57 8.27 -9.40 -3.14
CA LYS A 57 8.88 -10.18 -4.21
C LYS A 57 9.68 -11.35 -3.66
N GLU A 58 10.49 -11.07 -2.66
CA GLU A 58 11.32 -12.10 -2.04
C GLU A 58 10.49 -13.03 -1.17
N GLY A 59 9.22 -12.70 -1.01
CA GLY A 59 8.34 -13.49 -0.18
C GLY A 59 8.25 -12.93 1.23
N LYS A 60 8.71 -11.70 1.38
CA LYS A 60 8.72 -11.05 2.69
C LYS A 60 7.41 -10.36 2.97
N GLY A 61 7.13 -9.28 2.26
CA GLY A 61 6.00 -8.44 2.60
C GLY A 61 6.41 -7.40 3.61
N LYS A 62 7.67 -6.98 3.52
CA LYS A 62 8.23 -6.02 4.45
C LYS A 62 8.21 -4.62 3.84
N VAL A 63 8.04 -3.61 4.65
CA VAL A 63 8.07 -2.25 4.16
C VAL A 63 9.37 -1.58 4.61
N THR A 64 10.10 -1.02 3.67
CA THR A 64 11.37 -0.38 3.97
C THR A 64 11.43 1.01 3.34
N TYR A 65 11.75 2.01 4.16
CA TYR A 65 11.84 3.38 3.70
C TYR A 65 13.01 3.54 2.73
N ASN A 66 12.70 4.00 1.52
CA ASN A 66 13.69 4.11 0.45
C ASN A 66 14.36 2.76 0.23
N GLY A 67 13.62 1.84 -0.37
CA GLY A 67 14.10 0.49 -0.55
C GLY A 67 15.20 0.39 -1.59
N GLY A 68 15.04 1.12 -2.68
CA GLY A 68 15.99 1.06 -3.77
C GLY A 68 15.56 0.05 -4.82
N GLU A 69 14.70 -0.86 -4.42
CA GLU A 69 14.16 -1.88 -5.32
C GLU A 69 13.15 -1.26 -6.27
N LYS A 70 13.07 -1.80 -7.48
CA LYS A 70 12.09 -1.35 -8.45
C LYS A 70 10.72 -1.96 -8.17
N PRO A 71 9.77 -1.15 -7.71
CA PRO A 71 8.41 -1.59 -7.40
C PRO A 71 7.64 -2.01 -8.65
N ASP A 72 6.94 -3.13 -8.53
CA ASP A 72 6.07 -3.61 -9.59
C ASP A 72 4.86 -2.70 -9.71
N VAL A 73 4.44 -2.13 -8.59
CA VAL A 73 3.39 -1.13 -8.57
C VAL A 73 3.71 -0.02 -7.57
N THR A 74 3.68 1.22 -8.02
CA THR A 74 3.87 2.37 -7.15
C THR A 74 2.57 3.14 -6.98
N PHE A 75 2.18 3.38 -5.74
CA PHE A 75 0.99 4.16 -5.45
C PHE A 75 1.37 5.46 -4.77
N THR A 76 1.01 6.58 -5.40
CA THR A 76 1.23 7.88 -4.79
C THR A 76 -0.06 8.33 -4.10
N ILE A 77 0.04 8.60 -2.81
CA ILE A 77 -1.13 8.90 -1.99
C ILE A 77 -0.75 9.73 -0.78
N SER A 78 -1.72 10.45 -0.24
CA SER A 78 -1.50 11.34 0.88
C SER A 78 -1.59 10.58 2.20
N ASP A 79 -0.72 11.00 3.14
CA ASP A 79 -0.66 10.43 4.50
C ASP A 79 -2.02 10.47 5.18
N GLU A 80 -2.81 11.43 4.76
CA GLU A 80 -4.14 11.66 5.31
C GLU A 80 -5.12 10.63 4.77
N ASP A 81 -4.97 10.31 3.49
CA ASP A 81 -5.91 9.44 2.79
C ASP A 81 -5.51 7.97 2.89
N VAL A 82 -4.23 7.74 3.14
CA VAL A 82 -3.71 6.37 3.22
C VAL A 82 -4.48 5.58 4.27
N VAL A 83 -4.91 6.26 5.32
CA VAL A 83 -5.49 5.62 6.48
C VAL A 83 -6.85 5.02 6.12
N ASP A 84 -7.56 5.67 5.21
CA ASP A 84 -8.83 5.16 4.77
C ASP A 84 -8.59 4.03 3.79
N LEU A 85 -7.54 4.17 2.99
CA LEU A 85 -7.20 3.16 2.00
C LEU A 85 -6.78 1.85 2.67
N ILE A 86 -5.90 1.96 3.65
CA ILE A 86 -5.38 0.80 4.34
C ILE A 86 -6.44 0.17 5.24
N SER A 87 -7.36 0.99 5.73
CA SER A 87 -8.44 0.48 6.57
C SER A 87 -9.53 -0.18 5.72
N GLY A 88 -9.69 0.30 4.50
CA GLY A 88 -10.75 -0.20 3.64
C GLY A 88 -11.93 0.75 3.58
N LYS A 89 -11.71 1.95 4.09
CA LYS A 89 -12.74 2.99 4.12
C LYS A 89 -12.78 3.74 2.80
N LEU A 90 -11.62 4.03 2.26
CA LEU A 90 -11.53 4.73 0.99
C LEU A 90 -11.18 3.76 -0.11
N ASN A 91 -12.03 3.74 -1.13
CA ASN A 91 -11.82 2.87 -2.28
C ASN A 91 -10.69 3.42 -3.14
N PRO A 92 -9.60 2.65 -3.30
CA PRO A 92 -8.49 3.04 -4.16
C PRO A 92 -8.95 3.22 -5.60
N GLN A 93 -10.07 2.58 -5.94
CA GLN A 93 -10.71 2.76 -7.23
C GLN A 93 -11.20 4.18 -7.41
N LYS A 94 -12.03 4.64 -6.47
CA LYS A 94 -12.55 5.99 -6.54
C LYS A 94 -11.43 6.99 -6.36
N ALA A 95 -10.43 6.62 -5.58
CA ALA A 95 -9.27 7.48 -5.38
C ALA A 95 -8.44 7.55 -6.65
N PHE A 96 -8.43 6.44 -7.39
CA PHE A 96 -7.79 6.36 -8.68
C PHE A 96 -8.51 7.28 -9.67
N PHE A 97 -9.83 7.18 -9.67
CA PHE A 97 -10.69 8.00 -10.51
C PHE A 97 -10.56 9.48 -10.16
N GLN A 98 -10.57 9.78 -8.87
CA GLN A 98 -10.52 11.16 -8.39
C GLN A 98 -9.11 11.73 -8.42
N GLY A 99 -8.16 10.94 -8.91
CA GLY A 99 -6.82 11.46 -9.15
C GLY A 99 -5.96 11.55 -7.90
N LYS A 100 -6.47 11.02 -6.80
CA LYS A 100 -5.70 11.00 -5.56
C LYS A 100 -4.68 9.87 -5.56
N ILE A 101 -5.09 8.76 -6.14
CA ILE A 101 -4.22 7.60 -6.25
C ILE A 101 -3.49 7.63 -7.60
N LYS A 102 -2.18 7.73 -7.53
CA LYS A 102 -1.35 7.69 -8.73
C LYS A 102 -0.59 6.38 -8.77
N ILE A 103 -1.09 5.43 -9.54
CA ILE A 103 -0.50 4.12 -9.63
C ILE A 103 -0.16 3.79 -11.08
N GLN A 104 1.03 3.23 -11.28
CA GLN A 104 1.54 2.94 -12.59
C GLN A 104 2.39 1.69 -12.51
N GLY A 105 1.73 0.55 -12.54
CA GLY A 105 2.40 -0.70 -12.23
C GLY A 105 1.75 -1.90 -12.86
N ASN A 106 2.43 -3.03 -12.74
CA ASN A 106 1.99 -4.31 -13.31
C ASN A 106 0.55 -4.62 -12.88
N MET A 107 -0.36 -4.61 -13.86
CA MET A 107 -1.78 -4.81 -13.61
C MET A 107 -2.04 -6.23 -13.10
N GLY A 108 -1.21 -7.17 -13.55
CA GLY A 108 -1.39 -8.55 -13.16
C GLY A 108 -1.05 -8.77 -11.69
N LEU A 109 -0.40 -7.78 -11.12
CA LEU A 109 -0.07 -7.80 -9.70
C LEU A 109 -1.16 -7.09 -8.92
N ALA A 110 -1.49 -5.89 -9.37
CA ALA A 110 -2.43 -5.03 -8.67
C ALA A 110 -3.85 -5.57 -8.79
N MET A 111 -4.05 -6.53 -9.68
CA MET A 111 -5.35 -7.18 -9.81
C MET A 111 -5.73 -7.90 -8.51
N LYS A 112 -4.74 -8.23 -7.71
CA LYS A 112 -4.98 -8.86 -6.43
C LYS A 112 -5.28 -7.80 -5.37
N LEU A 113 -4.87 -6.57 -5.65
CA LEU A 113 -5.08 -5.46 -4.73
C LEU A 113 -6.47 -4.89 -4.91
N THR A 114 -6.89 -4.76 -6.18
CA THR A 114 -8.22 -4.28 -6.49
C THR A 114 -9.26 -5.31 -6.04
N ASP A 115 -8.83 -6.54 -5.89
CA ASP A 115 -9.68 -7.60 -5.36
C ASP A 115 -10.17 -7.26 -3.96
N LEU A 116 -9.24 -6.82 -3.13
CA LEU A 116 -9.52 -6.50 -1.74
C LEU A 116 -10.53 -5.37 -1.61
N GLN A 117 -10.40 -4.34 -2.44
CA GLN A 117 -11.26 -3.17 -2.33
C GLN A 117 -12.70 -3.51 -2.71
N ARG A 118 -12.88 -4.54 -3.51
CA ARG A 118 -14.21 -4.99 -3.88
C ARG A 118 -14.94 -5.46 -2.64
N GLN A 119 -14.23 -6.20 -1.81
CA GLN A 119 -14.78 -6.69 -0.55
C GLN A 119 -15.02 -5.53 0.39
N ALA A 120 -14.10 -4.58 0.39
CA ALA A 120 -14.19 -3.39 1.24
C ALA A 120 -15.35 -2.51 0.82
N ALA A 121 -15.77 -2.63 -0.42
CA ALA A 121 -16.88 -1.84 -0.94
C ALA A 121 -18.19 -2.62 -0.89
N GLY A 122 -18.08 -3.88 -0.48
CA GLY A 122 -19.24 -4.76 -0.45
C GLY A 122 -19.74 -5.08 -1.84
N ARG A 123 -18.82 -5.14 -2.79
CA ARG A 123 -19.16 -5.40 -4.17
C ARG A 123 -19.02 -6.89 -4.47
N ILE A 124 -20.16 -7.56 -4.60
CA ILE A 124 -20.19 -8.99 -4.88
C ILE A 124 -19.68 -9.26 -6.29
N GLU A 125 -20.44 -8.83 -7.28
CA GLU A 125 -20.09 -9.05 -8.66
C GLU A 125 -19.53 -7.78 -9.26
N SER A 126 -18.36 -7.89 -9.89
CA SER A 126 -17.68 -6.73 -10.43
C SER A 126 -18.03 -6.55 -11.91
N ILE A 127 -18.24 -5.31 -12.31
CA ILE A 127 -18.61 -5.00 -13.68
C ILE A 127 -17.40 -4.48 -14.44
N GLY A 1 17.97 13.88 3.01
CA GLY A 1 16.74 13.06 2.99
C GLY A 1 15.66 13.70 2.14
N SER A 2 14.43 13.26 2.33
CA SER A 2 13.31 13.79 1.56
C SER A 2 12.51 14.78 2.41
N SER A 3 12.18 14.36 3.62
CA SER A 3 11.36 15.16 4.51
C SER A 3 11.64 14.79 5.96
N GLY A 4 10.72 15.15 6.86
CA GLY A 4 10.83 14.75 8.25
C GLY A 4 10.87 13.25 8.43
N ASN A 5 11.12 12.81 9.66
CA ASN A 5 11.22 11.39 9.99
C ASN A 5 9.96 10.63 9.57
N PRO A 6 10.13 9.35 9.23
CA PRO A 6 9.03 8.48 8.81
C PRO A 6 8.08 8.22 9.96
N GLU A 7 8.61 8.38 11.17
CA GLU A 7 7.85 8.18 12.40
C GLU A 7 6.72 9.20 12.52
N ASP A 8 6.96 10.38 11.98
CA ASP A 8 5.99 11.47 12.04
C ASP A 8 4.82 11.23 11.11
N PHE A 9 5.02 10.34 10.14
CA PHE A 9 3.94 9.95 9.24
C PHE A 9 3.04 8.96 9.95
N LYS A 10 1.75 9.07 9.70
CA LYS A 10 0.77 8.18 10.30
C LYS A 10 0.92 6.79 9.70
N VAL A 11 1.48 6.76 8.51
CA VAL A 11 1.68 5.52 7.79
C VAL A 11 2.74 4.66 8.47
N PHE A 12 3.55 5.27 9.33
CA PHE A 12 4.60 4.53 10.04
C PHE A 12 3.99 3.38 10.84
N LYS A 13 2.90 3.69 11.52
CA LYS A 13 2.19 2.70 12.32
C LYS A 13 1.37 1.78 11.42
N TYR A 14 0.70 2.37 10.43
CA TYR A 14 -0.17 1.62 9.54
C TYR A 14 0.61 0.64 8.66
N MET A 15 1.72 1.08 8.10
CA MET A 15 2.50 0.23 7.22
C MET A 15 3.33 -0.77 8.03
N LYS A 16 3.54 -0.47 9.30
CA LYS A 16 4.23 -1.39 10.19
C LYS A 16 3.31 -2.53 10.60
N ILE A 17 2.03 -2.23 10.81
CA ILE A 17 1.06 -3.28 11.08
C ILE A 17 0.70 -3.98 9.78
N LEU A 18 0.88 -3.28 8.66
CA LEU A 18 0.75 -3.87 7.34
C LEU A 18 1.74 -5.03 7.22
N GLU A 19 2.99 -4.72 7.54
CA GLU A 19 4.07 -5.72 7.55
C GLU A 19 3.64 -7.00 8.26
N GLU A 20 3.03 -6.83 9.43
CA GLU A 20 2.59 -7.95 10.23
C GLU A 20 1.31 -8.58 9.66
N ALA A 21 0.31 -7.76 9.45
CA ALA A 21 -1.04 -8.23 9.13
C ALA A 21 -1.09 -9.03 7.82
N MET A 22 -0.26 -8.67 6.86
CA MET A 22 -0.23 -9.36 5.58
C MET A 22 0.17 -10.83 5.74
N GLU A 23 1.12 -11.09 6.62
CA GLU A 23 1.55 -12.46 6.86
C GLU A 23 0.75 -13.10 7.99
N ASN A 24 0.31 -12.26 8.91
CA ASN A 24 -0.49 -12.70 10.06
C ASN A 24 -1.82 -13.27 9.59
N ASP A 25 -2.34 -12.70 8.50
CA ASP A 25 -3.57 -13.17 7.89
C ASP A 25 -3.45 -14.64 7.54
N THR A 26 -4.54 -15.36 7.81
CA THR A 26 -4.57 -16.81 7.69
C THR A 26 -4.23 -17.31 6.28
N GLU A 27 -4.44 -16.46 5.28
CA GLU A 27 -4.18 -16.84 3.90
C GLU A 27 -2.79 -16.43 3.44
N ASN A 28 -2.25 -15.34 4.03
CA ASN A 28 -0.95 -14.78 3.64
C ASN A 28 -0.74 -14.89 2.13
N LEU A 29 -1.61 -14.20 1.39
CA LEU A 29 -1.62 -14.27 -0.07
C LEU A 29 -0.40 -13.60 -0.68
N ILE A 30 0.51 -13.12 0.16
CA ILE A 30 1.70 -12.41 -0.30
C ILE A 30 2.52 -13.26 -1.26
N GLU A 31 2.50 -14.58 -1.07
CA GLU A 31 3.27 -15.47 -1.90
C GLU A 31 2.63 -15.68 -3.27
N LYS A 32 1.34 -15.37 -3.36
CA LYS A 32 0.63 -15.45 -4.63
C LYS A 32 0.80 -14.17 -5.42
N VAL A 33 0.86 -13.06 -4.71
CA VAL A 33 0.98 -11.74 -5.31
C VAL A 33 2.38 -11.16 -5.09
N ARG A 34 3.37 -12.05 -5.06
CA ARG A 34 4.76 -11.63 -4.84
C ARG A 34 5.16 -10.54 -5.83
N GLY A 35 5.61 -9.44 -5.27
CA GLY A 35 5.95 -8.27 -6.05
C GLY A 35 6.44 -7.16 -5.15
N ILE A 36 6.68 -5.99 -5.71
CA ILE A 36 7.14 -4.87 -4.90
C ILE A 36 6.22 -3.68 -5.04
N TYR A 37 5.75 -3.19 -3.91
CA TYR A 37 4.83 -2.06 -3.88
C TYR A 37 5.56 -0.83 -3.39
N GLY A 38 5.67 0.17 -4.24
CA GLY A 38 6.31 1.41 -3.87
C GLY A 38 5.30 2.44 -3.44
N PHE A 39 5.35 2.83 -2.17
CA PHE A 39 4.39 3.78 -1.63
C PHE A 39 5.00 5.17 -1.54
N LYS A 40 4.52 6.06 -2.40
CA LYS A 40 4.89 7.47 -2.34
C LYS A 40 3.83 8.22 -1.52
N VAL A 41 4.14 8.46 -0.26
CA VAL A 41 3.18 9.06 0.65
C VAL A 41 3.47 10.55 0.83
N ARG A 42 2.62 11.36 0.25
CA ARG A 42 2.81 12.80 0.28
C ARG A 42 1.86 13.43 1.29
N ASN A 43 2.00 14.74 1.51
CA ASN A 43 1.13 15.48 2.42
C ASN A 43 1.25 14.95 3.84
N GLY A 44 2.49 14.79 4.31
CA GLY A 44 2.72 14.38 5.67
C GLY A 44 2.51 15.52 6.65
N PRO A 45 3.30 15.57 7.75
CA PRO A 45 3.22 16.62 8.76
C PRO A 45 3.01 18.03 8.19
N ASN A 46 3.95 18.49 7.37
CA ASN A 46 3.82 19.78 6.72
C ASN A 46 4.47 19.76 5.35
N GLY A 47 3.76 19.17 4.40
CA GLY A 47 4.26 19.10 3.04
C GLY A 47 5.34 18.05 2.89
N ALA A 48 5.45 17.20 3.88
CA ALA A 48 6.43 16.12 3.87
C ALA A 48 6.02 15.03 2.90
N GLU A 49 7.00 14.45 2.23
CA GLU A 49 6.77 13.40 1.29
C GLU A 49 7.69 12.21 1.58
N GLY A 50 7.08 11.11 1.96
CA GLY A 50 7.82 9.93 2.31
C GLY A 50 7.69 8.85 1.25
N TYR A 51 8.51 7.82 1.36
CA TYR A 51 8.51 6.76 0.37
C TYR A 51 8.91 5.43 1.01
N TRP A 52 8.03 4.45 0.93
CA TRP A 52 8.29 3.14 1.50
C TRP A 52 8.16 2.07 0.42
N VAL A 53 8.91 1.01 0.58
CA VAL A 53 8.88 -0.10 -0.37
C VAL A 53 8.42 -1.38 0.32
N ILE A 54 7.30 -1.93 -0.13
CA ILE A 54 6.82 -3.20 0.39
C ILE A 54 7.35 -4.33 -0.49
N ASN A 55 8.32 -5.05 0.03
CA ASN A 55 8.97 -6.11 -0.71
C ASN A 55 8.28 -7.43 -0.48
N ALA A 56 7.40 -7.80 -1.40
CA ALA A 56 6.74 -9.09 -1.38
C ALA A 56 7.45 -10.05 -2.32
N LYS A 57 8.37 -9.48 -3.10
CA LYS A 57 9.14 -10.23 -4.08
C LYS A 57 9.96 -11.32 -3.43
N GLU A 58 10.45 -11.06 -2.22
CA GLU A 58 11.24 -12.03 -1.48
C GLU A 58 10.38 -12.84 -0.52
N GLY A 59 9.07 -12.73 -0.71
CA GLY A 59 8.12 -13.53 0.05
C GLY A 59 7.82 -12.97 1.42
N LYS A 60 8.62 -12.02 1.87
CA LYS A 60 8.47 -11.46 3.21
C LYS A 60 7.25 -10.55 3.30
N GLY A 61 7.20 -9.54 2.44
CA GLY A 61 6.10 -8.61 2.49
C GLY A 61 6.37 -7.46 3.44
N LYS A 62 7.63 -7.05 3.53
CA LYS A 62 8.03 -6.04 4.50
C LYS A 62 8.06 -4.66 3.85
N VAL A 63 7.83 -3.64 4.63
CA VAL A 63 7.88 -2.28 4.13
C VAL A 63 9.13 -1.59 4.68
N THR A 64 9.87 -0.94 3.80
CA THR A 64 11.11 -0.29 4.18
C THR A 64 11.19 1.09 3.54
N TYR A 65 11.58 2.08 4.33
CA TYR A 65 11.68 3.45 3.82
C TYR A 65 12.78 3.54 2.79
N ASN A 66 12.43 4.05 1.61
CA ASN A 66 13.35 4.20 0.49
C ASN A 66 14.09 2.88 0.22
N GLY A 67 13.30 1.87 -0.15
CA GLY A 67 13.83 0.52 -0.30
C GLY A 67 14.95 0.41 -1.32
N GLY A 68 14.81 1.12 -2.44
CA GLY A 68 15.83 1.06 -3.47
C GLY A 68 15.49 0.03 -4.53
N GLU A 69 14.64 -0.91 -4.18
CA GLU A 69 14.14 -1.89 -5.13
C GLU A 69 13.20 -1.22 -6.12
N LYS A 70 13.13 -1.75 -7.33
CA LYS A 70 12.24 -1.20 -8.34
C LYS A 70 10.84 -1.80 -8.18
N PRO A 71 9.90 -0.99 -7.70
CA PRO A 71 8.53 -1.44 -7.44
C PRO A 71 7.78 -1.77 -8.72
N ASP A 72 7.19 -2.96 -8.74
CA ASP A 72 6.35 -3.38 -9.86
C ASP A 72 5.15 -2.46 -9.98
N VAL A 73 4.68 -1.98 -8.84
CA VAL A 73 3.60 -1.01 -8.79
C VAL A 73 3.90 0.08 -7.77
N THR A 74 3.52 1.30 -8.09
CA THR A 74 3.77 2.43 -7.21
C THR A 74 2.47 3.18 -6.92
N PHE A 75 2.15 3.36 -5.65
CA PHE A 75 0.95 4.08 -5.25
C PHE A 75 1.31 5.43 -4.67
N THR A 76 0.74 6.48 -5.22
CA THR A 76 0.90 7.81 -4.65
C THR A 76 -0.32 8.15 -3.81
N ILE A 77 -0.11 8.28 -2.51
CA ILE A 77 -1.19 8.51 -1.57
C ILE A 77 -0.78 9.57 -0.56
N SER A 78 -1.76 10.30 -0.04
CA SER A 78 -1.49 11.29 0.98
C SER A 78 -1.62 10.69 2.37
N ASP A 79 -0.69 11.03 3.26
CA ASP A 79 -0.65 10.49 4.63
C ASP A 79 -2.03 10.44 5.26
N GLU A 80 -2.71 11.56 5.22
CA GLU A 80 -4.03 11.73 5.83
C GLU A 80 -5.03 10.67 5.33
N ASP A 81 -4.99 10.37 4.03
CA ASP A 81 -5.98 9.47 3.43
C ASP A 81 -5.52 8.03 3.47
N VAL A 82 -4.22 7.83 3.67
CA VAL A 82 -3.65 6.48 3.71
C VAL A 82 -4.34 5.64 4.78
N VAL A 83 -4.78 6.32 5.84
CA VAL A 83 -5.34 5.64 6.99
C VAL A 83 -6.69 5.01 6.66
N ASP A 84 -7.39 5.61 5.71
CA ASP A 84 -8.64 5.08 5.26
C ASP A 84 -8.38 3.94 4.29
N LEU A 85 -7.36 4.13 3.45
CA LEU A 85 -7.04 3.15 2.42
C LEU A 85 -6.50 1.87 3.04
N ILE A 86 -5.66 2.03 4.05
CA ILE A 86 -5.04 0.90 4.73
C ILE A 86 -6.06 0.19 5.63
N SER A 87 -7.08 0.90 6.06
CA SER A 87 -8.09 0.34 6.94
C SER A 87 -9.30 -0.17 6.15
N GLY A 88 -9.32 0.09 4.84
CA GLY A 88 -10.42 -0.35 4.01
C GLY A 88 -11.60 0.59 4.09
N LYS A 89 -11.36 1.77 4.62
CA LYS A 89 -12.39 2.78 4.78
C LYS A 89 -12.59 3.55 3.48
N LEU A 90 -11.49 3.86 2.84
CA LEU A 90 -11.52 4.58 1.58
C LEU A 90 -11.20 3.62 0.45
N ASN A 91 -12.11 3.56 -0.51
CA ASN A 91 -11.94 2.71 -1.68
C ASN A 91 -10.85 3.26 -2.59
N PRO A 92 -9.74 2.51 -2.77
CA PRO A 92 -8.65 2.94 -3.65
C PRO A 92 -9.14 3.11 -5.08
N GLN A 93 -10.24 2.44 -5.41
CA GLN A 93 -10.89 2.61 -6.69
C GLN A 93 -11.38 4.03 -6.87
N LYS A 94 -12.25 4.46 -5.96
CA LYS A 94 -12.83 5.80 -6.05
C LYS A 94 -11.76 6.85 -5.88
N ALA A 95 -10.76 6.54 -5.06
CA ALA A 95 -9.66 7.47 -4.84
C ALA A 95 -8.78 7.55 -6.08
N PHE A 96 -8.71 6.46 -6.83
CA PHE A 96 -7.98 6.46 -8.09
C PHE A 96 -8.69 7.39 -9.09
N PHE A 97 -10.01 7.25 -9.14
CA PHE A 97 -10.85 8.06 -10.03
C PHE A 97 -10.84 9.53 -9.64
N GLN A 98 -10.83 9.79 -8.34
CA GLN A 98 -10.88 11.15 -7.81
C GLN A 98 -9.50 11.82 -7.83
N GLY A 99 -8.47 11.06 -8.16
CA GLY A 99 -7.14 11.63 -8.30
C GLY A 99 -6.36 11.65 -6.99
N LYS A 100 -6.83 10.88 -6.01
CA LYS A 100 -6.15 10.75 -4.75
C LYS A 100 -5.03 9.73 -4.89
N ILE A 101 -5.35 8.67 -5.59
CA ILE A 101 -4.44 7.55 -5.77
C ILE A 101 -3.85 7.57 -7.19
N LYS A 102 -2.53 7.52 -7.25
CA LYS A 102 -1.83 7.43 -8.52
C LYS A 102 -0.98 6.16 -8.54
N ILE A 103 -1.49 5.11 -9.18
CA ILE A 103 -0.81 3.82 -9.20
C ILE A 103 -0.61 3.32 -10.62
N GLN A 104 0.62 2.91 -10.93
CA GLN A 104 0.94 2.29 -12.21
C GLN A 104 0.40 0.87 -12.23
N GLY A 105 -0.62 0.63 -13.04
CA GLY A 105 -1.29 -0.65 -13.01
C GLY A 105 -0.54 -1.74 -13.75
N ASN A 106 0.34 -2.44 -13.04
CA ASN A 106 0.96 -3.65 -13.57
C ASN A 106 -0.13 -4.70 -13.79
N MET A 107 -0.40 -4.96 -15.06
CA MET A 107 -1.56 -5.74 -15.48
C MET A 107 -1.72 -7.02 -14.66
N GLY A 108 -0.66 -7.81 -14.59
CA GLY A 108 -0.78 -9.11 -13.95
C GLY A 108 -0.66 -9.04 -12.45
N LEU A 109 0.21 -8.17 -11.96
CA LEU A 109 0.56 -8.15 -10.55
C LEU A 109 -0.48 -7.41 -9.72
N ALA A 110 -0.93 -6.26 -10.22
CA ALA A 110 -1.85 -5.43 -9.45
C ALA A 110 -3.28 -5.96 -9.52
N MET A 111 -3.57 -6.85 -10.48
CA MET A 111 -4.88 -7.48 -10.55
C MET A 111 -5.11 -8.37 -9.34
N LYS A 112 -4.02 -8.92 -8.80
CA LYS A 112 -4.11 -9.76 -7.61
C LYS A 112 -4.57 -8.95 -6.40
N LEU A 113 -4.40 -7.64 -6.49
CA LEU A 113 -4.81 -6.75 -5.41
C LEU A 113 -6.32 -6.52 -5.45
N THR A 114 -6.90 -6.70 -6.64
CA THR A 114 -8.33 -6.49 -6.82
C THR A 114 -9.12 -7.68 -6.31
N ASP A 115 -8.44 -8.83 -6.28
CA ASP A 115 -9.02 -10.07 -5.77
C ASP A 115 -9.63 -9.88 -4.39
N LEU A 116 -8.92 -9.17 -3.55
CA LEU A 116 -9.37 -8.90 -2.19
C LEU A 116 -10.69 -8.14 -2.19
N GLN A 117 -10.67 -6.91 -2.70
CA GLN A 117 -11.86 -6.05 -2.70
C GLN A 117 -13.04 -6.69 -3.42
N ARG A 118 -12.76 -7.42 -4.50
CA ARG A 118 -13.81 -8.10 -5.26
C ARG A 118 -14.62 -9.03 -4.37
N GLN A 119 -13.94 -9.96 -3.71
CA GLN A 119 -14.61 -10.93 -2.85
C GLN A 119 -15.02 -10.28 -1.53
N ALA A 120 -14.34 -9.20 -1.16
CA ALA A 120 -14.66 -8.48 0.07
C ALA A 120 -16.04 -7.84 -0.01
N ALA A 121 -16.29 -7.12 -1.10
CA ALA A 121 -17.56 -6.46 -1.30
C ALA A 121 -18.62 -7.46 -1.76
N GLY A 122 -18.18 -8.45 -2.54
CA GLY A 122 -19.09 -9.46 -3.03
C GLY A 122 -19.72 -9.07 -4.34
N ARG A 123 -19.92 -7.76 -4.51
CA ARG A 123 -20.43 -7.21 -5.76
C ARG A 123 -20.06 -5.74 -5.85
N ILE A 124 -19.55 -5.34 -7.00
CA ILE A 124 -19.13 -3.96 -7.21
C ILE A 124 -19.88 -3.36 -8.40
N GLU A 125 -19.48 -3.77 -9.60
CA GLU A 125 -20.02 -3.22 -10.81
C GLU A 125 -21.05 -4.17 -11.42
N SER A 126 -22.01 -3.62 -12.14
CA SER A 126 -23.08 -4.41 -12.73
C SER A 126 -23.51 -3.78 -14.06
N ILE A 127 -24.02 -4.61 -14.96
CA ILE A 127 -24.49 -4.13 -16.26
C ILE A 127 -25.97 -4.46 -16.44
N GLY A 1 17.63 14.28 2.13
CA GLY A 1 16.46 15.11 1.73
C GLY A 1 15.94 15.96 2.86
N SER A 2 14.93 16.77 2.58
CA SER A 2 14.37 17.68 3.57
C SER A 2 13.00 17.19 4.04
N SER A 3 12.82 15.88 4.01
CA SER A 3 11.57 15.28 4.44
C SER A 3 11.59 14.98 5.93
N GLY A 4 10.42 14.79 6.52
CA GLY A 4 10.34 14.46 7.93
C GLY A 4 10.53 12.98 8.16
N ASN A 5 10.76 12.59 9.40
CA ASN A 5 10.96 11.19 9.75
C ASN A 5 9.70 10.37 9.46
N PRO A 6 9.90 9.10 9.06
CA PRO A 6 8.81 8.22 8.64
C PRO A 6 7.84 7.93 9.77
N GLU A 7 8.36 7.96 10.99
CA GLU A 7 7.56 7.71 12.18
C GLU A 7 6.49 8.79 12.37
N ASP A 8 6.82 10.03 11.99
CA ASP A 8 5.89 11.15 12.12
C ASP A 8 4.72 11.03 11.14
N PHE A 9 4.84 10.12 10.19
CA PHE A 9 3.78 9.88 9.23
C PHE A 9 2.72 8.98 9.85
N LYS A 10 1.47 9.25 9.51
CA LYS A 10 0.35 8.49 10.03
C LYS A 10 0.29 7.13 9.36
N VAL A 11 0.92 7.04 8.20
CA VAL A 11 0.99 5.79 7.47
C VAL A 11 2.01 4.84 8.11
N PHE A 12 2.88 5.38 8.96
CA PHE A 12 3.93 4.59 9.59
C PHE A 12 3.33 3.37 10.29
N LYS A 13 2.41 3.63 11.22
CA LYS A 13 1.79 2.58 12.02
C LYS A 13 0.95 1.66 11.15
N TYR A 14 0.36 2.21 10.09
CA TYR A 14 -0.44 1.41 9.17
C TYR A 14 0.43 0.48 8.34
N MET A 15 1.52 1.00 7.79
CA MET A 15 2.45 0.15 7.04
C MET A 15 3.13 -0.85 7.96
N LYS A 16 3.32 -0.47 9.23
CA LYS A 16 3.91 -1.36 10.21
C LYS A 16 3.02 -2.57 10.45
N ILE A 17 1.71 -2.36 10.42
CA ILE A 17 0.78 -3.48 10.57
C ILE A 17 0.49 -4.10 9.22
N LEU A 18 0.81 -3.37 8.14
CA LEU A 18 0.80 -3.95 6.80
C LEU A 18 1.87 -5.02 6.75
N GLU A 19 3.07 -4.64 7.17
CA GLU A 19 4.21 -5.54 7.35
C GLU A 19 3.76 -6.83 8.03
N GLU A 20 2.99 -6.66 9.09
CA GLU A 20 2.45 -7.78 9.85
C GLU A 20 1.35 -8.51 9.09
N ALA A 21 0.29 -7.78 8.77
CA ALA A 21 -0.96 -8.34 8.27
C ALA A 21 -0.77 -9.21 7.05
N MET A 22 0.14 -8.80 6.16
CA MET A 22 0.40 -9.54 4.94
C MET A 22 0.85 -10.98 5.23
N GLU A 23 1.73 -11.14 6.21
CA GLU A 23 2.20 -12.48 6.59
C GLU A 23 1.33 -13.07 7.70
N ASN A 24 0.70 -12.20 8.47
CA ASN A 24 -0.18 -12.60 9.57
C ASN A 24 -1.38 -13.36 9.03
N ASP A 25 -1.79 -13.01 7.81
CA ASP A 25 -2.88 -13.69 7.14
C ASP A 25 -2.62 -15.19 7.09
N THR A 26 -3.66 -15.94 7.39
CA THR A 26 -3.60 -17.38 7.54
C THR A 26 -2.96 -18.08 6.34
N GLU A 27 -3.26 -17.59 5.15
CA GLU A 27 -2.72 -18.19 3.94
C GLU A 27 -1.58 -17.36 3.38
N ASN A 28 -1.13 -16.35 4.15
CA ASN A 28 -0.03 -15.46 3.77
C ASN A 28 -0.03 -15.22 2.26
N LEU A 29 -1.07 -14.51 1.83
CA LEU A 29 -1.37 -14.30 0.42
C LEU A 29 -0.25 -13.57 -0.31
N ILE A 30 0.79 -13.21 0.41
CA ILE A 30 1.93 -12.52 -0.17
C ILE A 30 2.61 -13.42 -1.21
N GLU A 31 2.51 -14.74 -1.01
CA GLU A 31 3.11 -15.70 -1.93
C GLU A 31 2.26 -15.82 -3.20
N LYS A 32 1.08 -15.24 -3.16
CA LYS A 32 0.18 -15.27 -4.30
C LYS A 32 0.23 -13.96 -5.07
N VAL A 33 0.81 -12.95 -4.44
CA VAL A 33 0.89 -11.62 -5.03
C VAL A 33 2.31 -11.07 -4.94
N ARG A 34 3.29 -11.98 -5.02
CA ARG A 34 4.69 -11.60 -4.95
C ARG A 34 5.03 -10.49 -5.93
N GLY A 35 5.28 -9.32 -5.36
CA GLY A 35 5.56 -8.14 -6.13
C GLY A 35 6.11 -7.04 -5.25
N ILE A 36 6.64 -5.98 -5.81
CA ILE A 36 7.17 -4.92 -4.98
C ILE A 36 6.25 -3.71 -5.01
N TYR A 37 5.85 -3.27 -3.83
CA TYR A 37 4.94 -2.15 -3.68
C TYR A 37 5.68 -0.90 -3.24
N GLY A 38 5.56 0.15 -4.03
CA GLY A 38 6.17 1.41 -3.67
C GLY A 38 5.14 2.36 -3.09
N PHE A 39 5.41 2.86 -1.90
CA PHE A 39 4.49 3.78 -1.25
C PHE A 39 5.04 5.20 -1.24
N LYS A 40 4.55 6.00 -2.17
CA LYS A 40 4.86 7.41 -2.21
C LYS A 40 3.78 8.19 -1.49
N VAL A 41 4.05 8.59 -0.26
CA VAL A 41 3.05 9.22 0.58
C VAL A 41 3.34 10.71 0.76
N ARG A 42 2.42 11.54 0.29
CA ARG A 42 2.59 12.98 0.34
C ARG A 42 1.76 13.57 1.48
N ASN A 43 1.80 14.89 1.63
CA ASN A 43 1.03 15.59 2.66
C ASN A 43 1.38 15.10 4.06
N GLY A 44 2.67 14.96 4.31
CA GLY A 44 3.13 14.54 5.62
C GLY A 44 3.06 15.65 6.65
N PRO A 45 3.85 15.55 7.73
CA PRO A 45 3.88 16.53 8.83
C PRO A 45 3.84 17.98 8.34
N ASN A 46 4.84 18.35 7.55
CA ASN A 46 4.87 19.68 6.94
C ASN A 46 4.74 19.52 5.44
N GLY A 47 3.78 18.71 5.02
CA GLY A 47 3.60 18.41 3.61
C GLY A 47 4.68 17.51 3.07
N ALA A 48 5.40 16.88 3.99
CA ALA A 48 6.52 16.01 3.64
C ALA A 48 6.07 14.81 2.85
N GLU A 49 6.90 14.44 1.91
CA GLU A 49 6.65 13.32 1.05
C GLU A 49 7.56 12.16 1.41
N GLY A 50 6.96 11.13 1.98
CA GLY A 50 7.72 9.97 2.40
C GLY A 50 7.61 8.86 1.38
N TYR A 51 8.61 7.99 1.34
CA TYR A 51 8.63 6.92 0.38
C TYR A 51 9.13 5.62 1.01
N TRP A 52 8.27 4.62 1.04
CA TRP A 52 8.65 3.32 1.55
C TRP A 52 8.48 2.27 0.46
N VAL A 53 9.13 1.14 0.65
CA VAL A 53 9.05 0.04 -0.28
C VAL A 53 8.64 -1.23 0.43
N ILE A 54 7.51 -1.78 0.03
CA ILE A 54 7.04 -3.04 0.58
C ILE A 54 7.45 -4.17 -0.35
N ASN A 55 8.51 -4.86 0.02
CA ASN A 55 9.04 -5.94 -0.79
C ASN A 55 8.25 -7.22 -0.55
N ALA A 56 7.31 -7.49 -1.43
CA ALA A 56 6.55 -8.72 -1.37
C ALA A 56 7.09 -9.71 -2.38
N LYS A 57 8.06 -9.27 -3.19
CA LYS A 57 8.64 -10.11 -4.23
C LYS A 57 9.41 -11.27 -3.60
N GLU A 58 10.09 -10.97 -2.51
CA GLU A 58 10.85 -11.98 -1.76
C GLU A 58 9.92 -12.79 -0.85
N GLY A 59 8.64 -12.46 -0.90
CA GLY A 59 7.67 -13.15 -0.07
C GLY A 59 7.71 -12.67 1.36
N LYS A 60 8.38 -11.56 1.59
CA LYS A 60 8.51 -11.01 2.94
C LYS A 60 7.32 -10.12 3.26
N GLY A 61 7.00 -9.20 2.36
CA GLY A 61 5.93 -8.26 2.61
C GLY A 61 6.34 -7.24 3.65
N LYS A 62 7.62 -6.91 3.66
CA LYS A 62 8.16 -5.98 4.65
C LYS A 62 8.27 -4.59 4.04
N VAL A 63 8.13 -3.57 4.87
CA VAL A 63 8.18 -2.20 4.39
C VAL A 63 9.49 -1.55 4.85
N THR A 64 10.25 -1.07 3.87
CA THR A 64 11.54 -0.45 4.13
C THR A 64 11.61 0.89 3.41
N TYR A 65 12.08 1.91 4.12
CA TYR A 65 12.11 3.26 3.54
C TYR A 65 13.07 3.30 2.36
N ASN A 66 12.58 3.85 1.24
CA ASN A 66 13.33 3.94 -0.02
C ASN A 66 13.47 2.57 -0.70
N GLY A 67 13.76 1.55 0.08
CA GLY A 67 13.88 0.18 -0.40
C GLY A 67 15.11 -0.08 -1.25
N GLY A 68 15.42 0.85 -2.14
CA GLY A 68 16.51 0.65 -3.09
C GLY A 68 16.13 -0.36 -4.16
N GLU A 69 14.84 -0.66 -4.23
CA GLU A 69 14.32 -1.65 -5.18
C GLU A 69 13.38 -0.98 -6.16
N LYS A 70 13.05 -1.68 -7.23
CA LYS A 70 12.13 -1.18 -8.22
C LYS A 70 10.74 -1.80 -8.01
N PRO A 71 9.79 -0.99 -7.55
CA PRO A 71 8.43 -1.45 -7.28
C PRO A 71 7.64 -1.72 -8.56
N ASP A 72 7.06 -2.92 -8.62
CA ASP A 72 6.16 -3.29 -9.71
C ASP A 72 4.96 -2.35 -9.71
N VAL A 73 4.39 -2.14 -8.53
CA VAL A 73 3.26 -1.25 -8.38
C VAL A 73 3.56 -0.18 -7.32
N THR A 74 3.42 1.07 -7.72
CA THR A 74 3.70 2.19 -6.82
C THR A 74 2.47 3.08 -6.68
N PHE A 75 2.05 3.32 -5.44
CA PHE A 75 0.88 4.15 -5.18
C PHE A 75 1.31 5.51 -4.65
N THR A 76 0.69 6.57 -5.16
CA THR A 76 0.95 7.92 -4.68
C THR A 76 -0.28 8.43 -3.91
N ILE A 77 -0.20 8.36 -2.60
CA ILE A 77 -1.30 8.71 -1.72
C ILE A 77 -0.83 9.75 -0.71
N SER A 78 -1.76 10.42 -0.08
CA SER A 78 -1.45 11.38 0.95
C SER A 78 -1.61 10.75 2.34
N ASP A 79 -0.73 11.17 3.26
CA ASP A 79 -0.65 10.63 4.63
C ASP A 79 -1.98 10.69 5.34
N GLU A 80 -2.83 11.60 4.89
CA GLU A 80 -4.13 11.82 5.50
C GLU A 80 -5.15 10.81 4.97
N ASP A 81 -5.03 10.46 3.70
CA ASP A 81 -6.03 9.62 3.04
C ASP A 81 -5.71 8.14 3.17
N VAL A 82 -4.42 7.82 3.33
CA VAL A 82 -3.96 6.43 3.40
C VAL A 82 -4.70 5.65 4.48
N VAL A 83 -5.06 6.34 5.55
CA VAL A 83 -5.58 5.69 6.74
C VAL A 83 -6.93 5.04 6.48
N ASP A 84 -7.68 5.57 5.52
CA ASP A 84 -8.95 4.97 5.15
C ASP A 84 -8.74 3.94 4.06
N LEU A 85 -7.70 4.13 3.26
CA LEU A 85 -7.38 3.20 2.18
C LEU A 85 -6.90 1.87 2.74
N ILE A 86 -6.06 1.95 3.75
CA ILE A 86 -5.48 0.77 4.37
C ILE A 86 -6.49 0.08 5.30
N SER A 87 -7.41 0.86 5.85
CA SER A 87 -8.42 0.30 6.74
C SER A 87 -9.60 -0.25 5.94
N GLY A 88 -9.81 0.29 4.75
CA GLY A 88 -10.89 -0.18 3.89
C GLY A 88 -12.03 0.81 3.78
N LYS A 89 -11.95 1.90 4.54
CA LYS A 89 -12.98 2.94 4.50
C LYS A 89 -12.99 3.68 3.17
N LEU A 90 -11.82 3.98 2.65
CA LEU A 90 -11.71 4.74 1.41
C LEU A 90 -11.44 3.81 0.25
N ASN A 91 -12.35 3.81 -0.70
CA ASN A 91 -12.22 3.00 -1.91
C ASN A 91 -11.05 3.50 -2.75
N PRO A 92 -10.02 2.66 -2.98
CA PRO A 92 -8.86 3.04 -3.76
C PRO A 92 -9.26 3.31 -5.21
N GLN A 93 -10.39 2.75 -5.61
CA GLN A 93 -10.97 3.01 -6.91
C GLN A 93 -11.38 4.46 -7.05
N LYS A 94 -12.18 4.95 -6.11
CA LYS A 94 -12.64 6.32 -6.16
C LYS A 94 -11.47 7.26 -5.94
N ALA A 95 -10.53 6.82 -5.12
CA ALA A 95 -9.33 7.60 -4.87
C ALA A 95 -8.48 7.68 -6.13
N PHE A 96 -8.46 6.59 -6.88
CA PHE A 96 -7.75 6.53 -8.16
C PHE A 96 -8.32 7.59 -9.10
N PHE A 97 -9.65 7.62 -9.19
CA PHE A 97 -10.35 8.53 -10.09
C PHE A 97 -10.20 9.98 -9.63
N GLN A 98 -10.20 10.18 -8.33
CA GLN A 98 -10.13 11.51 -7.74
C GLN A 98 -8.68 12.01 -7.63
N GLY A 99 -7.74 11.22 -8.13
CA GLY A 99 -6.35 11.66 -8.16
C GLY A 99 -5.62 11.49 -6.83
N LYS A 100 -6.23 10.73 -5.93
CA LYS A 100 -5.62 10.47 -4.63
C LYS A 100 -4.81 9.19 -4.67
N ILE A 101 -4.96 8.46 -5.76
CA ILE A 101 -4.23 7.24 -5.98
C ILE A 101 -3.66 7.22 -7.40
N LYS A 102 -2.34 7.37 -7.47
CA LYS A 102 -1.61 7.28 -8.71
C LYS A 102 -0.73 6.04 -8.64
N ILE A 103 -1.11 5.02 -9.39
CA ILE A 103 -0.49 3.70 -9.28
C ILE A 103 -0.15 3.12 -10.64
N GLN A 104 1.04 2.54 -10.74
CA GLN A 104 1.52 1.91 -11.97
C GLN A 104 0.69 0.67 -12.28
N GLY A 105 0.10 0.65 -13.46
CA GLY A 105 -0.80 -0.43 -13.81
C GLY A 105 -0.07 -1.71 -14.20
N ASN A 106 0.22 -2.53 -13.21
CA ASN A 106 0.75 -3.88 -13.44
C ASN A 106 -0.35 -4.88 -13.14
N MET A 107 -1.03 -5.30 -14.20
CA MET A 107 -2.25 -6.07 -14.09
C MET A 107 -2.06 -7.38 -13.33
N GLY A 108 -1.07 -8.17 -13.70
CA GLY A 108 -0.90 -9.47 -13.08
C GLY A 108 -0.35 -9.36 -11.66
N LEU A 109 0.06 -8.15 -11.32
CA LEU A 109 0.65 -7.86 -10.03
C LEU A 109 -0.44 -7.39 -9.06
N ALA A 110 -1.14 -6.35 -9.48
CA ALA A 110 -2.09 -5.67 -8.63
C ALA A 110 -3.48 -6.28 -8.77
N MET A 111 -3.63 -7.25 -9.67
CA MET A 111 -4.92 -7.91 -9.84
C MET A 111 -5.32 -8.62 -8.56
N LYS A 112 -4.34 -8.97 -7.74
CA LYS A 112 -4.63 -9.64 -6.50
C LYS A 112 -5.23 -8.68 -5.47
N LEU A 113 -5.08 -7.38 -5.72
CA LEU A 113 -5.68 -6.38 -4.86
C LEU A 113 -7.19 -6.33 -5.12
N THR A 114 -7.56 -6.17 -6.38
CA THR A 114 -8.97 -6.15 -6.76
C THR A 114 -9.59 -7.53 -6.51
N ASP A 115 -8.77 -8.57 -6.69
CA ASP A 115 -9.19 -9.94 -6.43
C ASP A 115 -9.72 -10.10 -5.02
N LEU A 116 -8.96 -9.58 -4.05
CA LEU A 116 -9.32 -9.67 -2.65
C LEU A 116 -10.60 -8.90 -2.33
N GLN A 117 -10.68 -7.66 -2.79
CA GLN A 117 -11.81 -6.79 -2.46
C GLN A 117 -13.10 -7.23 -3.16
N ARG A 118 -12.98 -7.72 -4.38
CA ARG A 118 -14.15 -8.23 -5.10
C ARG A 118 -14.66 -9.50 -4.43
N GLN A 119 -13.73 -10.33 -3.97
CA GLN A 119 -14.07 -11.55 -3.27
C GLN A 119 -14.63 -11.20 -1.89
N ALA A 120 -14.20 -10.06 -1.36
CA ALA A 120 -14.67 -9.58 -0.06
C ALA A 120 -16.16 -9.26 -0.12
N ALA A 121 -16.63 -8.81 -1.27
CA ALA A 121 -18.04 -8.53 -1.47
C ALA A 121 -18.75 -9.72 -2.08
N GLY A 122 -17.96 -10.69 -2.56
CA GLY A 122 -18.50 -11.89 -3.17
C GLY A 122 -19.24 -11.62 -4.45
N ARG A 123 -18.99 -10.44 -5.02
CA ARG A 123 -19.73 -9.97 -6.19
C ARG A 123 -18.85 -9.06 -7.02
N ILE A 124 -19.41 -8.53 -8.09
CA ILE A 124 -18.76 -7.50 -8.87
C ILE A 124 -19.17 -6.14 -8.31
N GLU A 125 -18.43 -5.11 -8.66
CA GLU A 125 -18.79 -3.74 -8.30
C GLU A 125 -20.30 -3.50 -8.45
N SER A 126 -20.94 -3.19 -7.35
CA SER A 126 -22.36 -2.91 -7.33
C SER A 126 -22.59 -1.46 -6.93
N ILE A 127 -22.88 -0.63 -7.92
CA ILE A 127 -23.04 0.80 -7.68
C ILE A 127 -24.50 1.13 -7.37
N GLY A 1 14.79 18.37 7.50
CA GLY A 1 14.81 19.20 6.27
C GLY A 1 13.41 19.55 5.81
N SER A 2 13.15 19.42 4.51
CA SER A 2 11.85 19.72 3.95
C SER A 2 10.82 18.69 4.43
N SER A 3 11.17 17.42 4.28
CA SER A 3 10.31 16.35 4.74
C SER A 3 10.74 15.87 6.13
N GLY A 4 9.84 16.01 7.08
CA GLY A 4 10.10 15.57 8.45
C GLY A 4 10.29 14.07 8.54
N ASN A 5 10.69 13.62 9.73
CA ASN A 5 10.97 12.21 9.98
C ASN A 5 9.80 11.32 9.56
N PRO A 6 10.10 10.10 9.09
CA PRO A 6 9.09 9.16 8.59
C PRO A 6 8.21 8.65 9.71
N GLU A 7 8.72 8.76 10.93
CA GLU A 7 8.00 8.34 12.12
C GLU A 7 6.88 9.32 12.43
N ASP A 8 7.01 10.53 11.89
CA ASP A 8 5.99 11.56 12.06
C ASP A 8 4.84 11.38 11.07
N PHE A 9 4.94 10.34 10.24
CA PHE A 9 3.88 10.00 9.31
C PHE A 9 2.92 9.02 9.98
N LYS A 10 1.68 9.03 9.53
CA LYS A 10 0.66 8.15 10.07
C LYS A 10 0.81 6.78 9.42
N VAL A 11 1.37 6.80 8.21
CA VAL A 11 1.63 5.58 7.46
C VAL A 11 2.73 4.77 8.13
N PHE A 12 3.47 5.38 9.04
CA PHE A 12 4.53 4.70 9.78
C PHE A 12 3.99 3.44 10.44
N LYS A 13 3.02 3.62 11.32
CA LYS A 13 2.44 2.54 12.07
C LYS A 13 1.55 1.68 11.16
N TYR A 14 0.91 2.31 10.21
CA TYR A 14 0.02 1.62 9.29
C TYR A 14 0.79 0.67 8.37
N MET A 15 1.85 1.16 7.75
CA MET A 15 2.72 0.34 6.91
C MET A 15 3.38 -0.76 7.75
N LYS A 16 3.60 -0.48 9.02
CA LYS A 16 4.21 -1.46 9.91
C LYS A 16 3.24 -2.58 10.24
N ILE A 17 1.95 -2.28 10.34
CA ILE A 17 0.97 -3.34 10.55
C ILE A 17 0.63 -3.98 9.21
N LEU A 18 0.87 -3.25 8.12
CA LEU A 18 0.77 -3.80 6.78
C LEU A 18 1.77 -4.95 6.66
N GLU A 19 3.01 -4.65 7.03
CA GLU A 19 4.10 -5.63 7.09
C GLU A 19 3.63 -6.93 7.74
N GLU A 20 2.97 -6.78 8.87
CA GLU A 20 2.49 -7.91 9.66
C GLU A 20 1.24 -8.54 9.05
N ALA A 21 0.24 -7.72 8.79
CA ALA A 21 -1.10 -8.18 8.43
C ALA A 21 -1.11 -8.97 7.11
N MET A 22 -0.23 -8.59 6.18
CA MET A 22 -0.17 -9.26 4.90
C MET A 22 0.20 -10.73 5.05
N GLU A 23 1.19 -11.02 5.90
CA GLU A 23 1.59 -12.40 6.13
C GLU A 23 0.80 -13.01 7.29
N ASN A 24 0.18 -12.16 8.09
CA ASN A 24 -0.69 -12.60 9.18
C ASN A 24 -1.91 -13.32 8.62
N ASP A 25 -2.16 -13.09 7.33
CA ASP A 25 -3.19 -13.80 6.60
C ASP A 25 -2.97 -15.29 6.72
N THR A 26 -4.02 -16.01 7.11
CA THR A 26 -3.96 -17.43 7.38
C THR A 26 -3.58 -18.23 6.14
N GLU A 27 -3.87 -17.69 4.96
CA GLU A 27 -3.57 -18.38 3.72
C GLU A 27 -2.29 -17.84 3.09
N ASN A 28 -1.70 -16.86 3.78
CA ASN A 28 -0.51 -16.12 3.32
C ASN A 28 -0.57 -15.84 1.83
N LEU A 29 -1.69 -15.24 1.40
CA LEU A 29 -1.95 -14.97 -0.02
C LEU A 29 -0.90 -14.06 -0.66
N ILE A 30 0.04 -13.56 0.15
CA ILE A 30 1.14 -12.74 -0.36
C ILE A 30 1.91 -13.48 -1.45
N GLU A 31 1.94 -14.81 -1.34
CA GLU A 31 2.69 -15.65 -2.28
C GLU A 31 2.11 -15.54 -3.69
N LYS A 32 0.79 -15.43 -3.78
CA LYS A 32 0.11 -15.42 -5.07
C LYS A 32 0.25 -14.07 -5.77
N VAL A 33 0.66 -13.07 -5.01
CA VAL A 33 0.76 -11.72 -5.52
C VAL A 33 2.13 -11.12 -5.17
N ARG A 34 3.13 -11.98 -5.11
CA ARG A 34 4.49 -11.55 -4.78
C ARG A 34 5.00 -10.49 -5.72
N GLY A 35 5.26 -9.32 -5.15
CA GLY A 35 5.73 -8.19 -5.92
C GLY A 35 6.15 -7.06 -5.02
N ILE A 36 6.71 -6.01 -5.59
CA ILE A 36 7.16 -4.88 -4.79
C ILE A 36 6.22 -3.70 -4.90
N TYR A 37 5.75 -3.23 -3.76
CA TYR A 37 4.80 -2.13 -3.71
C TYR A 37 5.50 -0.87 -3.21
N GLY A 38 5.66 0.10 -4.08
CA GLY A 38 6.29 1.35 -3.69
C GLY A 38 5.26 2.39 -3.30
N PHE A 39 5.28 2.80 -2.05
CA PHE A 39 4.33 3.77 -1.56
C PHE A 39 4.92 5.17 -1.49
N LYS A 40 4.46 6.03 -2.38
CA LYS A 40 4.87 7.43 -2.37
C LYS A 40 3.83 8.24 -1.60
N VAL A 41 4.15 8.55 -0.36
CA VAL A 41 3.21 9.23 0.52
C VAL A 41 3.51 10.72 0.56
N ARG A 42 2.46 11.53 0.42
CA ARG A 42 2.59 12.98 0.44
C ARG A 42 1.73 13.58 1.55
N ASN A 43 1.86 14.88 1.77
CA ASN A 43 1.11 15.60 2.81
C ASN A 43 1.39 15.03 4.19
N GLY A 44 2.66 14.88 4.51
CA GLY A 44 3.05 14.42 5.83
C GLY A 44 2.98 15.51 6.88
N PRO A 45 3.96 15.57 7.81
CA PRO A 45 4.03 16.60 8.86
C PRO A 45 3.66 18.01 8.38
N ASN A 46 4.42 18.53 7.43
CA ASN A 46 4.16 19.86 6.89
C ASN A 46 4.66 19.94 5.46
N GLY A 47 3.85 19.46 4.54
CA GLY A 47 4.22 19.45 3.13
C GLY A 47 5.27 18.41 2.84
N ALA A 48 5.46 17.53 3.81
CA ALA A 48 6.51 16.52 3.75
C ALA A 48 6.06 15.33 2.94
N GLU A 49 7.03 14.60 2.43
CA GLU A 49 6.78 13.45 1.60
C GLU A 49 7.63 12.27 2.04
N GLY A 50 7.04 11.11 1.95
CA GLY A 50 7.72 9.90 2.36
C GLY A 50 7.58 8.81 1.34
N TYR A 51 8.43 7.79 1.42
CA TYR A 51 8.44 6.73 0.44
C TYR A 51 8.85 5.40 1.08
N TRP A 52 7.95 4.43 1.07
CA TRP A 52 8.23 3.13 1.65
C TRP A 52 8.09 2.05 0.59
N VAL A 53 9.00 1.10 0.62
CA VAL A 53 8.98 -0.02 -0.31
C VAL A 53 8.55 -1.30 0.39
N ILE A 54 7.39 -1.80 0.03
CA ILE A 54 6.91 -3.06 0.55
C ILE A 54 7.38 -4.19 -0.37
N ASN A 55 8.44 -4.87 0.03
CA ASN A 55 8.98 -5.95 -0.77
C ASN A 55 8.25 -7.25 -0.47
N ALA A 56 7.29 -7.56 -1.31
CA ALA A 56 6.57 -8.82 -1.23
C ALA A 56 7.10 -9.77 -2.29
N LYS A 57 8.07 -9.29 -3.07
CA LYS A 57 8.69 -10.08 -4.15
C LYS A 57 9.39 -11.29 -3.55
N GLU A 58 10.14 -11.06 -2.49
CA GLU A 58 10.82 -12.13 -1.78
C GLU A 58 9.82 -12.95 -0.97
N GLY A 59 8.59 -12.46 -0.91
CA GLY A 59 7.55 -13.12 -0.16
C GLY A 59 7.56 -12.72 1.29
N LYS A 60 8.53 -11.89 1.65
CA LYS A 60 8.70 -11.45 3.02
C LYS A 60 7.61 -10.47 3.44
N GLY A 61 7.27 -9.57 2.51
CA GLY A 61 6.19 -8.63 2.75
C GLY A 61 6.60 -7.52 3.69
N LYS A 62 7.85 -7.11 3.63
CA LYS A 62 8.38 -6.11 4.55
C LYS A 62 8.37 -4.74 3.91
N VAL A 63 8.19 -3.70 4.71
CA VAL A 63 8.21 -2.35 4.19
C VAL A 63 9.48 -1.65 4.67
N THR A 64 10.17 -1.00 3.76
CA THR A 64 11.40 -0.31 4.09
C THR A 64 11.41 1.08 3.46
N TYR A 65 11.69 2.09 4.29
CA TYR A 65 11.72 3.47 3.83
C TYR A 65 12.85 3.68 2.84
N ASN A 66 12.50 4.15 1.64
CA ASN A 66 13.45 4.36 0.55
C ASN A 66 14.22 3.05 0.28
N GLY A 67 13.49 2.05 -0.18
CA GLY A 67 14.05 0.72 -0.35
C GLY A 67 15.09 0.64 -1.45
N GLY A 68 14.84 1.32 -2.56
CA GLY A 68 15.77 1.28 -3.67
C GLY A 68 15.41 0.21 -4.68
N GLU A 69 14.66 -0.78 -4.24
CA GLU A 69 14.17 -1.82 -5.11
C GLU A 69 13.11 -1.25 -6.03
N LYS A 70 13.07 -1.71 -7.28
CA LYS A 70 12.09 -1.23 -8.21
C LYS A 70 10.74 -1.89 -7.94
N PRO A 71 9.77 -1.07 -7.54
CA PRO A 71 8.41 -1.53 -7.29
C PRO A 71 7.69 -1.92 -8.57
N ASP A 72 7.15 -3.13 -8.58
CA ASP A 72 6.32 -3.60 -9.69
C ASP A 72 5.11 -2.70 -9.83
N VAL A 73 4.64 -2.20 -8.69
CA VAL A 73 3.56 -1.22 -8.66
C VAL A 73 3.88 -0.12 -7.65
N THR A 74 3.52 1.11 -7.99
CA THR A 74 3.78 2.26 -7.12
C THR A 74 2.49 3.03 -6.89
N PHE A 75 2.28 3.48 -5.66
CA PHE A 75 1.07 4.21 -5.29
C PHE A 75 1.43 5.57 -4.73
N THR A 76 0.94 6.63 -5.35
CA THR A 76 1.06 7.95 -4.78
C THR A 76 -0.18 8.27 -3.96
N ILE A 77 -0.01 8.39 -2.65
CA ILE A 77 -1.11 8.59 -1.73
C ILE A 77 -0.70 9.65 -0.70
N SER A 78 -1.67 10.29 -0.08
CA SER A 78 -1.39 11.27 0.95
C SER A 78 -1.61 10.64 2.33
N ASP A 79 -0.76 11.07 3.27
CA ASP A 79 -0.71 10.55 4.65
C ASP A 79 -2.09 10.57 5.31
N GLU A 80 -2.87 11.58 4.99
CA GLU A 80 -4.18 11.76 5.60
C GLU A 80 -5.17 10.72 5.10
N ASP A 81 -5.04 10.35 3.83
CA ASP A 81 -5.99 9.44 3.20
C ASP A 81 -5.54 7.99 3.34
N VAL A 82 -4.26 7.79 3.62
CA VAL A 82 -3.69 6.46 3.75
C VAL A 82 -4.44 5.66 4.82
N VAL A 83 -4.91 6.34 5.84
CA VAL A 83 -5.51 5.69 7.00
C VAL A 83 -6.79 4.96 6.62
N ASP A 84 -7.45 5.44 5.57
CA ASP A 84 -8.66 4.78 5.08
C ASP A 84 -8.28 3.69 4.10
N LEU A 85 -7.16 3.89 3.41
CA LEU A 85 -6.70 2.92 2.41
C LEU A 85 -6.09 1.70 3.10
N ILE A 86 -5.34 1.92 4.16
CA ILE A 86 -4.73 0.84 4.92
C ILE A 86 -5.81 0.00 5.62
N SER A 87 -6.85 0.69 6.09
CA SER A 87 -7.92 0.05 6.84
C SER A 87 -8.90 -0.67 5.91
N GLY A 88 -8.93 -0.25 4.66
CA GLY A 88 -9.86 -0.82 3.70
C GLY A 88 -11.16 -0.03 3.65
N LYS A 89 -11.13 1.14 4.28
CA LYS A 89 -12.28 2.03 4.31
C LYS A 89 -12.42 2.81 3.02
N LEU A 90 -11.30 3.30 2.53
CA LEU A 90 -11.30 4.04 1.29
C LEU A 90 -10.90 3.12 0.15
N ASN A 91 -11.81 2.99 -0.82
CA ASN A 91 -11.57 2.16 -1.99
C ASN A 91 -10.50 2.80 -2.85
N PRO A 92 -9.35 2.12 -3.04
CA PRO A 92 -8.27 2.64 -3.86
C PRO A 92 -8.72 2.82 -5.31
N GLN A 93 -9.76 2.09 -5.67
CA GLN A 93 -10.40 2.24 -6.97
C GLN A 93 -10.99 3.63 -7.13
N LYS A 94 -11.85 4.01 -6.20
CA LYS A 94 -12.52 5.30 -6.27
C LYS A 94 -11.50 6.41 -6.08
N ALA A 95 -10.50 6.15 -5.25
CA ALA A 95 -9.47 7.13 -5.00
C ALA A 95 -8.60 7.31 -6.24
N PHE A 96 -8.45 6.23 -6.99
CA PHE A 96 -7.74 6.28 -8.26
C PHE A 96 -8.47 7.21 -9.21
N PHE A 97 -9.77 6.99 -9.34
CA PHE A 97 -10.62 7.76 -10.24
C PHE A 97 -10.68 9.22 -9.80
N GLN A 98 -10.76 9.43 -8.49
CA GLN A 98 -10.87 10.77 -7.93
C GLN A 98 -9.54 11.52 -7.94
N GLY A 99 -8.46 10.83 -8.29
CA GLY A 99 -7.17 11.48 -8.45
C GLY A 99 -6.31 11.43 -7.21
N LYS A 100 -6.85 10.88 -6.14
CA LYS A 100 -6.11 10.71 -4.90
C LYS A 100 -4.98 9.70 -5.06
N ILE A 101 -5.27 8.65 -5.79
CA ILE A 101 -4.35 7.54 -5.95
C ILE A 101 -3.72 7.52 -7.34
N LYS A 102 -2.40 7.38 -7.36
CA LYS A 102 -1.68 7.21 -8.62
C LYS A 102 -0.92 5.89 -8.58
N ILE A 103 -1.48 4.86 -9.21
CA ILE A 103 -0.86 3.55 -9.21
C ILE A 103 -0.71 3.00 -10.63
N GLN A 104 0.50 2.54 -10.93
CA GLN A 104 0.76 1.87 -12.19
C GLN A 104 0.33 0.41 -12.07
N GLY A 105 -0.85 0.10 -12.58
CA GLY A 105 -1.42 -1.21 -12.37
C GLY A 105 -0.74 -2.30 -13.19
N ASN A 106 0.08 -3.10 -12.53
CA ASN A 106 0.65 -4.29 -13.15
C ASN A 106 -0.47 -5.31 -13.36
N MET A 107 -0.63 -5.72 -14.62
CA MET A 107 -1.76 -6.56 -15.03
C MET A 107 -1.89 -7.83 -14.20
N GLY A 108 -0.77 -8.33 -13.70
CA GLY A 108 -0.82 -9.50 -12.85
C GLY A 108 -0.92 -9.15 -11.39
N LEU A 109 -0.01 -8.28 -10.96
CA LEU A 109 0.16 -7.96 -9.56
C LEU A 109 -1.02 -7.19 -8.99
N ALA A 110 -1.20 -5.96 -9.47
CA ALA A 110 -2.20 -5.06 -8.93
C ALA A 110 -3.60 -5.59 -9.15
N MET A 111 -3.75 -6.43 -10.16
CA MET A 111 -5.03 -7.04 -10.44
C MET A 111 -5.38 -8.08 -9.39
N LYS A 112 -4.36 -8.72 -8.83
CA LYS A 112 -4.56 -9.57 -7.66
C LYS A 112 -4.84 -8.69 -6.44
N LEU A 113 -4.04 -7.65 -6.31
CA LEU A 113 -4.10 -6.74 -5.18
C LEU A 113 -5.48 -6.09 -5.06
N THR A 114 -6.02 -5.65 -6.19
CA THR A 114 -7.31 -4.98 -6.18
C THR A 114 -8.45 -5.98 -6.02
N ASP A 115 -8.18 -7.23 -6.35
CA ASP A 115 -9.18 -8.28 -6.27
C ASP A 115 -9.42 -8.69 -4.82
N LEU A 116 -8.40 -8.48 -4.01
CA LEU A 116 -8.44 -8.78 -2.58
C LEU A 116 -9.44 -7.89 -1.83
N GLN A 117 -9.91 -6.82 -2.48
CA GLN A 117 -10.79 -5.84 -1.83
C GLN A 117 -12.09 -6.47 -1.34
N ARG A 118 -12.46 -7.63 -1.89
CA ARG A 118 -13.70 -8.30 -1.51
C ARG A 118 -13.70 -8.63 -0.03
N GLN A 119 -12.73 -9.45 0.39
CA GLN A 119 -12.63 -9.86 1.77
C GLN A 119 -12.09 -8.73 2.64
N ALA A 120 -11.43 -7.77 2.01
CA ALA A 120 -10.95 -6.59 2.72
C ALA A 120 -12.14 -5.77 3.22
N ALA A 121 -13.23 -5.80 2.46
CA ALA A 121 -14.46 -5.13 2.87
C ALA A 121 -15.37 -6.10 3.61
N GLY A 122 -14.99 -7.37 3.60
CA GLY A 122 -15.75 -8.40 4.28
C GLY A 122 -17.02 -8.77 3.54
N ARG A 123 -16.99 -8.67 2.22
CA ARG A 123 -18.16 -8.98 1.41
C ARG A 123 -17.85 -10.10 0.42
N ILE A 124 -18.38 -11.28 0.69
CA ILE A 124 -18.23 -12.40 -0.23
C ILE A 124 -19.33 -12.33 -1.29
N GLU A 125 -20.45 -11.76 -0.91
CA GLU A 125 -21.62 -11.70 -1.76
C GLU A 125 -21.74 -10.33 -2.41
N SER A 126 -21.98 -10.32 -3.71
CA SER A 126 -22.13 -9.09 -4.46
C SER A 126 -23.59 -8.89 -4.87
N ILE A 127 -24.29 -9.99 -5.10
CA ILE A 127 -25.68 -9.94 -5.51
C ILE A 127 -26.55 -9.53 -4.33
N GLY A 1 18.79 11.78 7.53
CA GLY A 1 17.44 12.20 7.13
C GLY A 1 17.36 12.53 5.65
N SER A 2 16.49 11.85 4.93
CA SER A 2 16.29 12.11 3.52
C SER A 2 15.13 13.08 3.31
N SER A 3 14.14 12.96 4.17
CA SER A 3 12.95 13.80 4.13
C SER A 3 12.33 13.90 5.51
N GLY A 4 11.09 14.34 5.60
CA GLY A 4 10.38 14.38 6.86
C GLY A 4 10.38 13.03 7.54
N ASN A 5 10.35 13.03 8.86
CA ASN A 5 10.43 11.79 9.63
C ASN A 5 9.24 10.90 9.34
N PRO A 6 9.55 9.66 8.98
CA PRO A 6 8.57 8.66 8.56
C PRO A 6 7.71 8.19 9.72
N GLU A 7 8.22 8.42 10.92
CA GLU A 7 7.56 7.96 12.14
C GLU A 7 6.37 8.85 12.47
N ASP A 8 6.42 10.06 11.96
CA ASP A 8 5.35 11.04 12.19
C ASP A 8 4.30 10.97 11.09
N PHE A 9 4.15 9.80 10.49
CA PHE A 9 3.10 9.58 9.51
C PHE A 9 2.04 8.63 10.07
N LYS A 10 0.85 8.65 9.47
CA LYS A 10 -0.17 7.68 9.81
C LYS A 10 0.20 6.34 9.22
N VAL A 11 0.81 6.39 8.03
CA VAL A 11 1.20 5.20 7.32
C VAL A 11 2.28 4.45 8.09
N PHE A 12 2.97 5.14 9.00
CA PHE A 12 4.04 4.54 9.78
C PHE A 12 3.50 3.33 10.55
N LYS A 13 2.36 3.50 11.19
CA LYS A 13 1.73 2.42 11.93
C LYS A 13 1.05 1.45 10.97
N TYR A 14 0.34 1.99 9.98
CA TYR A 14 -0.43 1.18 9.06
C TYR A 14 0.46 0.27 8.21
N MET A 15 1.56 0.81 7.71
CA MET A 15 2.45 0.03 6.86
C MET A 15 3.29 -0.93 7.68
N LYS A 16 3.42 -0.64 8.97
CA LYS A 16 4.11 -1.53 9.88
C LYS A 16 3.25 -2.75 10.18
N ILE A 17 1.99 -2.50 10.48
CA ILE A 17 1.05 -3.61 10.69
C ILE A 17 0.75 -4.29 9.37
N LEU A 18 0.91 -3.55 8.27
CA LEU A 18 0.85 -4.13 6.92
C LEU A 18 1.93 -5.18 6.79
N GLU A 19 3.16 -4.75 7.04
CA GLU A 19 4.34 -5.61 7.06
C GLU A 19 4.05 -6.93 7.76
N GLU A 20 3.54 -6.82 8.97
CA GLU A 20 3.20 -7.98 9.78
C GLU A 20 2.00 -8.74 9.21
N ALA A 21 0.87 -8.05 9.10
CA ALA A 21 -0.42 -8.68 8.82
C ALA A 21 -0.42 -9.52 7.54
N MET A 22 0.26 -9.03 6.51
CA MET A 22 0.32 -9.71 5.22
C MET A 22 0.91 -11.11 5.36
N GLU A 23 1.93 -11.23 6.20
CA GLU A 23 2.56 -12.52 6.44
C GLU A 23 1.89 -13.23 7.62
N ASN A 24 1.42 -12.43 8.56
CA ASN A 24 0.85 -12.94 9.80
C ASN A 24 -0.44 -13.71 9.55
N ASP A 25 -1.04 -13.47 8.37
CA ASP A 25 -2.24 -14.18 7.97
C ASP A 25 -2.03 -15.67 7.99
N THR A 26 -3.07 -16.40 8.35
CA THR A 26 -3.01 -17.85 8.49
C THR A 26 -2.32 -18.50 7.29
N GLU A 27 -2.72 -18.09 6.09
CA GLU A 27 -2.19 -18.67 4.87
C GLU A 27 -1.16 -17.76 4.22
N ASN A 28 -0.82 -16.65 4.90
CA ASN A 28 0.11 -15.63 4.37
C ASN A 28 -0.10 -15.45 2.87
N LEU A 29 -1.24 -14.83 2.54
CA LEU A 29 -1.68 -14.67 1.16
C LEU A 29 -0.74 -13.78 0.35
N ILE A 30 0.31 -13.31 0.99
CA ILE A 30 1.33 -12.50 0.32
C ILE A 30 1.99 -13.30 -0.81
N GLU A 31 1.98 -14.63 -0.67
CA GLU A 31 2.61 -15.51 -1.65
C GLU A 31 1.78 -15.61 -2.93
N LYS A 32 0.54 -15.13 -2.88
CA LYS A 32 -0.33 -15.14 -4.04
C LYS A 32 -0.12 -13.90 -4.89
N VAL A 33 0.46 -12.88 -4.28
CA VAL A 33 0.61 -11.58 -4.89
C VAL A 33 2.05 -11.09 -4.76
N ARG A 34 2.98 -12.03 -4.76
CA ARG A 34 4.40 -11.72 -4.57
C ARG A 34 4.88 -10.69 -5.56
N GLY A 35 5.27 -9.55 -5.02
CA GLY A 35 5.71 -8.44 -5.80
C GLY A 35 6.14 -7.29 -4.95
N ILE A 36 6.69 -6.26 -5.55
CA ILE A 36 7.17 -5.12 -4.81
C ILE A 36 6.24 -3.93 -4.94
N TYR A 37 5.86 -3.36 -3.81
CA TYR A 37 4.94 -2.24 -3.80
C TYR A 37 5.67 -0.98 -3.35
N GLY A 38 5.61 0.06 -4.15
CA GLY A 38 6.22 1.33 -3.77
C GLY A 38 5.17 2.32 -3.33
N PHE A 39 5.28 2.80 -2.10
CA PHE A 39 4.32 3.76 -1.57
C PHE A 39 4.92 5.16 -1.47
N LYS A 40 4.44 6.03 -2.34
CA LYS A 40 4.84 7.44 -2.33
C LYS A 40 3.79 8.24 -1.58
N VAL A 41 4.08 8.55 -0.33
CA VAL A 41 3.10 9.17 0.55
C VAL A 41 3.41 10.65 0.77
N ARG A 42 2.46 11.51 0.43
CA ARG A 42 2.63 12.94 0.55
C ARG A 42 1.82 13.50 1.72
N ASN A 43 1.89 14.82 1.93
CA ASN A 43 1.12 15.50 2.97
C ASN A 43 1.48 15.00 4.37
N GLY A 44 2.79 14.93 4.63
CA GLY A 44 3.27 14.53 5.93
C GLY A 44 3.12 15.62 6.97
N PRO A 45 3.78 15.46 8.13
CA PRO A 45 3.68 16.39 9.27
C PRO A 45 3.66 17.86 8.87
N ASN A 46 4.74 18.30 8.22
CA ASN A 46 4.81 19.68 7.73
C ASN A 46 4.72 19.69 6.21
N GLY A 47 3.82 18.88 5.67
CA GLY A 47 3.69 18.75 4.24
C GLY A 47 4.81 17.93 3.66
N ALA A 48 5.46 17.15 4.52
CA ALA A 48 6.59 16.32 4.12
C ALA A 48 6.15 15.18 3.22
N GLU A 49 7.11 14.48 2.67
CA GLU A 49 6.84 13.38 1.78
C GLU A 49 7.66 12.17 2.20
N GLY A 50 7.01 11.01 2.22
CA GLY A 50 7.68 9.80 2.61
C GLY A 50 7.56 8.73 1.53
N TYR A 51 8.52 7.83 1.50
CA TYR A 51 8.51 6.77 0.51
C TYR A 51 8.98 5.47 1.12
N TRP A 52 8.12 4.45 1.09
CA TRP A 52 8.45 3.15 1.61
C TRP A 52 8.28 2.10 0.51
N VAL A 53 9.14 1.12 0.52
CA VAL A 53 9.06 0.01 -0.42
C VAL A 53 8.65 -1.26 0.30
N ILE A 54 7.47 -1.76 -0.06
CA ILE A 54 6.99 -3.01 0.48
C ILE A 54 7.48 -4.14 -0.41
N ASN A 55 8.55 -4.79 0.01
CA ASN A 55 9.16 -5.83 -0.79
C ASN A 55 8.56 -7.18 -0.44
N ALA A 56 7.62 -7.60 -1.26
CA ALA A 56 7.01 -8.91 -1.11
C ALA A 56 7.43 -9.80 -2.27
N LYS A 57 8.48 -9.36 -2.97
CA LYS A 57 8.99 -10.07 -4.13
C LYS A 57 9.34 -11.51 -3.78
N GLU A 58 10.11 -11.67 -2.72
CA GLU A 58 10.53 -12.99 -2.26
C GLU A 58 9.47 -13.61 -1.36
N GLY A 59 8.40 -12.87 -1.14
CA GLY A 59 7.32 -13.36 -0.31
C GLY A 59 7.44 -12.89 1.13
N LYS A 60 8.34 -11.95 1.36
CA LYS A 60 8.59 -11.43 2.70
C LYS A 60 7.47 -10.48 3.14
N GLY A 61 7.33 -9.36 2.44
CA GLY A 61 6.30 -8.40 2.80
C GLY A 61 6.83 -7.35 3.76
N LYS A 62 8.09 -6.98 3.60
CA LYS A 62 8.71 -6.00 4.48
C LYS A 62 8.69 -4.62 3.83
N VAL A 63 8.49 -3.56 4.62
CA VAL A 63 8.50 -2.23 4.08
C VAL A 63 9.74 -1.48 4.55
N THR A 64 10.42 -0.84 3.61
CA THR A 64 11.66 -0.14 3.90
C THR A 64 11.63 1.27 3.31
N TYR A 65 12.04 2.25 4.11
CA TYR A 65 12.03 3.64 3.66
C TYR A 65 13.08 3.84 2.59
N ASN A 66 12.63 4.26 1.41
CA ASN A 66 13.48 4.41 0.23
C ASN A 66 14.23 3.10 -0.02
N GLY A 67 13.49 2.10 -0.47
CA GLY A 67 14.04 0.77 -0.63
C GLY A 67 15.12 0.68 -1.70
N GLY A 68 14.98 1.46 -2.76
CA GLY A 68 15.93 1.41 -3.85
C GLY A 68 15.58 0.35 -4.87
N GLU A 69 14.68 -0.55 -4.48
CA GLU A 69 14.20 -1.60 -5.37
C GLU A 69 13.27 -1.02 -6.41
N LYS A 70 12.99 -1.81 -7.44
CA LYS A 70 12.06 -1.40 -8.48
C LYS A 70 10.71 -2.06 -8.22
N PRO A 71 9.73 -1.28 -7.76
CA PRO A 71 8.39 -1.80 -7.44
C PRO A 71 7.61 -2.24 -8.66
N ASP A 72 6.91 -3.36 -8.51
CA ASP A 72 5.99 -3.85 -9.54
C ASP A 72 4.82 -2.89 -9.67
N VAL A 73 4.46 -2.26 -8.56
CA VAL A 73 3.47 -1.20 -8.55
C VAL A 73 3.89 -0.08 -7.61
N THR A 74 3.50 1.13 -7.94
CA THR A 74 3.75 2.28 -7.09
C THR A 74 2.51 3.13 -6.97
N PHE A 75 2.11 3.44 -5.74
CA PHE A 75 0.93 4.25 -5.49
C PHE A 75 1.34 5.58 -4.87
N THR A 76 0.92 6.66 -5.50
CA THR A 76 1.12 7.98 -4.92
C THR A 76 -0.16 8.42 -4.23
N ILE A 77 -0.05 8.69 -2.94
CA ILE A 77 -1.21 9.04 -2.11
C ILE A 77 -0.76 9.86 -0.92
N SER A 78 -1.66 10.65 -0.39
CA SER A 78 -1.33 11.52 0.72
C SER A 78 -1.63 10.81 2.04
N ASP A 79 -0.73 10.95 3.02
CA ASP A 79 -0.83 10.28 4.31
C ASP A 79 -2.25 10.35 4.87
N GLU A 80 -2.78 11.55 4.86
CA GLU A 80 -4.12 11.84 5.33
C GLU A 80 -5.17 10.90 4.74
N ASP A 81 -4.99 10.56 3.46
CA ASP A 81 -5.96 9.74 2.73
C ASP A 81 -5.63 8.26 2.85
N VAL A 82 -4.38 7.95 3.15
CA VAL A 82 -3.91 6.57 3.18
C VAL A 82 -4.69 5.77 4.23
N VAL A 83 -5.11 6.46 5.29
CA VAL A 83 -5.69 5.82 6.44
C VAL A 83 -7.04 5.20 6.10
N ASP A 84 -7.72 5.78 5.12
CA ASP A 84 -8.98 5.24 4.66
C ASP A 84 -8.71 4.11 3.68
N LEU A 85 -7.65 4.26 2.90
CA LEU A 85 -7.30 3.26 1.89
C LEU A 85 -6.90 1.96 2.55
N ILE A 86 -6.00 2.05 3.51
CA ILE A 86 -5.47 0.87 4.18
C ILE A 86 -6.53 0.20 5.06
N SER A 87 -7.53 0.98 5.47
CA SER A 87 -8.60 0.47 6.32
C SER A 87 -9.77 -0.03 5.48
N GLY A 88 -9.73 0.25 4.18
CA GLY A 88 -10.80 -0.17 3.30
C GLY A 88 -11.99 0.77 3.34
N LYS A 89 -11.75 1.98 3.85
CA LYS A 89 -12.77 3.00 3.97
C LYS A 89 -12.89 3.78 2.68
N LEU A 90 -11.75 4.11 2.10
CA LEU A 90 -11.70 4.86 0.85
C LEU A 90 -11.40 3.95 -0.32
N ASN A 91 -12.29 3.95 -1.31
CA ASN A 91 -12.11 3.16 -2.51
C ASN A 91 -10.95 3.71 -3.35
N PRO A 92 -9.93 2.88 -3.60
CA PRO A 92 -8.78 3.30 -4.40
C PRO A 92 -9.17 3.58 -5.83
N GLN A 93 -10.29 3.00 -6.24
CA GLN A 93 -10.85 3.25 -7.56
C GLN A 93 -11.28 4.70 -7.69
N LYS A 94 -12.12 5.14 -6.77
CA LYS A 94 -12.61 6.51 -6.78
C LYS A 94 -11.46 7.47 -6.49
N ALA A 95 -10.54 7.04 -5.62
CA ALA A 95 -9.39 7.85 -5.28
C ALA A 95 -8.50 8.04 -6.51
N PHE A 96 -8.44 7.02 -7.35
CA PHE A 96 -7.72 7.10 -8.60
C PHE A 96 -8.33 8.19 -9.48
N PHE A 97 -9.64 8.09 -9.65
CA PHE A 97 -10.41 9.03 -10.47
C PHE A 97 -10.29 10.46 -9.95
N GLN A 98 -10.30 10.62 -8.63
CA GLN A 98 -10.30 11.92 -8.01
C GLN A 98 -8.89 12.49 -7.85
N GLY A 99 -7.94 11.92 -8.58
CA GLY A 99 -6.59 12.48 -8.62
C GLY A 99 -5.80 12.25 -7.34
N LYS A 100 -6.31 11.40 -6.48
CA LYS A 100 -5.65 11.10 -5.22
C LYS A 100 -4.65 9.97 -5.40
N ILE A 101 -5.09 8.91 -6.05
CA ILE A 101 -4.28 7.73 -6.25
C ILE A 101 -3.59 7.77 -7.62
N LYS A 102 -2.28 7.72 -7.59
CA LYS A 102 -1.48 7.61 -8.81
C LYS A 102 -0.73 6.29 -8.78
N ILE A 103 -1.26 5.29 -9.48
CA ILE A 103 -0.65 3.98 -9.51
C ILE A 103 -0.19 3.64 -10.92
N GLN A 104 1.07 3.23 -11.02
CA GLN A 104 1.70 2.98 -12.31
C GLN A 104 2.45 1.65 -12.22
N GLY A 105 1.72 0.56 -12.38
CA GLY A 105 2.28 -0.73 -12.11
C GLY A 105 1.52 -1.86 -12.73
N ASN A 106 2.12 -3.05 -12.65
CA ASN A 106 1.53 -4.28 -13.17
C ASN A 106 0.08 -4.44 -12.72
N MET A 107 -0.81 -4.58 -13.70
CA MET A 107 -2.24 -4.65 -13.45
C MET A 107 -2.62 -5.88 -12.65
N GLY A 108 -2.06 -7.03 -13.01
CA GLY A 108 -2.36 -8.26 -12.30
C GLY A 108 -1.82 -8.23 -10.89
N LEU A 109 -0.70 -7.54 -10.74
CA LEU A 109 -0.03 -7.37 -9.46
C LEU A 109 -0.96 -6.65 -8.48
N ALA A 110 -1.54 -5.54 -8.93
CA ALA A 110 -2.38 -4.72 -8.06
C ALA A 110 -3.81 -5.27 -7.98
N MET A 111 -4.21 -6.03 -9.00
CA MET A 111 -5.54 -6.64 -9.01
C MET A 111 -5.74 -7.53 -7.80
N LYS A 112 -4.68 -8.21 -7.38
CA LYS A 112 -4.75 -9.11 -6.25
C LYS A 112 -4.91 -8.34 -4.94
N LEU A 113 -4.59 -7.06 -4.95
CA LEU A 113 -4.74 -6.22 -3.77
C LEU A 113 -6.21 -5.91 -3.52
N THR A 114 -6.92 -5.55 -4.58
CA THR A 114 -8.34 -5.26 -4.48
C THR A 114 -9.13 -6.55 -4.42
N ASP A 115 -8.57 -7.61 -4.99
CA ASP A 115 -9.15 -8.95 -4.92
C ASP A 115 -9.18 -9.44 -3.48
N LEU A 116 -8.11 -9.13 -2.76
CA LEU A 116 -7.97 -9.51 -1.37
C LEU A 116 -9.15 -8.99 -0.53
N GLN A 117 -9.51 -7.74 -0.73
CA GLN A 117 -10.60 -7.15 0.04
C GLN A 117 -11.96 -7.63 -0.47
N ARG A 118 -12.00 -8.11 -1.70
CA ARG A 118 -13.22 -8.67 -2.25
C ARG A 118 -13.54 -10.01 -1.58
N GLN A 119 -12.55 -10.89 -1.54
CA GLN A 119 -12.73 -12.20 -0.92
C GLN A 119 -12.89 -12.03 0.59
N ALA A 120 -12.41 -10.91 1.12
CA ALA A 120 -12.55 -10.59 2.53
C ALA A 120 -14.01 -10.38 2.89
N ALA A 121 -14.82 -10.04 1.90
CA ALA A 121 -16.25 -9.86 2.12
C ALA A 121 -16.98 -11.19 2.02
N GLY A 122 -16.30 -12.16 1.41
CA GLY A 122 -16.83 -13.51 1.32
C GLY A 122 -18.04 -13.62 0.42
N ARG A 123 -18.07 -12.83 -0.64
CA ARG A 123 -19.19 -12.87 -1.58
C ARG A 123 -18.68 -13.04 -3.00
N ILE A 124 -19.33 -13.92 -3.76
CA ILE A 124 -18.93 -14.21 -5.12
C ILE A 124 -20.18 -14.48 -5.96
N GLU A 125 -20.01 -14.93 -7.20
CA GLU A 125 -21.11 -15.35 -8.08
C GLU A 125 -22.29 -15.95 -7.30
N SER A 126 -23.46 -15.36 -7.49
CA SER A 126 -24.65 -15.84 -6.83
C SER A 126 -25.83 -15.86 -7.81
N ILE A 127 -26.04 -17.00 -8.43
CA ILE A 127 -27.10 -17.15 -9.42
C ILE A 127 -28.33 -17.80 -8.78
N GLY A 1 11.59 21.91 2.64
CA GLY A 1 11.45 22.63 3.93
C GLY A 1 11.78 21.73 5.11
N SER A 2 10.80 21.55 5.99
CA SER A 2 10.98 20.73 7.18
C SER A 2 10.55 19.29 6.92
N SER A 3 11.47 18.50 6.40
CA SER A 3 11.22 17.08 6.19
C SER A 3 11.27 16.35 7.53
N GLY A 4 10.11 16.04 8.07
CA GLY A 4 10.04 15.34 9.34
C GLY A 4 10.35 13.87 9.20
N ASN A 5 10.58 13.21 10.33
CA ASN A 5 10.87 11.78 10.35
C ASN A 5 9.69 10.99 9.82
N PRO A 6 9.98 9.80 9.25
CA PRO A 6 8.96 8.95 8.66
C PRO A 6 8.06 8.34 9.73
N GLU A 7 8.56 8.37 10.96
CA GLU A 7 7.84 7.82 12.09
C GLU A 7 6.66 8.71 12.48
N ASP A 8 6.78 9.99 12.12
CA ASP A 8 5.74 10.97 12.43
C ASP A 8 4.53 10.78 11.52
N PHE A 9 4.77 10.15 10.38
CA PHE A 9 3.69 9.86 9.43
C PHE A 9 2.72 8.87 10.05
N LYS A 10 1.46 9.03 9.71
CA LYS A 10 0.43 8.15 10.24
C LYS A 10 0.51 6.80 9.54
N VAL A 11 1.03 6.82 8.31
CA VAL A 11 1.20 5.60 7.56
C VAL A 11 2.28 4.73 8.19
N PHE A 12 3.17 5.33 8.98
CA PHE A 12 4.26 4.58 9.60
C PHE A 12 3.70 3.42 10.43
N LYS A 13 2.70 3.73 11.25
CA LYS A 13 2.07 2.73 12.09
C LYS A 13 1.30 1.71 11.26
N TYR A 14 0.71 2.18 10.16
CA TYR A 14 -0.04 1.30 9.27
C TYR A 14 0.89 0.38 8.48
N MET A 15 1.87 0.97 7.81
CA MET A 15 2.88 0.23 7.08
C MET A 15 3.64 -0.72 8.00
N LYS A 16 3.82 -0.32 9.25
CA LYS A 16 4.49 -1.17 10.23
C LYS A 16 3.66 -2.41 10.55
N ILE A 17 2.35 -2.26 10.70
CA ILE A 17 1.50 -3.42 10.95
C ILE A 17 1.27 -4.18 9.66
N LEU A 18 1.35 -3.48 8.53
CA LEU A 18 1.28 -4.08 7.21
C LEU A 18 2.42 -5.10 7.07
N GLU A 19 3.61 -4.64 7.45
CA GLU A 19 4.82 -5.46 7.48
C GLU A 19 4.56 -6.82 8.11
N GLU A 20 3.95 -6.81 9.27
CA GLU A 20 3.64 -8.04 9.98
C GLU A 20 2.42 -8.74 9.40
N ALA A 21 1.31 -8.00 9.34
CA ALA A 21 -0.01 -8.57 9.08
C ALA A 21 -0.07 -9.35 7.77
N MET A 22 0.57 -8.84 6.73
CA MET A 22 0.54 -9.49 5.42
C MET A 22 1.13 -10.89 5.47
N GLU A 23 2.22 -11.06 6.18
CA GLU A 23 2.81 -12.40 6.30
C GLU A 23 2.25 -13.13 7.52
N ASN A 24 1.64 -12.37 8.43
CA ASN A 24 1.10 -12.92 9.67
C ASN A 24 -0.12 -13.78 9.41
N ASP A 25 -0.81 -13.50 8.31
CA ASP A 25 -1.95 -14.29 7.91
C ASP A 25 -1.59 -15.77 7.86
N THR A 26 -2.46 -16.58 8.42
CA THR A 26 -2.24 -18.01 8.55
C THR A 26 -1.97 -18.70 7.22
N GLU A 27 -2.53 -18.16 6.14
CA GLU A 27 -2.31 -18.68 4.82
C GLU A 27 -1.28 -17.85 4.07
N ASN A 28 -0.84 -16.73 4.67
CA ASN A 28 0.14 -15.82 4.08
C ASN A 28 -0.11 -15.64 2.58
N LEU A 29 -1.26 -15.07 2.28
CA LEU A 29 -1.73 -14.89 0.90
C LEU A 29 -0.76 -14.07 0.05
N ILE A 30 0.21 -13.45 0.73
CA ILE A 30 1.21 -12.63 0.07
C ILE A 30 1.97 -13.43 -0.99
N GLU A 31 2.03 -14.75 -0.81
CA GLU A 31 2.72 -15.63 -1.75
C GLU A 31 2.14 -15.54 -3.16
N LYS A 32 0.84 -15.32 -3.25
CA LYS A 32 0.15 -15.35 -4.53
C LYS A 32 0.28 -14.02 -5.27
N VAL A 33 0.62 -12.99 -4.53
CA VAL A 33 0.71 -11.65 -5.09
C VAL A 33 2.11 -11.06 -4.82
N ARG A 34 3.10 -11.94 -4.79
CA ARG A 34 4.47 -11.54 -4.54
C ARG A 34 4.96 -10.51 -5.55
N GLY A 35 5.13 -9.31 -5.04
CA GLY A 35 5.55 -8.19 -5.85
C GLY A 35 6.01 -7.04 -4.98
N ILE A 36 6.59 -6.02 -5.57
CA ILE A 36 7.06 -4.89 -4.80
C ILE A 36 6.14 -3.68 -4.96
N TYR A 37 5.68 -3.15 -3.84
CA TYR A 37 4.77 -2.00 -3.86
C TYR A 37 5.51 -0.76 -3.39
N GLY A 38 5.60 0.24 -4.26
CA GLY A 38 6.23 1.48 -3.87
C GLY A 38 5.19 2.50 -3.46
N PHE A 39 5.10 2.77 -2.17
CA PHE A 39 4.13 3.73 -1.68
C PHE A 39 4.75 5.10 -1.51
N LYS A 40 4.40 5.99 -2.42
CA LYS A 40 4.84 7.37 -2.36
C LYS A 40 3.81 8.19 -1.61
N VAL A 41 4.09 8.46 -0.35
CA VAL A 41 3.13 9.10 0.54
C VAL A 41 3.44 10.59 0.68
N ARG A 42 2.44 11.42 0.44
CA ARG A 42 2.61 12.86 0.52
C ARG A 42 1.81 13.44 1.69
N ASN A 43 1.86 14.76 1.85
CA ASN A 43 1.14 15.46 2.91
C ASN A 43 1.64 15.03 4.28
N GLY A 44 2.95 15.01 4.43
CA GLY A 44 3.56 14.65 5.70
C GLY A 44 3.50 15.79 6.70
N PRO A 45 4.22 15.64 7.83
CA PRO A 45 4.21 16.58 8.96
C PRO A 45 4.11 18.06 8.56
N ASN A 46 5.10 18.53 7.82
CA ASN A 46 5.10 19.91 7.34
C ASN A 46 5.26 19.91 5.82
N GLY A 47 4.29 19.30 5.14
CA GLY A 47 4.35 19.19 3.70
C GLY A 47 5.42 18.22 3.25
N ALA A 48 5.88 17.41 4.20
CA ALA A 48 6.93 16.44 3.94
C ALA A 48 6.40 15.28 3.12
N GLU A 49 7.31 14.45 2.64
CA GLU A 49 6.96 13.35 1.77
C GLU A 49 7.72 12.10 2.17
N GLY A 50 7.00 11.00 2.20
CA GLY A 50 7.59 9.73 2.58
C GLY A 50 7.47 8.72 1.46
N TYR A 51 8.27 7.68 1.55
CA TYR A 51 8.27 6.65 0.52
C TYR A 51 8.64 5.30 1.13
N TRP A 52 7.71 4.37 1.12
CA TRP A 52 7.95 3.04 1.68
C TRP A 52 7.80 1.99 0.60
N VAL A 53 8.83 1.18 0.47
CA VAL A 53 8.83 0.09 -0.47
C VAL A 53 8.39 -1.19 0.23
N ILE A 54 7.21 -1.67 -0.11
CA ILE A 54 6.72 -2.92 0.44
C ILE A 54 7.18 -4.06 -0.45
N ASN A 55 8.24 -4.70 -0.02
CA ASN A 55 8.82 -5.82 -0.74
C ASN A 55 8.06 -7.09 -0.40
N ALA A 56 7.24 -7.54 -1.33
CA ALA A 56 6.57 -8.82 -1.18
C ALA A 56 7.12 -9.82 -2.19
N LYS A 57 8.15 -9.38 -2.92
CA LYS A 57 8.75 -10.19 -3.98
C LYS A 57 9.38 -11.46 -3.42
N GLU A 58 9.97 -11.33 -2.25
CA GLU A 58 10.61 -12.46 -1.57
C GLU A 58 9.55 -13.35 -0.94
N GLY A 59 8.45 -12.71 -0.54
CA GLY A 59 7.39 -13.41 0.15
C GLY A 59 7.27 -12.97 1.59
N LYS A 60 8.01 -11.90 1.92
CA LYS A 60 8.03 -11.38 3.27
C LYS A 60 6.91 -10.36 3.49
N GLY A 61 6.79 -9.40 2.58
CA GLY A 61 5.78 -8.38 2.74
C GLY A 61 6.27 -7.24 3.62
N LYS A 62 7.56 -6.94 3.52
CA LYS A 62 8.18 -5.97 4.41
C LYS A 62 8.24 -4.60 3.76
N VAL A 63 8.09 -3.55 4.56
CA VAL A 63 8.19 -2.21 4.03
C VAL A 63 9.49 -1.55 4.49
N THR A 64 10.14 -0.86 3.58
CA THR A 64 11.36 -0.15 3.90
C THR A 64 11.31 1.27 3.33
N TYR A 65 11.70 2.23 4.15
CA TYR A 65 11.68 3.62 3.76
C TYR A 65 12.79 3.89 2.75
N ASN A 66 12.37 4.30 1.54
CA ASN A 66 13.29 4.50 0.42
C ASN A 66 14.06 3.21 0.15
N GLY A 67 13.31 2.17 -0.19
CA GLY A 67 13.89 0.85 -0.37
C GLY A 67 14.92 0.80 -1.49
N GLY A 68 14.63 1.48 -2.59
CA GLY A 68 15.55 1.49 -3.71
C GLY A 68 15.25 0.36 -4.69
N GLU A 69 14.57 -0.66 -4.19
CA GLU A 69 14.13 -1.76 -5.04
C GLU A 69 13.13 -1.26 -6.06
N LYS A 70 13.11 -1.88 -7.23
CA LYS A 70 12.19 -1.47 -8.28
C LYS A 70 10.80 -2.04 -8.01
N PRO A 71 9.84 -1.18 -7.63
CA PRO A 71 8.47 -1.59 -7.36
C PRO A 71 7.76 -2.03 -8.62
N ASP A 72 7.12 -3.19 -8.54
CA ASP A 72 6.29 -3.69 -9.62
C ASP A 72 5.11 -2.75 -9.84
N VAL A 73 4.59 -2.22 -8.73
CA VAL A 73 3.54 -1.20 -8.78
C VAL A 73 3.81 -0.10 -7.77
N THR A 74 3.67 1.14 -8.21
CA THR A 74 3.86 2.29 -7.34
C THR A 74 2.53 3.02 -7.14
N PHE A 75 2.25 3.41 -5.91
CA PHE A 75 1.04 4.16 -5.60
C PHE A 75 1.40 5.48 -4.92
N THR A 76 0.90 6.58 -5.45
CA THR A 76 1.07 7.87 -4.81
C THR A 76 -0.20 8.24 -4.06
N ILE A 77 -0.06 8.55 -2.78
CA ILE A 77 -1.21 8.83 -1.92
C ILE A 77 -0.79 9.66 -0.71
N SER A 78 -1.71 10.45 -0.20
CA SER A 78 -1.44 11.33 0.92
C SER A 78 -1.61 10.58 2.25
N ASP A 79 -0.74 10.93 3.20
CA ASP A 79 -0.69 10.33 4.54
C ASP A 79 -2.06 10.31 5.20
N GLU A 80 -2.83 11.32 4.91
CA GLU A 80 -4.13 11.52 5.53
C GLU A 80 -5.16 10.54 4.97
N ASP A 81 -5.01 10.21 3.70
CA ASP A 81 -5.97 9.34 3.02
C ASP A 81 -5.56 7.87 3.11
N VAL A 82 -4.27 7.62 3.36
CA VAL A 82 -3.76 6.26 3.43
C VAL A 82 -4.53 5.45 4.47
N VAL A 83 -4.96 6.14 5.52
CA VAL A 83 -5.59 5.48 6.66
C VAL A 83 -6.94 4.92 6.28
N ASP A 84 -7.64 5.60 5.38
CA ASP A 84 -8.93 5.14 4.91
C ASP A 84 -8.71 4.02 3.91
N LEU A 85 -7.62 4.10 3.18
CA LEU A 85 -7.29 3.09 2.18
C LEU A 85 -6.92 1.78 2.85
N ILE A 86 -6.01 1.85 3.81
CA ILE A 86 -5.50 0.67 4.48
C ILE A 86 -6.54 0.05 5.41
N SER A 87 -7.42 0.88 5.98
CA SER A 87 -8.43 0.39 6.91
C SER A 87 -9.68 -0.09 6.19
N GLY A 88 -9.72 0.07 4.87
CA GLY A 88 -10.87 -0.37 4.10
C GLY A 88 -12.03 0.58 4.22
N LYS A 89 -11.75 1.87 4.16
CA LYS A 89 -12.77 2.90 4.28
C LYS A 89 -12.88 3.69 2.99
N LEU A 90 -11.74 4.04 2.42
CA LEU A 90 -11.70 4.81 1.19
C LEU A 90 -11.52 3.90 -0.01
N ASN A 91 -12.38 4.09 -1.01
CA ASN A 91 -12.30 3.35 -2.24
C ASN A 91 -11.13 3.85 -3.07
N PRO A 92 -10.15 2.98 -3.39
CA PRO A 92 -9.03 3.36 -4.23
C PRO A 92 -9.50 3.65 -5.64
N GLN A 93 -10.67 3.13 -5.95
CA GLN A 93 -11.36 3.41 -7.20
C GLN A 93 -11.66 4.90 -7.31
N LYS A 94 -12.38 5.42 -6.33
CA LYS A 94 -12.76 6.82 -6.33
C LYS A 94 -11.54 7.68 -6.08
N ALA A 95 -10.59 7.15 -5.31
CA ALA A 95 -9.37 7.90 -5.03
C ALA A 95 -8.54 8.02 -6.29
N PHE A 96 -8.56 6.98 -7.11
CA PHE A 96 -7.90 7.01 -8.41
C PHE A 96 -8.58 8.06 -9.30
N PHE A 97 -9.91 8.02 -9.30
CA PHE A 97 -10.71 8.92 -10.11
C PHE A 97 -10.52 10.38 -9.69
N GLN A 98 -10.46 10.61 -8.39
CA GLN A 98 -10.32 11.94 -7.83
C GLN A 98 -8.86 12.43 -7.89
N GLY A 99 -8.01 11.66 -8.54
CA GLY A 99 -6.64 12.09 -8.78
C GLY A 99 -5.73 11.91 -7.58
N LYS A 100 -6.24 11.29 -6.53
CA LYS A 100 -5.47 11.07 -5.32
C LYS A 100 -4.53 9.90 -5.49
N ILE A 101 -5.07 8.78 -5.98
CA ILE A 101 -4.29 7.58 -6.17
C ILE A 101 -3.64 7.58 -7.55
N LYS A 102 -2.32 7.55 -7.55
CA LYS A 102 -1.55 7.44 -8.78
C LYS A 102 -0.80 6.13 -8.80
N ILE A 103 -1.36 5.14 -9.49
CA ILE A 103 -0.74 3.84 -9.61
C ILE A 103 -0.34 3.58 -11.06
N GLN A 104 0.89 3.14 -11.24
CA GLN A 104 1.47 2.88 -12.55
C GLN A 104 2.39 1.70 -12.43
N GLY A 105 1.85 0.52 -12.68
CA GLY A 105 2.59 -0.69 -12.39
C GLY A 105 2.08 -1.90 -13.12
N ASN A 106 2.84 -2.99 -12.99
CA ASN A 106 2.53 -4.27 -13.62
C ASN A 106 1.09 -4.67 -13.38
N MET A 107 0.31 -4.70 -14.46
CA MET A 107 -1.10 -5.01 -14.41
C MET A 107 -1.35 -6.40 -13.84
N GLY A 108 -0.43 -7.33 -14.11
CA GLY A 108 -0.62 -8.70 -13.68
C GLY A 108 -0.49 -8.83 -12.19
N LEU A 109 0.21 -7.89 -11.59
CA LEU A 109 0.43 -7.88 -10.16
C LEU A 109 -0.70 -7.15 -9.45
N ALA A 110 -1.05 -5.98 -9.97
CA ALA A 110 -2.09 -5.17 -9.34
C ALA A 110 -3.47 -5.80 -9.53
N MET A 111 -3.61 -6.63 -10.55
CA MET A 111 -4.85 -7.40 -10.72
C MET A 111 -5.01 -8.39 -9.59
N LYS A 112 -3.89 -8.84 -9.04
CA LYS A 112 -3.91 -9.72 -7.89
C LYS A 112 -4.47 -9.02 -6.66
N LEU A 113 -4.31 -7.70 -6.62
CA LEU A 113 -4.86 -6.91 -5.52
C LEU A 113 -6.37 -7.03 -5.46
N THR A 114 -7.01 -7.07 -6.62
CA THR A 114 -8.45 -7.24 -6.67
C THR A 114 -8.81 -8.73 -6.75
N ASP A 115 -7.88 -9.53 -7.26
CA ASP A 115 -8.06 -10.97 -7.35
C ASP A 115 -8.23 -11.58 -5.96
N LEU A 116 -7.33 -11.21 -5.06
CA LEU A 116 -7.33 -11.76 -3.70
C LEU A 116 -8.62 -11.43 -2.95
N GLN A 117 -9.20 -10.25 -3.20
CA GLN A 117 -10.44 -9.88 -2.53
C GLN A 117 -11.63 -10.66 -3.12
N ARG A 118 -11.51 -11.04 -4.39
CA ARG A 118 -12.51 -11.90 -5.01
C ARG A 118 -12.38 -13.30 -4.42
N GLN A 119 -11.14 -13.72 -4.24
CA GLN A 119 -10.84 -15.00 -3.60
C GLN A 119 -11.36 -14.99 -2.16
N ALA A 120 -11.17 -13.85 -1.50
CA ALA A 120 -11.62 -13.66 -0.13
C ALA A 120 -13.14 -13.80 -0.02
N ALA A 121 -13.83 -13.21 -0.99
CA ALA A 121 -15.29 -13.27 -1.03
C ALA A 121 -15.77 -14.70 -1.13
N GLY A 122 -15.00 -15.52 -1.84
CA GLY A 122 -15.32 -16.93 -1.97
C GLY A 122 -16.03 -17.22 -3.27
N ARG A 123 -16.79 -16.25 -3.76
CA ARG A 123 -17.51 -16.41 -5.01
C ARG A 123 -16.87 -15.55 -6.10
N ILE A 124 -16.52 -16.19 -7.20
CA ILE A 124 -15.91 -15.49 -8.33
C ILE A 124 -15.72 -16.45 -9.52
N GLU A 125 -15.25 -17.64 -9.24
CA GLU A 125 -14.89 -18.59 -10.27
C GLU A 125 -16.11 -19.41 -10.68
N SER A 126 -16.13 -19.83 -11.93
CA SER A 126 -17.26 -20.57 -12.48
C SER A 126 -17.27 -22.01 -11.97
N ILE A 127 -18.48 -22.54 -11.77
CA ILE A 127 -18.69 -23.89 -11.25
C ILE A 127 -18.24 -23.97 -9.79
N GLY A 1 16.52 17.80 7.59
CA GLY A 1 16.41 17.47 6.16
C GLY A 1 15.25 18.20 5.51
N SER A 2 15.16 18.10 4.19
CA SER A 2 14.09 18.76 3.45
C SER A 2 12.76 18.03 3.68
N SER A 3 12.82 16.71 3.68
CA SER A 3 11.64 15.88 3.91
C SER A 3 11.43 15.68 5.41
N GLY A 4 10.29 15.10 5.77
CA GLY A 4 9.98 14.87 7.16
C GLY A 4 10.35 13.46 7.59
N ASN A 5 10.35 13.23 8.89
CA ASN A 5 10.72 11.93 9.43
C ASN A 5 9.64 10.91 9.11
N PRO A 6 10.04 9.66 8.83
CA PRO A 6 9.12 8.58 8.49
C PRO A 6 8.17 8.28 9.65
N GLU A 7 8.69 8.43 10.87
CA GLU A 7 7.91 8.20 12.07
C GLU A 7 6.78 9.22 12.21
N ASP A 8 7.04 10.45 11.78
CA ASP A 8 6.07 11.53 11.95
C ASP A 8 4.92 11.42 10.95
N PHE A 9 5.02 10.44 10.07
CA PHE A 9 3.91 10.11 9.18
C PHE A 9 2.98 9.14 9.89
N LYS A 10 1.69 9.27 9.63
CA LYS A 10 0.69 8.44 10.26
C LYS A 10 0.75 7.04 9.66
N VAL A 11 1.35 6.94 8.49
CA VAL A 11 1.51 5.68 7.80
C VAL A 11 2.58 4.82 8.48
N PHE A 12 3.41 5.44 9.32
CA PHE A 12 4.49 4.72 9.97
C PHE A 12 3.94 3.55 10.78
N LYS A 13 2.98 3.85 11.65
CA LYS A 13 2.34 2.83 12.46
C LYS A 13 1.56 1.86 11.58
N TYR A 14 0.84 2.39 10.61
CA TYR A 14 0.02 1.58 9.72
C TYR A 14 0.85 0.63 8.87
N MET A 15 1.90 1.13 8.26
CA MET A 15 2.75 0.29 7.42
C MET A 15 3.57 -0.66 8.25
N LYS A 16 3.84 -0.31 9.50
CA LYS A 16 4.54 -1.21 10.40
C LYS A 16 3.66 -2.36 10.83
N ILE A 17 2.36 -2.12 11.01
CA ILE A 17 1.46 -3.21 11.32
C ILE A 17 1.11 -3.97 10.04
N LEU A 18 1.29 -3.30 8.90
CA LEU A 18 1.19 -3.94 7.59
C LEU A 18 2.34 -4.94 7.44
N GLU A 19 3.54 -4.44 7.75
CA GLU A 19 4.76 -5.24 7.81
C GLU A 19 4.52 -6.56 8.54
N GLU A 20 3.72 -6.48 9.58
CA GLU A 20 3.31 -7.66 10.33
C GLU A 20 2.14 -8.37 9.65
N ALA A 21 1.05 -7.62 9.44
CA ALA A 21 -0.24 -8.16 9.07
C ALA A 21 -0.19 -9.04 7.82
N MET A 22 0.55 -8.59 6.81
CA MET A 22 0.64 -9.32 5.55
C MET A 22 1.13 -10.75 5.77
N GLU A 23 2.13 -10.92 6.62
CA GLU A 23 2.64 -12.26 6.89
C GLU A 23 1.94 -12.88 8.10
N ASN A 24 1.45 -12.03 8.99
CA ASN A 24 0.72 -12.45 10.18
C ASN A 24 -0.58 -13.13 9.78
N ASP A 25 -1.12 -12.73 8.64
CA ASP A 25 -2.29 -13.34 8.05
C ASP A 25 -2.08 -14.84 7.94
N THR A 26 -3.09 -15.59 8.36
CA THR A 26 -3.01 -17.04 8.46
C THR A 26 -2.70 -17.69 7.11
N GLU A 27 -3.11 -17.03 6.04
CA GLU A 27 -2.88 -17.54 4.71
C GLU A 27 -1.64 -16.92 4.08
N ASN A 28 -1.22 -15.75 4.60
CA ASN A 28 -0.10 -14.96 4.02
C ASN A 28 -0.10 -15.08 2.50
N LEU A 29 -1.18 -14.58 1.90
CA LEU A 29 -1.41 -14.69 0.47
C LEU A 29 -0.49 -13.77 -0.32
N ILE A 30 0.40 -13.08 0.38
CA ILE A 30 1.36 -12.17 -0.25
C ILE A 30 2.18 -12.90 -1.31
N GLU A 31 2.35 -14.21 -1.13
CA GLU A 31 3.17 -15.01 -2.02
C GLU A 31 2.47 -15.29 -3.33
N LYS A 32 1.16 -15.03 -3.40
CA LYS A 32 0.39 -15.26 -4.60
C LYS A 32 0.47 -14.07 -5.54
N VAL A 33 0.89 -12.94 -5.01
CA VAL A 33 0.95 -11.70 -5.76
C VAL A 33 2.33 -11.05 -5.57
N ARG A 34 3.35 -11.90 -5.42
CA ARG A 34 4.70 -11.44 -5.14
C ARG A 34 5.16 -10.38 -6.13
N GLY A 35 5.43 -9.22 -5.58
CA GLY A 35 5.86 -8.08 -6.35
C GLY A 35 6.32 -6.99 -5.43
N ILE A 36 6.65 -5.83 -5.96
CA ILE A 36 7.11 -4.75 -5.10
C ILE A 36 6.24 -3.52 -5.25
N TYR A 37 5.72 -3.07 -4.11
CA TYR A 37 4.82 -1.95 -4.06
C TYR A 37 5.52 -0.73 -3.48
N GLY A 38 5.78 0.26 -4.31
CA GLY A 38 6.40 1.47 -3.85
C GLY A 38 5.36 2.49 -3.45
N PHE A 39 5.29 2.80 -2.17
CA PHE A 39 4.29 3.74 -1.69
C PHE A 39 4.87 5.14 -1.54
N LYS A 40 4.40 6.04 -2.39
CA LYS A 40 4.77 7.44 -2.31
C LYS A 40 3.73 8.19 -1.49
N VAL A 41 4.06 8.47 -0.24
CA VAL A 41 3.11 9.09 0.66
C VAL A 41 3.37 10.58 0.76
N ARG A 42 2.33 11.37 0.54
CA ARG A 42 2.45 12.82 0.55
C ARG A 42 1.57 13.43 1.65
N ASN A 43 1.51 14.76 1.68
CA ASN A 43 0.69 15.49 2.66
C ASN A 43 1.16 15.21 4.08
N GLY A 44 2.48 15.15 4.27
CA GLY A 44 3.04 14.89 5.58
C GLY A 44 3.04 16.12 6.47
N PRO A 45 3.82 16.07 7.57
CA PRO A 45 3.89 17.14 8.58
C PRO A 45 3.87 18.55 8.00
N ASN A 46 4.85 18.86 7.17
CA ASN A 46 4.93 20.16 6.52
C ASN A 46 4.63 20.02 5.03
N GLY A 47 3.65 19.21 4.71
CA GLY A 47 3.41 18.84 3.32
C GLY A 47 4.51 17.94 2.82
N ALA A 48 5.13 17.27 3.77
CA ALA A 48 6.28 16.42 3.51
C ALA A 48 5.89 15.15 2.80
N GLU A 49 6.86 14.52 2.21
CA GLU A 49 6.66 13.31 1.45
C GLU A 49 7.56 12.20 1.96
N GLY A 50 7.01 11.01 1.99
CA GLY A 50 7.75 9.84 2.44
C GLY A 50 7.66 8.73 1.42
N TYR A 51 8.53 7.75 1.52
CA TYR A 51 8.55 6.66 0.56
C TYR A 51 8.88 5.34 1.23
N TRP A 52 7.97 4.39 1.11
CA TRP A 52 8.16 3.06 1.69
C TRP A 52 7.98 1.99 0.62
N VAL A 53 8.90 1.05 0.59
CA VAL A 53 8.84 -0.05 -0.34
C VAL A 53 8.28 -1.29 0.34
N ILE A 54 7.11 -1.73 -0.10
CA ILE A 54 6.53 -2.96 0.40
C ILE A 54 7.00 -4.12 -0.48
N ASN A 55 7.99 -4.85 0.04
CA ASN A 55 8.59 -5.94 -0.70
C ASN A 55 7.77 -7.21 -0.52
N ALA A 56 6.91 -7.49 -1.48
CA ALA A 56 6.14 -8.71 -1.50
C ALA A 56 6.86 -9.74 -2.37
N LYS A 57 7.85 -9.25 -3.10
CA LYS A 57 8.62 -10.08 -4.03
C LYS A 57 9.29 -11.25 -3.31
N GLU A 58 9.81 -10.98 -2.12
CA GLU A 58 10.50 -12.01 -1.34
C GLU A 58 9.54 -12.71 -0.40
N GLY A 59 8.26 -12.48 -0.62
CA GLY A 59 7.22 -13.19 0.12
C GLY A 59 7.04 -12.68 1.54
N LYS A 60 7.65 -11.55 1.85
CA LYS A 60 7.55 -10.98 3.19
C LYS A 60 6.39 -10.02 3.29
N GLY A 61 6.25 -9.14 2.29
CA GLY A 61 5.21 -8.14 2.34
C GLY A 61 5.53 -7.07 3.35
N LYS A 62 6.82 -6.79 3.50
CA LYS A 62 7.30 -5.85 4.51
C LYS A 62 7.54 -4.49 3.87
N VAL A 63 7.47 -3.44 4.67
CA VAL A 63 7.72 -2.11 4.15
C VAL A 63 9.07 -1.60 4.65
N THR A 64 9.82 -0.97 3.76
CA THR A 64 11.11 -0.40 4.12
C THR A 64 11.31 0.94 3.42
N TYR A 65 11.77 1.94 4.17
CA TYR A 65 11.91 3.29 3.63
C TYR A 65 12.98 3.33 2.55
N ASN A 66 12.55 3.66 1.33
CA ASN A 66 13.44 3.68 0.16
C ASN A 66 14.20 2.36 0.06
N GLY A 67 13.46 1.30 -0.23
CA GLY A 67 13.99 -0.05 -0.21
C GLY A 67 15.20 -0.24 -1.11
N GLY A 68 15.21 0.45 -2.23
CA GLY A 68 16.29 0.26 -3.20
C GLY A 68 15.89 -0.74 -4.26
N GLU A 69 14.85 -1.49 -3.96
CA GLU A 69 14.27 -2.44 -4.89
C GLU A 69 13.46 -1.67 -5.93
N LYS A 70 13.29 -2.26 -7.10
CA LYS A 70 12.51 -1.65 -8.16
C LYS A 70 11.06 -2.09 -8.06
N PRO A 71 10.17 -1.18 -7.66
CA PRO A 71 8.75 -1.47 -7.49
C PRO A 71 8.06 -1.80 -8.79
N ASP A 72 7.41 -2.95 -8.82
CA ASP A 72 6.59 -3.36 -9.95
C ASP A 72 5.40 -2.42 -10.09
N VAL A 73 4.90 -1.95 -8.95
CA VAL A 73 3.82 -0.96 -8.93
C VAL A 73 4.11 0.12 -7.91
N THR A 74 3.82 1.36 -8.27
CA THR A 74 3.97 2.48 -7.36
C THR A 74 2.62 3.14 -7.13
N PHE A 75 2.33 3.45 -5.87
CA PHE A 75 1.07 4.11 -5.52
C PHE A 75 1.36 5.42 -4.80
N THR A 76 0.81 6.51 -5.31
CA THR A 76 0.98 7.81 -4.68
C THR A 76 -0.29 8.16 -3.90
N ILE A 77 -0.15 8.24 -2.58
CA ILE A 77 -1.28 8.46 -1.67
C ILE A 77 -0.87 9.46 -0.60
N SER A 78 -1.82 10.23 -0.13
CA SER A 78 -1.59 11.18 0.95
C SER A 78 -1.74 10.49 2.30
N ASP A 79 -0.83 10.84 3.21
CA ASP A 79 -0.75 10.29 4.58
C ASP A 79 -2.11 10.25 5.27
N GLU A 80 -2.91 11.26 4.97
CA GLU A 80 -4.17 11.46 5.63
C GLU A 80 -5.20 10.39 5.22
N ASP A 81 -5.21 10.07 3.93
CA ASP A 81 -6.19 9.13 3.39
C ASP A 81 -5.67 7.71 3.41
N VAL A 82 -4.35 7.56 3.53
CA VAL A 82 -3.71 6.24 3.56
C VAL A 82 -4.34 5.37 4.65
N VAL A 83 -4.77 6.04 5.72
CA VAL A 83 -5.27 5.35 6.90
C VAL A 83 -6.57 4.62 6.60
N ASP A 84 -7.39 5.21 5.75
CA ASP A 84 -8.65 4.61 5.37
C ASP A 84 -8.38 3.50 4.38
N LEU A 85 -7.36 3.69 3.55
CA LEU A 85 -6.99 2.70 2.54
C LEU A 85 -6.40 1.46 3.21
N ILE A 86 -5.49 1.68 4.12
CA ILE A 86 -4.83 0.60 4.83
C ILE A 86 -5.83 -0.14 5.73
N SER A 87 -6.75 0.59 6.33
CA SER A 87 -7.75 -0.01 7.20
C SER A 87 -8.83 -0.74 6.40
N GLY A 88 -9.10 -0.26 5.20
CA GLY A 88 -10.14 -0.85 4.37
C GLY A 88 -11.41 -0.02 4.38
N LYS A 89 -11.30 1.17 4.92
CA LYS A 89 -12.43 2.10 4.99
C LYS A 89 -12.61 2.84 3.68
N LEU A 90 -11.50 3.21 3.07
CA LEU A 90 -11.53 3.92 1.82
C LEU A 90 -11.22 2.98 0.67
N ASN A 91 -12.03 3.06 -0.37
CA ASN A 91 -11.83 2.26 -1.57
C ASN A 91 -10.74 2.86 -2.44
N PRO A 92 -9.71 2.06 -2.76
CA PRO A 92 -8.65 2.50 -3.66
C PRO A 92 -9.20 2.76 -5.05
N GLN A 93 -10.30 2.09 -5.35
CA GLN A 93 -11.02 2.31 -6.59
C GLN A 93 -11.53 3.74 -6.66
N LYS A 94 -12.35 4.13 -5.70
CA LYS A 94 -12.94 5.47 -5.70
C LYS A 94 -11.85 6.51 -5.57
N ALA A 95 -10.81 6.18 -4.82
CA ALA A 95 -9.73 7.12 -4.58
C ALA A 95 -8.92 7.30 -5.85
N PHE A 96 -8.82 6.24 -6.63
CA PHE A 96 -8.17 6.29 -7.94
C PHE A 96 -8.93 7.26 -8.83
N PHE A 97 -10.25 7.09 -8.85
CA PHE A 97 -11.16 7.94 -9.64
C PHE A 97 -11.06 9.40 -9.19
N GLN A 98 -11.04 9.60 -7.89
CA GLN A 98 -11.03 10.92 -7.30
C GLN A 98 -9.67 11.60 -7.42
N GLY A 99 -8.64 10.83 -7.80
CA GLY A 99 -7.33 11.41 -8.04
C GLY A 99 -6.44 11.40 -6.82
N LYS A 100 -6.79 10.58 -5.84
CA LYS A 100 -5.97 10.43 -4.64
C LYS A 100 -5.02 9.27 -4.78
N ILE A 101 -5.39 8.31 -5.63
CA ILE A 101 -4.55 7.17 -5.88
C ILE A 101 -3.98 7.24 -7.28
N LYS A 102 -2.67 7.45 -7.34
CA LYS A 102 -1.94 7.45 -8.57
C LYS A 102 -1.03 6.21 -8.60
N ILE A 103 -1.41 5.26 -9.44
CA ILE A 103 -0.68 4.01 -9.54
C ILE A 103 -0.29 3.75 -10.99
N GLN A 104 0.96 3.37 -11.18
CA GLN A 104 1.52 3.16 -12.50
C GLN A 104 2.47 1.98 -12.42
N GLY A 105 1.96 0.80 -12.70
CA GLY A 105 2.72 -0.39 -12.46
C GLY A 105 2.23 -1.59 -13.23
N ASN A 106 3.00 -2.67 -13.16
CA ASN A 106 2.69 -3.92 -13.85
C ASN A 106 1.25 -4.35 -13.57
N MET A 107 0.48 -4.43 -14.65
CA MET A 107 -0.94 -4.77 -14.57
C MET A 107 -1.16 -6.13 -13.96
N GLY A 108 -0.26 -7.06 -14.26
CA GLY A 108 -0.43 -8.43 -13.82
C GLY A 108 -0.29 -8.56 -12.32
N LEU A 109 0.31 -7.56 -11.71
CA LEU A 109 0.50 -7.53 -10.27
C LEU A 109 -0.69 -6.85 -9.60
N ALA A 110 -0.92 -5.60 -9.99
CA ALA A 110 -1.96 -4.77 -9.39
C ALA A 110 -3.35 -5.28 -9.75
N MET A 111 -3.43 -6.17 -10.75
CA MET A 111 -4.71 -6.76 -11.12
C MET A 111 -5.25 -7.64 -9.99
N LYS A 112 -4.37 -8.07 -9.09
CA LYS A 112 -4.81 -8.86 -7.95
C LYS A 112 -5.38 -7.92 -6.90
N LEU A 113 -4.84 -6.72 -6.86
CA LEU A 113 -5.37 -5.65 -6.03
C LEU A 113 -6.78 -5.35 -6.50
N THR A 114 -6.91 -5.28 -7.81
CA THR A 114 -8.18 -5.13 -8.49
C THR A 114 -9.10 -6.33 -8.22
N ASP A 115 -8.52 -7.53 -8.25
CA ASP A 115 -9.26 -8.78 -8.06
C ASP A 115 -10.07 -8.77 -6.77
N LEU A 116 -9.51 -8.14 -5.75
CA LEU A 116 -10.13 -8.10 -4.42
C LEU A 116 -11.51 -7.47 -4.42
N GLN A 117 -11.87 -6.74 -5.49
CA GLN A 117 -13.15 -6.04 -5.54
C GLN A 117 -14.33 -7.02 -5.52
N ARG A 118 -14.12 -8.22 -6.08
CA ARG A 118 -15.18 -9.23 -6.08
C ARG A 118 -15.49 -9.68 -4.66
N GLN A 119 -14.45 -9.68 -3.84
CA GLN A 119 -14.60 -10.02 -2.42
C GLN A 119 -15.14 -8.84 -1.64
N ALA A 120 -14.68 -7.65 -2.02
CA ALA A 120 -15.05 -6.41 -1.34
C ALA A 120 -16.52 -6.06 -1.59
N ALA A 121 -16.96 -6.14 -2.84
CA ALA A 121 -18.32 -5.77 -3.18
C ALA A 121 -19.27 -6.97 -3.04
N GLY A 122 -18.73 -8.17 -3.17
CA GLY A 122 -19.55 -9.36 -3.05
C GLY A 122 -20.21 -9.73 -4.36
N ARG A 123 -19.85 -9.02 -5.42
CA ARG A 123 -20.40 -9.29 -6.73
C ARG A 123 -19.41 -10.09 -7.57
N ILE A 124 -19.87 -11.21 -8.11
CA ILE A 124 -19.02 -12.06 -8.93
C ILE A 124 -19.32 -11.84 -10.40
N GLU A 125 -20.51 -12.23 -10.81
CA GLU A 125 -20.90 -12.14 -12.21
C GLU A 125 -21.81 -10.94 -12.43
N SER A 126 -21.96 -10.55 -13.69
CA SER A 126 -22.84 -9.45 -14.04
C SER A 126 -23.47 -9.71 -15.40
N ILE A 127 -24.11 -10.86 -15.53
CA ILE A 127 -24.75 -11.27 -16.76
C ILE A 127 -26.22 -11.60 -16.53
N GLY A 1 12.48 24.98 5.53
CA GLY A 1 11.46 24.60 6.54
C GLY A 1 11.71 23.21 7.09
N SER A 2 11.08 22.90 8.21
CA SER A 2 11.27 21.61 8.86
C SER A 2 10.50 20.53 8.10
N SER A 3 11.25 19.62 7.48
CA SER A 3 10.66 18.49 6.78
C SER A 3 9.99 17.55 7.76
N GLY A 4 8.81 17.09 7.40
CA GLY A 4 8.08 16.17 8.24
C GLY A 4 8.76 14.81 8.33
N ASN A 5 9.02 14.38 9.56
CA ASN A 5 9.68 13.10 9.79
C ASN A 5 8.74 11.96 9.49
N PRO A 6 9.30 10.82 9.02
CA PRO A 6 8.52 9.64 8.62
C PRO A 6 7.78 9.03 9.79
N GLU A 7 8.36 9.20 10.97
CA GLU A 7 7.74 8.71 12.21
C GLU A 7 6.45 9.46 12.50
N ASP A 8 6.45 10.74 12.14
CA ASP A 8 5.29 11.59 12.38
C ASP A 8 4.15 11.28 11.41
N PHE A 9 4.46 10.54 10.35
CA PHE A 9 3.45 10.10 9.41
C PHE A 9 2.47 9.14 10.07
N LYS A 10 1.23 9.18 9.60
CA LYS A 10 0.20 8.28 10.08
C LYS A 10 0.47 6.90 9.50
N VAL A 11 1.14 6.90 8.35
CA VAL A 11 1.44 5.66 7.65
C VAL A 11 2.56 4.90 8.36
N PHE A 12 3.27 5.59 9.27
CA PHE A 12 4.39 4.96 9.96
C PHE A 12 3.93 3.70 10.69
N LYS A 13 2.85 3.84 11.45
CA LYS A 13 2.30 2.72 12.18
C LYS A 13 1.60 1.74 11.22
N TYR A 14 0.92 2.28 10.22
CA TYR A 14 0.19 1.46 9.27
C TYR A 14 1.12 0.57 8.46
N MET A 15 2.15 1.16 7.87
CA MET A 15 3.14 0.41 7.12
C MET A 15 3.88 -0.58 8.03
N LYS A 16 4.04 -0.21 9.29
CA LYS A 16 4.70 -1.09 10.26
C LYS A 16 3.83 -2.29 10.60
N ILE A 17 2.52 -2.09 10.71
CA ILE A 17 1.62 -3.22 10.97
C ILE A 17 1.28 -3.93 9.67
N LEU A 18 1.46 -3.23 8.55
CA LEU A 18 1.35 -3.83 7.23
C LEU A 18 2.38 -4.94 7.12
N GLU A 19 3.60 -4.60 7.54
CA GLU A 19 4.71 -5.54 7.61
C GLU A 19 4.28 -6.85 8.27
N GLU A 20 3.61 -6.71 9.41
CA GLU A 20 3.12 -7.85 10.17
C GLU A 20 1.92 -8.49 9.52
N ALA A 21 0.93 -7.67 9.18
CA ALA A 21 -0.38 -8.14 8.75
C ALA A 21 -0.30 -8.98 7.48
N MET A 22 0.58 -8.62 6.56
CA MET A 22 0.73 -9.35 5.31
C MET A 22 1.10 -10.81 5.55
N GLU A 23 2.04 -11.05 6.46
CA GLU A 23 2.44 -12.43 6.76
C GLU A 23 1.59 -13.00 7.90
N ASN A 24 0.80 -12.14 8.53
CA ASN A 24 -0.08 -12.56 9.62
C ASN A 24 -1.26 -13.35 9.05
N ASP A 25 -1.55 -13.11 7.78
CA ASP A 25 -2.59 -13.85 7.07
C ASP A 25 -2.25 -15.34 7.08
N THR A 26 -3.26 -16.13 7.44
CA THR A 26 -3.10 -17.56 7.63
C THR A 26 -2.56 -18.28 6.39
N GLU A 27 -2.98 -17.83 5.22
CA GLU A 27 -2.50 -18.40 3.97
C GLU A 27 -1.45 -17.51 3.33
N ASN A 28 -1.00 -16.50 4.08
CA ASN A 28 -0.08 -15.45 3.58
C ASN A 28 -0.21 -15.28 2.07
N LEU A 29 -1.35 -14.72 1.68
CA LEU A 29 -1.72 -14.54 0.26
C LEU A 29 -0.68 -13.70 -0.48
N ILE A 30 0.30 -13.19 0.26
CA ILE A 30 1.36 -12.39 -0.33
C ILE A 30 2.14 -13.20 -1.36
N GLU A 31 2.13 -14.53 -1.22
CA GLU A 31 2.84 -15.41 -2.13
C GLU A 31 2.11 -15.57 -3.45
N LYS A 32 0.84 -15.18 -3.45
CA LYS A 32 -0.01 -15.32 -4.63
C LYS A 32 -0.04 -14.01 -5.42
N VAL A 33 0.44 -12.96 -4.79
CA VAL A 33 0.44 -11.63 -5.38
C VAL A 33 1.83 -11.01 -5.24
N ARG A 34 2.85 -11.87 -5.29
CA ARG A 34 4.22 -11.44 -5.07
C ARG A 34 4.61 -10.27 -5.96
N GLY A 35 4.92 -9.17 -5.32
CA GLY A 35 5.30 -7.96 -6.01
C GLY A 35 5.90 -6.95 -5.07
N ILE A 36 6.56 -5.94 -5.60
CA ILE A 36 7.11 -4.90 -4.77
C ILE A 36 6.24 -3.66 -4.85
N TYR A 37 5.79 -3.18 -3.71
CA TYR A 37 4.89 -2.05 -3.65
C TYR A 37 5.62 -0.81 -3.19
N GLY A 38 5.71 0.17 -4.06
CA GLY A 38 6.34 1.42 -3.69
C GLY A 38 5.30 2.44 -3.27
N PHE A 39 5.29 2.77 -2.00
CA PHE A 39 4.32 3.73 -1.49
C PHE A 39 4.90 5.12 -1.38
N LYS A 40 4.45 6.00 -2.26
CA LYS A 40 4.83 7.40 -2.23
C LYS A 40 3.77 8.20 -1.50
N VAL A 41 4.05 8.50 -0.24
CA VAL A 41 3.07 9.16 0.61
C VAL A 41 3.34 10.66 0.67
N ARG A 42 2.37 11.45 0.25
CA ARG A 42 2.51 12.90 0.25
C ARG A 42 1.62 13.51 1.33
N ASN A 43 1.66 14.84 1.46
CA ASN A 43 0.82 15.56 2.42
C ASN A 43 1.10 15.11 3.85
N GLY A 44 2.38 14.93 4.17
CA GLY A 44 2.77 14.54 5.50
C GLY A 44 2.74 15.70 6.48
N PRO A 45 3.34 15.52 7.68
CA PRO A 45 3.34 16.50 8.77
C PRO A 45 3.31 17.96 8.31
N ASN A 46 4.32 18.37 7.56
CA ASN A 46 4.39 19.74 7.06
C ASN A 46 4.41 19.74 5.55
N GLY A 47 3.50 18.98 4.95
CA GLY A 47 3.51 18.81 3.52
C GLY A 47 4.66 17.92 3.08
N ALA A 48 5.04 17.01 3.97
CA ALA A 48 6.19 16.15 3.74
C ALA A 48 5.83 14.98 2.86
N GLU A 49 6.85 14.31 2.36
CA GLU A 49 6.68 13.19 1.47
C GLU A 49 7.55 12.03 1.91
N GLY A 50 6.92 10.89 2.10
CA GLY A 50 7.63 9.71 2.49
C GLY A 50 7.56 8.65 1.42
N TYR A 51 8.42 7.65 1.52
CA TYR A 51 8.45 6.58 0.53
C TYR A 51 8.85 5.26 1.18
N TRP A 52 7.96 4.29 1.11
CA TRP A 52 8.22 2.97 1.70
C TRP A 52 8.09 1.90 0.63
N VAL A 53 9.06 1.02 0.57
CA VAL A 53 9.05 -0.09 -0.36
C VAL A 53 8.62 -1.37 0.34
N ILE A 54 7.51 -1.93 -0.07
CA ILE A 54 7.04 -3.19 0.48
C ILE A 54 7.51 -4.35 -0.40
N ASN A 55 8.51 -5.06 0.08
CA ASN A 55 9.03 -6.22 -0.63
C ASN A 55 8.13 -7.42 -0.39
N ALA A 56 7.27 -7.69 -1.35
CA ALA A 56 6.49 -8.90 -1.32
C ALA A 56 6.94 -9.84 -2.42
N LYS A 57 7.91 -9.39 -3.21
CA LYS A 57 8.46 -10.17 -4.30
C LYS A 57 9.21 -11.39 -3.76
N GLU A 58 9.92 -11.19 -2.65
CA GLU A 58 10.62 -12.28 -2.00
C GLU A 58 9.68 -13.02 -1.05
N GLY A 59 8.45 -12.54 -0.98
CA GLY A 59 7.44 -13.19 -0.16
C GLY A 59 7.58 -12.84 1.31
N LYS A 60 8.26 -11.73 1.58
CA LYS A 60 8.48 -11.30 2.95
C LYS A 60 7.35 -10.38 3.43
N GLY A 61 6.87 -9.55 2.52
CA GLY A 61 5.80 -8.62 2.83
C GLY A 61 6.25 -7.55 3.81
N LYS A 62 7.52 -7.18 3.72
CA LYS A 62 8.10 -6.20 4.63
C LYS A 62 8.12 -4.84 3.95
N VAL A 63 8.30 -3.79 4.74
CA VAL A 63 8.38 -2.45 4.18
C VAL A 63 9.67 -1.80 4.63
N THR A 64 10.32 -1.08 3.73
CA THR A 64 11.55 -0.40 4.04
C THR A 64 11.53 1.02 3.47
N TYR A 65 11.94 1.98 4.27
CA TYR A 65 11.94 3.38 3.87
C TYR A 65 12.99 3.61 2.79
N ASN A 66 12.52 4.05 1.63
CA ASN A 66 13.37 4.24 0.45
C ASN A 66 14.16 2.95 0.17
N GLY A 67 13.44 1.93 -0.27
CA GLY A 67 14.05 0.62 -0.44
C GLY A 67 15.08 0.55 -1.54
N GLY A 68 14.82 1.21 -2.65
CA GLY A 68 15.72 1.16 -3.79
C GLY A 68 15.30 0.10 -4.79
N GLU A 69 14.51 -0.86 -4.31
CA GLU A 69 13.94 -1.89 -5.16
C GLU A 69 12.97 -1.28 -6.15
N LYS A 70 12.95 -1.80 -7.37
CA LYS A 70 12.00 -1.36 -8.36
C LYS A 70 10.63 -1.98 -8.10
N PRO A 71 9.67 -1.17 -7.64
CA PRO A 71 8.32 -1.64 -7.36
C PRO A 71 7.55 -1.96 -8.63
N ASP A 72 6.97 -3.15 -8.66
CA ASP A 72 6.10 -3.57 -9.75
C ASP A 72 4.93 -2.58 -9.85
N VAL A 73 4.54 -2.05 -8.70
CA VAL A 73 3.50 -1.04 -8.63
C VAL A 73 3.86 0.01 -7.58
N THR A 74 3.80 1.27 -7.97
CA THR A 74 4.06 2.38 -7.07
C THR A 74 2.81 3.25 -6.93
N PHE A 75 2.31 3.42 -5.71
CA PHE A 75 1.11 4.21 -5.49
C PHE A 75 1.47 5.53 -4.84
N THR A 76 0.94 6.61 -5.38
CA THR A 76 1.09 7.92 -4.78
C THR A 76 -0.20 8.29 -4.08
N ILE A 77 -0.11 8.66 -2.81
CA ILE A 77 -1.29 8.94 -2.00
C ILE A 77 -0.89 9.77 -0.77
N SER A 78 -1.84 10.49 -0.23
CA SER A 78 -1.59 11.38 0.88
C SER A 78 -1.67 10.65 2.22
N ASP A 79 -0.82 11.09 3.14
CA ASP A 79 -0.74 10.57 4.50
C ASP A 79 -2.11 10.52 5.18
N GLU A 80 -2.95 11.47 4.82
CA GLU A 80 -4.28 11.57 5.40
C GLU A 80 -5.20 10.50 4.85
N ASP A 81 -5.01 10.17 3.57
CA ASP A 81 -5.90 9.25 2.87
C ASP A 81 -5.44 7.80 2.99
N VAL A 82 -4.16 7.61 3.27
CA VAL A 82 -3.58 6.28 3.37
C VAL A 82 -4.32 5.46 4.44
N VAL A 83 -4.78 6.15 5.48
CA VAL A 83 -5.32 5.49 6.65
C VAL A 83 -6.63 4.80 6.33
N ASP A 84 -7.35 5.31 5.34
CA ASP A 84 -8.59 4.69 4.91
C ASP A 84 -8.29 3.61 3.89
N LEU A 85 -7.23 3.80 3.13
CA LEU A 85 -6.83 2.82 2.12
C LEU A 85 -6.36 1.53 2.77
N ILE A 86 -5.52 1.68 3.79
CA ILE A 86 -4.93 0.54 4.46
C ILE A 86 -5.94 -0.16 5.38
N SER A 87 -6.96 0.58 5.81
CA SER A 87 -8.00 0.01 6.67
C SER A 87 -9.08 -0.66 5.83
N GLY A 88 -9.19 -0.26 4.56
CA GLY A 88 -10.20 -0.82 3.69
C GLY A 88 -11.43 0.08 3.61
N LYS A 89 -11.30 1.26 4.20
CA LYS A 89 -12.39 2.25 4.21
C LYS A 89 -12.45 3.00 2.90
N LEU A 90 -11.29 3.36 2.37
CA LEU A 90 -11.22 4.11 1.13
C LEU A 90 -10.85 3.20 -0.03
N ASN A 91 -11.72 3.15 -1.02
CA ASN A 91 -11.45 2.40 -2.23
C ASN A 91 -10.37 3.11 -3.04
N PRO A 92 -9.28 2.38 -3.37
CA PRO A 92 -8.21 2.95 -4.18
C PRO A 92 -8.68 3.14 -5.61
N GLN A 93 -9.81 2.53 -5.93
CA GLN A 93 -10.49 2.74 -7.19
C GLN A 93 -11.00 4.17 -7.28
N LYS A 94 -11.85 4.54 -6.32
CA LYS A 94 -12.41 5.88 -6.29
C LYS A 94 -11.31 6.89 -6.01
N ALA A 95 -10.30 6.46 -5.25
CA ALA A 95 -9.16 7.31 -4.97
C ALA A 95 -8.37 7.56 -6.25
N PHE A 96 -8.39 6.57 -7.14
CA PHE A 96 -7.72 6.70 -8.43
C PHE A 96 -8.43 7.76 -9.26
N PHE A 97 -9.75 7.62 -9.34
CA PHE A 97 -10.60 8.53 -10.11
C PHE A 97 -10.54 9.95 -9.55
N GLN A 98 -10.42 10.05 -8.23
CA GLN A 98 -10.41 11.34 -7.56
C GLN A 98 -9.03 11.99 -7.53
N GLY A 99 -8.11 11.41 -8.30
CA GLY A 99 -6.78 11.99 -8.44
C GLY A 99 -5.94 11.85 -7.18
N LYS A 100 -6.38 11.00 -6.27
CA LYS A 100 -5.66 10.78 -5.03
C LYS A 100 -4.58 9.74 -5.22
N ILE A 101 -4.93 8.66 -5.90
CA ILE A 101 -4.00 7.58 -6.12
C ILE A 101 -3.35 7.71 -7.51
N LYS A 102 -2.04 7.78 -7.52
CA LYS A 102 -1.28 7.78 -8.76
C LYS A 102 -0.35 6.58 -8.74
N ILE A 103 -0.76 5.52 -9.42
CA ILE A 103 -0.07 4.25 -9.31
C ILE A 103 0.23 3.66 -10.69
N GLN A 104 1.43 3.09 -10.81
CA GLN A 104 1.85 2.39 -12.01
C GLN A 104 1.16 1.02 -12.04
N GLY A 105 -0.05 1.01 -12.58
CA GLY A 105 -0.88 -0.17 -12.49
C GLY A 105 -0.39 -1.32 -13.33
N ASN A 106 0.16 -2.33 -12.69
CA ASN A 106 0.56 -3.56 -13.37
C ASN A 106 -0.66 -4.44 -13.57
N MET A 107 -0.96 -4.70 -14.84
CA MET A 107 -2.20 -5.37 -15.23
C MET A 107 -2.37 -6.73 -14.57
N GLY A 108 -1.27 -7.46 -14.38
CA GLY A 108 -1.37 -8.78 -13.82
C GLY A 108 -1.26 -8.79 -12.31
N LEU A 109 -0.30 -8.04 -11.80
CA LEU A 109 0.03 -8.07 -10.39
C LEU A 109 -0.98 -7.29 -9.55
N ALA A 110 -1.30 -6.07 -9.98
CA ALA A 110 -2.16 -5.20 -9.20
C ALA A 110 -3.61 -5.67 -9.24
N MET A 111 -3.96 -6.47 -10.25
CA MET A 111 -5.31 -7.02 -10.33
C MET A 111 -5.56 -8.03 -9.21
N LYS A 112 -4.49 -8.54 -8.62
CA LYS A 112 -4.62 -9.44 -7.50
C LYS A 112 -4.89 -8.65 -6.21
N LEU A 113 -4.42 -7.42 -6.17
CA LEU A 113 -4.72 -6.52 -5.06
C LEU A 113 -6.21 -6.25 -5.03
N THR A 114 -6.76 -6.03 -6.20
CA THR A 114 -8.18 -5.74 -6.35
C THR A 114 -9.01 -6.99 -6.12
N ASP A 115 -8.42 -8.14 -6.47
CA ASP A 115 -9.07 -9.42 -6.26
C ASP A 115 -9.16 -9.73 -4.78
N LEU A 116 -8.13 -9.34 -4.04
CA LEU A 116 -8.10 -9.53 -2.59
C LEU A 116 -9.18 -8.70 -1.90
N GLN A 117 -9.30 -7.43 -2.29
CA GLN A 117 -10.25 -6.52 -1.64
C GLN A 117 -11.69 -6.97 -1.91
N ARG A 118 -11.88 -7.79 -2.93
CA ARG A 118 -13.20 -8.36 -3.23
C ARG A 118 -13.75 -9.09 -2.01
N GLN A 119 -12.91 -9.91 -1.39
CA GLN A 119 -13.33 -10.68 -0.22
C GLN A 119 -13.05 -9.89 1.06
N ALA A 120 -11.97 -9.11 1.05
CA ALA A 120 -11.57 -8.34 2.23
C ALA A 120 -12.60 -7.27 2.57
N ALA A 121 -13.22 -6.68 1.57
CA ALA A 121 -14.26 -5.68 1.79
C ALA A 121 -15.62 -6.34 1.95
N GLY A 122 -15.65 -7.64 1.70
CA GLY A 122 -16.85 -8.43 1.89
C GLY A 122 -17.99 -8.01 1.00
N ARG A 123 -17.70 -7.68 -0.24
CA ARG A 123 -18.75 -7.27 -1.18
C ARG A 123 -19.63 -8.45 -1.54
N ILE A 124 -20.91 -8.34 -1.19
CA ILE A 124 -21.88 -9.43 -1.34
C ILE A 124 -21.60 -10.56 -0.35
N GLU A 125 -20.55 -11.31 -0.60
CA GLU A 125 -20.23 -12.44 0.24
C GLU A 125 -19.08 -12.09 1.19
N SER A 126 -19.33 -12.29 2.48
CA SER A 126 -18.36 -11.99 3.50
C SER A 126 -18.42 -13.06 4.59
N ILE A 127 -18.17 -14.30 4.20
CA ILE A 127 -18.23 -15.42 5.12
C ILE A 127 -16.86 -16.08 5.26
N GLY A 1 18.07 12.85 5.33
CA GLY A 1 17.25 13.07 4.11
C GLY A 1 16.52 14.40 4.15
N SER A 2 16.05 14.85 2.99
CA SER A 2 15.35 16.13 2.91
C SER A 2 13.91 15.97 3.38
N SER A 3 13.35 14.79 3.17
CA SER A 3 11.99 14.51 3.60
C SER A 3 11.92 14.39 5.12
N GLY A 4 10.83 14.89 5.69
CA GLY A 4 10.63 14.84 7.12
C GLY A 4 10.61 13.43 7.67
N ASN A 5 10.82 13.30 8.97
CA ASN A 5 10.90 12.01 9.64
C ASN A 5 9.69 11.15 9.33
N PRO A 6 9.98 9.91 8.93
CA PRO A 6 8.97 8.93 8.52
C PRO A 6 8.13 8.45 9.70
N GLU A 7 8.63 8.72 10.90
CA GLU A 7 7.98 8.27 12.13
C GLU A 7 6.76 9.13 12.43
N ASP A 8 6.80 10.38 11.98
CA ASP A 8 5.72 11.32 12.25
C ASP A 8 4.57 11.14 11.25
N PHE A 9 4.79 10.30 10.24
CA PHE A 9 3.75 9.95 9.31
C PHE A 9 2.75 9.02 9.97
N LYS A 10 1.50 9.14 9.58
CA LYS A 10 0.44 8.34 10.15
C LYS A 10 0.47 6.96 9.51
N VAL A 11 1.09 6.90 8.33
CA VAL A 11 1.30 5.64 7.64
C VAL A 11 2.37 4.82 8.33
N PHE A 12 3.12 5.43 9.24
CA PHE A 12 4.18 4.72 9.95
C PHE A 12 3.60 3.50 10.66
N LYS A 13 2.64 3.73 11.53
CA LYS A 13 1.97 2.65 12.26
C LYS A 13 1.22 1.74 11.30
N TYR A 14 0.54 2.36 10.34
CA TYR A 14 -0.31 1.65 9.41
C TYR A 14 0.49 0.72 8.49
N MET A 15 1.63 1.19 7.99
CA MET A 15 2.44 0.36 7.12
C MET A 15 3.28 -0.61 7.95
N LYS A 16 3.52 -0.26 9.20
CA LYS A 16 4.19 -1.17 10.13
C LYS A 16 3.31 -2.37 10.41
N ILE A 17 2.01 -2.13 10.60
CA ILE A 17 1.09 -3.22 10.81
C ILE A 17 0.74 -3.89 9.48
N LEU A 18 0.85 -3.14 8.39
CA LEU A 18 0.73 -3.71 7.04
C LEU A 18 1.75 -4.83 6.91
N GLU A 19 3.00 -4.50 7.25
CA GLU A 19 4.11 -5.44 7.24
C GLU A 19 3.73 -6.74 7.93
N GLU A 20 3.24 -6.63 9.16
CA GLU A 20 2.94 -7.80 9.96
C GLU A 20 1.67 -8.49 9.48
N ALA A 21 0.69 -7.68 9.10
CA ALA A 21 -0.64 -8.15 8.72
C ALA A 21 -0.61 -8.98 7.43
N MET A 22 0.22 -8.59 6.48
CA MET A 22 0.32 -9.30 5.21
C MET A 22 0.72 -10.76 5.42
N GLU A 23 1.69 -10.99 6.29
CA GLU A 23 2.10 -12.36 6.60
C GLU A 23 1.31 -12.90 7.79
N ASN A 24 0.54 -12.04 8.43
CA ASN A 24 -0.24 -12.42 9.61
C ASN A 24 -1.30 -13.45 9.22
N ASP A 25 -1.83 -13.31 8.01
CA ASP A 25 -2.84 -14.23 7.51
C ASP A 25 -2.25 -15.64 7.44
N THR A 26 -3.00 -16.59 7.95
CA THR A 26 -2.55 -17.96 8.07
C THR A 26 -2.22 -18.59 6.71
N GLU A 27 -2.83 -18.06 5.65
CA GLU A 27 -2.60 -18.56 4.31
C GLU A 27 -1.65 -17.66 3.53
N ASN A 28 -1.03 -16.70 4.25
CA ASN A 28 -0.05 -15.75 3.69
C ASN A 28 -0.34 -15.42 2.22
N LEU A 29 -1.42 -14.67 2.02
CA LEU A 29 -1.94 -14.35 0.69
C LEU A 29 -0.94 -13.53 -0.13
N ILE A 30 0.19 -13.20 0.47
CA ILE A 30 1.23 -12.43 -0.20
C ILE A 30 1.79 -13.24 -1.38
N GLU A 31 1.73 -14.56 -1.25
CA GLU A 31 2.27 -15.48 -2.25
C GLU A 31 1.55 -15.33 -3.59
N LYS A 32 0.31 -14.87 -3.53
CA LYS A 32 -0.52 -14.74 -4.72
C LYS A 32 -0.20 -13.45 -5.48
N VAL A 33 0.42 -12.51 -4.78
CA VAL A 33 0.71 -11.20 -5.34
C VAL A 33 2.15 -10.80 -5.14
N ARG A 34 3.04 -11.79 -5.14
CA ARG A 34 4.46 -11.52 -4.99
C ARG A 34 4.92 -10.44 -5.93
N GLY A 35 5.29 -9.32 -5.34
CA GLY A 35 5.65 -8.14 -6.11
C GLY A 35 6.05 -7.02 -5.18
N ILE A 36 6.76 -6.04 -5.70
CA ILE A 36 7.20 -4.92 -4.88
C ILE A 36 6.24 -3.75 -4.99
N TYR A 37 5.80 -3.27 -3.84
CA TYR A 37 4.86 -2.16 -3.80
C TYR A 37 5.58 -0.90 -3.34
N GLY A 38 5.60 0.11 -4.18
CA GLY A 38 6.23 1.37 -3.80
C GLY A 38 5.20 2.38 -3.37
N PHE A 39 5.22 2.75 -2.11
CA PHE A 39 4.26 3.71 -1.60
C PHE A 39 4.86 5.11 -1.47
N LYS A 40 4.38 6.00 -2.32
CA LYS A 40 4.77 7.41 -2.26
C LYS A 40 3.73 8.17 -1.45
N VAL A 41 4.06 8.43 -0.19
CA VAL A 41 3.11 9.05 0.72
C VAL A 41 3.41 10.53 0.88
N ARG A 42 2.51 11.36 0.38
CA ARG A 42 2.69 12.81 0.42
C ARG A 42 1.83 13.43 1.50
N ASN A 43 1.91 14.75 1.65
CA ASN A 43 1.15 15.47 2.67
C ASN A 43 1.58 15.08 4.08
N GLY A 44 2.88 14.85 4.25
CA GLY A 44 3.41 14.49 5.54
C GLY A 44 3.50 15.68 6.49
N PRO A 45 4.32 15.56 7.55
CA PRO A 45 4.45 16.56 8.62
C PRO A 45 4.30 18.00 8.16
N ASN A 46 5.18 18.43 7.28
CA ASN A 46 5.14 19.78 6.73
C ASN A 46 4.86 19.74 5.23
N GLY A 47 4.01 18.81 4.82
CA GLY A 47 3.81 18.57 3.42
C GLY A 47 4.94 17.72 2.87
N ALA A 48 5.57 16.97 3.77
CA ALA A 48 6.69 16.12 3.42
C ALA A 48 6.22 14.92 2.61
N GLU A 49 7.13 14.36 1.84
CA GLU A 49 6.83 13.21 1.04
C GLU A 49 7.70 12.03 1.46
N GLY A 50 7.04 10.99 1.95
CA GLY A 50 7.73 9.81 2.38
C GLY A 50 7.59 8.70 1.37
N TYR A 51 8.45 7.71 1.43
CA TYR A 51 8.44 6.64 0.45
C TYR A 51 8.85 5.32 1.10
N TRP A 52 7.93 4.36 1.06
CA TRP A 52 8.18 3.04 1.64
C TRP A 52 8.03 1.98 0.56
N VAL A 53 8.97 1.05 0.55
CA VAL A 53 8.94 -0.04 -0.40
C VAL A 53 8.54 -1.33 0.28
N ILE A 54 7.41 -1.89 -0.15
CA ILE A 54 6.97 -3.18 0.35
C ILE A 54 7.46 -4.28 -0.58
N ASN A 55 8.55 -4.92 -0.18
CA ASN A 55 9.14 -5.95 -1.02
C ASN A 55 8.48 -7.30 -0.77
N ALA A 56 7.55 -7.66 -1.64
CA ALA A 56 6.91 -8.95 -1.56
C ALA A 56 7.36 -9.83 -2.72
N LYS A 57 8.33 -9.34 -3.47
CA LYS A 57 8.87 -10.06 -4.62
C LYS A 57 9.45 -11.41 -4.20
N GLU A 58 10.18 -11.39 -3.09
CA GLU A 58 10.81 -12.60 -2.58
C GLU A 58 9.95 -13.28 -1.54
N GLY A 59 8.75 -12.76 -1.37
CA GLY A 59 7.78 -13.40 -0.50
C GLY A 59 7.68 -12.76 0.87
N LYS A 60 8.64 -11.91 1.21
CA LYS A 60 8.64 -11.23 2.49
C LYS A 60 7.40 -10.38 2.70
N GLY A 61 7.24 -9.32 1.92
CA GLY A 61 6.13 -8.43 2.13
C GLY A 61 6.44 -7.39 3.19
N LYS A 62 7.70 -6.97 3.23
CA LYS A 62 8.16 -6.02 4.24
C LYS A 62 8.17 -4.62 3.66
N VAL A 63 7.93 -3.62 4.50
CA VAL A 63 7.98 -2.24 4.05
C VAL A 63 9.24 -1.57 4.60
N THR A 64 9.92 -0.85 3.74
CA THR A 64 11.16 -0.17 4.12
C THR A 64 11.23 1.22 3.50
N TYR A 65 11.58 2.20 4.31
CA TYR A 65 11.68 3.58 3.85
C TYR A 65 12.86 3.72 2.90
N ASN A 66 12.58 4.16 1.68
CA ASN A 66 13.59 4.19 0.62
C ASN A 66 14.19 2.79 0.43
N GLY A 67 13.40 1.94 -0.21
CA GLY A 67 13.83 0.56 -0.39
C GLY A 67 14.96 0.43 -1.37
N GLY A 68 14.90 1.17 -2.46
CA GLY A 68 15.95 1.09 -3.48
C GLY A 68 15.66 0.02 -4.50
N GLU A 69 14.70 -0.84 -4.19
CA GLU A 69 14.26 -1.89 -5.10
C GLU A 69 13.31 -1.31 -6.13
N LYS A 70 13.15 -2.00 -7.25
CA LYS A 70 12.24 -1.57 -8.29
C LYS A 70 10.84 -2.12 -8.04
N PRO A 71 9.91 -1.25 -7.66
CA PRO A 71 8.51 -1.64 -7.42
C PRO A 71 7.79 -2.09 -8.68
N ASP A 72 7.08 -3.20 -8.57
CA ASP A 72 6.21 -3.66 -9.64
C ASP A 72 5.06 -2.69 -9.80
N VAL A 73 4.65 -2.11 -8.68
CA VAL A 73 3.58 -1.12 -8.65
C VAL A 73 3.93 0.00 -7.66
N THR A 74 3.73 1.24 -8.07
CA THR A 74 3.94 2.37 -7.18
C THR A 74 2.64 3.15 -7.02
N PHE A 75 2.31 3.47 -5.78
CA PHE A 75 1.08 4.20 -5.47
C PHE A 75 1.42 5.53 -4.80
N THR A 76 0.91 6.62 -5.34
CA THR A 76 1.04 7.92 -4.70
C THR A 76 -0.26 8.26 -3.97
N ILE A 77 -0.14 8.57 -2.68
CA ILE A 77 -1.29 8.86 -1.83
C ILE A 77 -0.85 9.70 -0.64
N SER A 78 -1.72 10.60 -0.21
CA SER A 78 -1.46 11.46 0.92
C SER A 78 -1.62 10.70 2.24
N ASP A 79 -0.74 11.03 3.18
CA ASP A 79 -0.69 10.44 4.53
C ASP A 79 -2.07 10.46 5.20
N GLU A 80 -2.88 11.41 4.80
CA GLU A 80 -4.17 11.64 5.41
C GLU A 80 -5.21 10.63 4.91
N ASP A 81 -5.08 10.23 3.65
CA ASP A 81 -6.06 9.34 3.02
C ASP A 81 -5.65 7.88 3.20
N VAL A 82 -4.36 7.66 3.46
CA VAL A 82 -3.83 6.30 3.54
C VAL A 82 -4.56 5.47 4.59
N VAL A 83 -5.02 6.15 5.64
CA VAL A 83 -5.56 5.49 6.82
C VAL A 83 -6.81 4.70 6.49
N ASP A 84 -7.55 5.17 5.49
CA ASP A 84 -8.75 4.49 5.05
C ASP A 84 -8.36 3.36 4.12
N LEU A 85 -7.28 3.57 3.37
CA LEU A 85 -6.78 2.56 2.44
C LEU A 85 -6.19 1.38 3.20
N ILE A 86 -5.44 1.68 4.26
CA ILE A 86 -4.84 0.65 5.10
C ILE A 86 -5.92 -0.15 5.83
N SER A 87 -7.08 0.47 6.03
CA SER A 87 -8.16 -0.17 6.78
C SER A 87 -9.18 -0.82 5.85
N GLY A 88 -9.09 -0.54 4.57
CA GLY A 88 -10.04 -1.09 3.62
C GLY A 88 -11.31 -0.25 3.55
N LYS A 89 -11.26 0.92 4.18
CA LYS A 89 -12.39 1.84 4.17
C LYS A 89 -12.46 2.58 2.86
N LEU A 90 -11.30 3.00 2.39
CA LEU A 90 -11.21 3.72 1.13
C LEU A 90 -10.77 2.76 0.03
N ASN A 91 -11.57 2.71 -1.02
CA ASN A 91 -11.26 1.87 -2.17
C ASN A 91 -10.19 2.53 -3.02
N PRO A 92 -9.08 1.82 -3.27
CA PRO A 92 -8.00 2.34 -4.09
C PRO A 92 -8.46 2.54 -5.52
N GLN A 93 -9.52 1.82 -5.87
CA GLN A 93 -10.18 2.00 -7.14
C GLN A 93 -10.80 3.38 -7.27
N LYS A 94 -11.66 3.72 -6.32
CA LYS A 94 -12.35 5.00 -6.36
C LYS A 94 -11.35 6.12 -6.11
N ALA A 95 -10.31 5.84 -5.32
CA ALA A 95 -9.27 6.82 -5.06
C ALA A 95 -8.45 7.04 -6.33
N PHE A 96 -8.30 5.99 -7.11
CA PHE A 96 -7.64 6.06 -8.41
C PHE A 96 -8.41 7.01 -9.32
N PHE A 97 -9.71 6.73 -9.43
CA PHE A 97 -10.60 7.51 -10.30
C PHE A 97 -10.69 8.96 -9.84
N GLN A 98 -10.78 9.15 -8.52
CA GLN A 98 -10.90 10.48 -7.94
C GLN A 98 -9.58 11.26 -8.02
N GLY A 99 -8.51 10.59 -8.46
CA GLY A 99 -7.27 11.28 -8.73
C GLY A 99 -6.30 11.22 -7.57
N LYS A 100 -6.71 10.66 -6.46
CA LYS A 100 -5.85 10.51 -5.30
C LYS A 100 -4.76 9.50 -5.57
N ILE A 101 -5.15 8.32 -6.00
CA ILE A 101 -4.22 7.24 -6.20
C ILE A 101 -3.58 7.31 -7.58
N LYS A 102 -2.27 7.50 -7.59
CA LYS A 102 -1.48 7.48 -8.81
C LYS A 102 -0.65 6.21 -8.85
N ILE A 103 -1.06 5.25 -9.66
CA ILE A 103 -0.37 3.99 -9.74
C ILE A 103 0.02 3.67 -11.18
N GLN A 104 1.21 3.09 -11.33
CA GLN A 104 1.77 2.74 -12.62
C GLN A 104 2.50 1.42 -12.49
N GLY A 105 1.77 0.34 -12.58
CA GLY A 105 2.33 -0.96 -12.27
C GLY A 105 1.54 -2.10 -12.84
N ASN A 106 2.09 -3.30 -12.72
CA ASN A 106 1.45 -4.54 -13.18
C ASN A 106 0.02 -4.62 -12.67
N MET A 107 -0.91 -4.61 -13.61
CA MET A 107 -2.35 -4.51 -13.32
C MET A 107 -2.84 -5.67 -12.47
N GLY A 108 -2.54 -6.89 -12.89
CA GLY A 108 -3.05 -8.06 -12.19
C GLY A 108 -2.48 -8.17 -10.80
N LEU A 109 -1.30 -7.61 -10.64
CA LEU A 109 -0.59 -7.64 -9.37
C LEU A 109 -1.26 -6.69 -8.37
N ALA A 110 -1.67 -5.51 -8.85
CA ALA A 110 -2.26 -4.51 -7.98
C ALA A 110 -3.78 -4.71 -7.84
N MET A 111 -4.41 -5.27 -8.87
CA MET A 111 -5.86 -5.44 -8.86
C MET A 111 -6.31 -6.45 -7.81
N LYS A 112 -5.38 -7.27 -7.34
CA LYS A 112 -5.68 -8.20 -6.28
C LYS A 112 -5.64 -7.49 -4.93
N LEU A 113 -4.79 -6.47 -4.85
CA LEU A 113 -4.60 -5.71 -3.62
C LEU A 113 -5.91 -5.05 -3.18
N THR A 114 -6.60 -4.45 -4.16
CA THR A 114 -7.84 -3.75 -3.88
C THR A 114 -8.96 -4.73 -3.50
N ASP A 115 -8.83 -5.96 -3.98
CA ASP A 115 -9.84 -6.99 -3.74
C ASP A 115 -9.64 -7.61 -2.36
N LEU A 116 -8.39 -7.70 -1.95
CA LEU A 116 -8.04 -8.24 -0.63
C LEU A 116 -8.74 -7.50 0.50
N GLN A 117 -8.86 -6.18 0.37
CA GLN A 117 -9.48 -5.38 1.41
C GLN A 117 -10.99 -5.51 1.37
N ARG A 118 -11.53 -5.95 0.23
CA ARG A 118 -12.95 -6.23 0.12
C ARG A 118 -13.29 -7.39 1.03
N GLN A 119 -12.45 -8.41 0.97
CA GLN A 119 -12.57 -9.59 1.81
C GLN A 119 -12.38 -9.22 3.28
N ALA A 120 -11.41 -8.35 3.53
CA ALA A 120 -11.10 -7.90 4.89
C ALA A 120 -12.25 -7.12 5.50
N ALA A 121 -12.91 -6.31 4.68
CA ALA A 121 -14.04 -5.52 5.13
C ALA A 121 -15.24 -6.42 5.43
N GLY A 122 -15.36 -7.50 4.67
CA GLY A 122 -16.41 -8.46 4.89
C GLY A 122 -17.63 -8.19 4.03
N ARG A 123 -17.80 -6.92 3.66
CA ARG A 123 -18.94 -6.49 2.84
C ARG A 123 -20.24 -6.77 3.56
N ILE A 124 -20.68 -5.82 4.37
CA ILE A 124 -21.93 -5.94 5.10
C ILE A 124 -23.10 -5.57 4.21
N GLU A 125 -23.12 -4.33 3.76
CA GLU A 125 -24.19 -3.84 2.93
C GLU A 125 -23.77 -3.83 1.47
N SER A 126 -24.75 -3.80 0.57
CA SER A 126 -24.46 -3.81 -0.85
C SER A 126 -25.31 -2.77 -1.57
N ILE A 127 -24.73 -1.60 -1.75
CA ILE A 127 -25.37 -0.54 -2.52
C ILE A 127 -24.50 -0.18 -3.72
N GLY A 1 17.33 10.74 4.06
CA GLY A 1 16.51 11.26 2.94
C GLY A 1 16.36 12.76 3.03
N SER A 2 15.49 13.32 2.20
CA SER A 2 15.25 14.75 2.21
C SER A 2 13.81 15.06 2.57
N SER A 3 13.24 14.23 3.44
CA SER A 3 11.86 14.40 3.85
C SER A 3 11.74 14.38 5.38
N GLY A 4 10.51 14.41 5.86
CA GLY A 4 10.28 14.36 7.29
C GLY A 4 10.45 12.97 7.87
N ASN A 5 10.39 12.87 9.19
CA ASN A 5 10.52 11.57 9.86
C ASN A 5 9.39 10.65 9.46
N PRO A 6 9.76 9.43 9.10
CA PRO A 6 8.84 8.41 8.60
C PRO A 6 7.89 7.92 9.68
N GLU A 7 8.26 8.16 10.93
CA GLU A 7 7.48 7.68 12.07
C GLU A 7 6.36 8.66 12.38
N ASP A 8 6.58 9.92 12.04
CA ASP A 8 5.59 10.97 12.28
C ASP A 8 4.45 10.89 11.28
N PHE A 9 4.62 10.06 10.25
CA PHE A 9 3.57 9.81 9.29
C PHE A 9 2.50 8.94 9.93
N LYS A 10 1.26 9.18 9.53
CA LYS A 10 0.13 8.43 10.05
C LYS A 10 0.10 7.06 9.39
N VAL A 11 0.84 6.96 8.29
CA VAL A 11 0.95 5.71 7.55
C VAL A 11 1.94 4.77 8.24
N PHE A 12 2.76 5.32 9.14
CA PHE A 12 3.82 4.54 9.77
C PHE A 12 3.25 3.28 10.42
N LYS A 13 2.28 3.46 11.31
CA LYS A 13 1.66 2.34 12.01
C LYS A 13 0.91 1.44 11.04
N TYR A 14 0.30 2.05 10.02
CA TYR A 14 -0.45 1.30 9.03
C TYR A 14 0.46 0.42 8.19
N MET A 15 1.55 0.98 7.69
CA MET A 15 2.50 0.20 6.90
C MET A 15 3.27 -0.78 7.78
N LYS A 16 3.48 -0.40 9.04
CA LYS A 16 4.13 -1.30 9.98
C LYS A 16 3.27 -2.51 10.28
N ILE A 17 1.95 -2.33 10.31
CA ILE A 17 1.06 -3.46 10.50
C ILE A 17 0.75 -4.12 9.17
N LEU A 18 0.97 -3.40 8.08
CA LEU A 18 0.91 -4.00 6.75
C LEU A 18 2.00 -5.05 6.66
N GLU A 19 3.21 -4.59 7.00
CA GLU A 19 4.37 -5.44 7.16
C GLU A 19 4.03 -6.73 7.90
N GLU A 20 3.41 -6.55 9.05
CA GLU A 20 3.07 -7.63 9.95
C GLU A 20 1.89 -8.45 9.42
N ALA A 21 0.74 -7.81 9.30
CA ALA A 21 -0.54 -8.47 9.03
C ALA A 21 -0.50 -9.36 7.79
N MET A 22 0.12 -8.88 6.72
CA MET A 22 0.15 -9.62 5.46
C MET A 22 0.85 -10.97 5.61
N GLU A 23 1.91 -11.00 6.41
CA GLU A 23 2.63 -12.24 6.64
C GLU A 23 2.06 -12.95 7.87
N ASN A 24 1.45 -12.18 8.76
CA ASN A 24 0.83 -12.72 9.97
C ASN A 24 -0.32 -13.66 9.61
N ASP A 25 -0.99 -13.34 8.51
CA ASP A 25 -2.05 -14.19 7.99
C ASP A 25 -1.51 -15.60 7.77
N THR A 26 -2.29 -16.58 8.20
CA THR A 26 -1.90 -17.98 8.13
C THR A 26 -1.71 -18.44 6.70
N GLU A 27 -2.45 -17.81 5.78
CA GLU A 27 -2.32 -18.07 4.37
C GLU A 27 -1.15 -17.31 3.78
N ASN A 28 -0.78 -16.19 4.43
CA ASN A 28 0.23 -15.27 3.93
C ASN A 28 0.16 -15.14 2.42
N LEU A 29 -0.88 -14.44 1.98
CA LEU A 29 -1.19 -14.29 0.55
C LEU A 29 -0.07 -13.56 -0.20
N ILE A 30 0.94 -13.13 0.54
CA ILE A 30 2.04 -12.37 -0.03
C ILE A 30 2.77 -13.18 -1.11
N GLU A 31 2.72 -14.51 -1.00
CA GLU A 31 3.41 -15.37 -1.96
C GLU A 31 2.57 -15.57 -3.21
N LYS A 32 1.30 -15.22 -3.13
CA LYS A 32 0.40 -15.32 -4.27
C LYS A 32 0.36 -14.01 -5.04
N VAL A 33 0.89 -12.98 -4.41
CA VAL A 33 0.89 -11.64 -4.98
C VAL A 33 2.29 -11.04 -4.90
N ARG A 34 3.30 -11.91 -5.03
CA ARG A 34 4.68 -11.50 -4.95
C ARG A 34 4.98 -10.35 -5.90
N GLY A 35 5.24 -9.21 -5.31
CA GLY A 35 5.48 -8.00 -6.06
C GLY A 35 5.86 -6.87 -5.15
N ILE A 36 6.70 -5.97 -5.61
CA ILE A 36 7.15 -4.88 -4.78
C ILE A 36 6.22 -3.68 -4.89
N TYR A 37 5.76 -3.20 -3.75
CA TYR A 37 4.82 -2.10 -3.71
C TYR A 37 5.53 -0.82 -3.30
N GLY A 38 5.56 0.14 -4.19
CA GLY A 38 6.18 1.42 -3.86
C GLY A 38 5.15 2.42 -3.43
N PHE A 39 5.17 2.79 -2.16
CA PHE A 39 4.20 3.74 -1.65
C PHE A 39 4.78 5.14 -1.55
N LYS A 40 4.40 5.99 -2.49
CA LYS A 40 4.78 7.39 -2.48
C LYS A 40 3.75 8.18 -1.69
N VAL A 41 4.08 8.48 -0.45
CA VAL A 41 3.16 9.18 0.43
C VAL A 41 3.50 10.66 0.47
N ARG A 42 2.49 11.51 0.36
CA ARG A 42 2.70 12.95 0.36
C ARG A 42 1.84 13.61 1.44
N ASN A 43 2.01 14.93 1.60
CA ASN A 43 1.23 15.71 2.56
C ASN A 43 1.39 15.18 3.98
N GLY A 44 2.62 14.84 4.34
CA GLY A 44 2.91 14.38 5.69
C GLY A 44 2.92 15.51 6.70
N PRO A 45 3.56 15.29 7.87
CA PRO A 45 3.61 16.25 8.99
C PRO A 45 3.74 17.71 8.54
N ASN A 46 4.82 18.00 7.84
CA ASN A 46 5.09 19.34 7.35
C ASN A 46 4.94 19.39 5.83
N GLY A 47 3.99 18.62 5.31
CA GLY A 47 3.86 18.49 3.88
C GLY A 47 4.94 17.57 3.34
N ALA A 48 5.37 16.65 4.18
CA ALA A 48 6.47 15.76 3.85
C ALA A 48 6.04 14.65 2.92
N GLU A 49 6.98 14.25 2.08
CA GLU A 49 6.78 13.17 1.16
C GLU A 49 7.60 11.96 1.59
N GLY A 50 6.92 10.94 2.09
CA GLY A 50 7.60 9.74 2.52
C GLY A 50 7.50 8.66 1.47
N TYR A 51 8.47 7.76 1.45
CA TYR A 51 8.46 6.70 0.47
C TYR A 51 8.86 5.37 1.10
N TRP A 52 7.94 4.42 1.10
CA TRP A 52 8.21 3.09 1.64
C TRP A 52 8.05 2.05 0.56
N VAL A 53 8.94 1.09 0.57
CA VAL A 53 8.91 0.01 -0.39
C VAL A 53 8.51 -1.29 0.30
N ILE A 54 7.35 -1.80 -0.04
CA ILE A 54 6.89 -3.07 0.50
C ILE A 54 7.34 -4.20 -0.42
N ASN A 55 8.37 -4.90 -0.02
CA ASN A 55 8.93 -5.96 -0.85
C ASN A 55 8.19 -7.26 -0.60
N ALA A 56 7.25 -7.56 -1.48
CA ALA A 56 6.55 -8.82 -1.45
C ALA A 56 7.17 -9.79 -2.45
N LYS A 57 8.15 -9.29 -3.20
CA LYS A 57 8.86 -10.08 -4.20
C LYS A 57 9.62 -11.22 -3.52
N GLU A 58 10.26 -10.90 -2.40
CA GLU A 58 11.01 -11.88 -1.63
C GLU A 58 10.07 -12.81 -0.87
N GLY A 59 8.78 -12.53 -0.92
CA GLY A 59 7.80 -13.31 -0.19
C GLY A 59 7.73 -12.91 1.26
N LYS A 60 8.34 -11.78 1.59
CA LYS A 60 8.35 -11.28 2.96
C LYS A 60 7.17 -10.35 3.20
N GLY A 61 7.01 -9.35 2.35
CA GLY A 61 5.95 -8.38 2.53
C GLY A 61 6.33 -7.33 3.54
N LYS A 62 7.61 -6.98 3.55
CA LYS A 62 8.14 -6.02 4.50
C LYS A 62 8.21 -4.64 3.88
N VAL A 63 8.07 -3.61 4.69
CA VAL A 63 8.14 -2.24 4.18
C VAL A 63 9.45 -1.62 4.62
N THR A 64 10.20 -1.12 3.67
CA THR A 64 11.48 -0.51 3.93
C THR A 64 11.55 0.86 3.29
N TYR A 65 12.04 1.84 4.04
CA TYR A 65 12.10 3.22 3.57
C TYR A 65 13.01 3.33 2.36
N ASN A 66 12.46 3.88 1.27
CA ASN A 66 13.18 4.04 -0.01
C ASN A 66 13.33 2.71 -0.75
N GLY A 67 13.66 1.65 0.00
CA GLY A 67 13.78 0.30 -0.53
C GLY A 67 14.99 0.10 -1.43
N GLY A 68 15.26 1.06 -2.30
CA GLY A 68 16.33 0.90 -3.27
C GLY A 68 15.99 -0.14 -4.32
N GLU A 69 14.70 -0.48 -4.40
CA GLU A 69 14.22 -1.52 -5.30
C GLU A 69 13.26 -0.93 -6.32
N LYS A 70 13.02 -1.66 -7.39
CA LYS A 70 12.06 -1.25 -8.41
C LYS A 70 10.71 -1.90 -8.13
N PRO A 71 9.72 -1.10 -7.70
CA PRO A 71 8.37 -1.61 -7.40
C PRO A 71 7.63 -2.05 -8.65
N ASP A 72 7.00 -3.23 -8.54
CA ASP A 72 6.14 -3.74 -9.60
C ASP A 72 4.92 -2.84 -9.74
N VAL A 73 4.49 -2.27 -8.61
CA VAL A 73 3.42 -1.28 -8.60
C VAL A 73 3.72 -0.18 -7.60
N THR A 74 3.56 1.06 -8.02
CA THR A 74 3.75 2.21 -7.16
C THR A 74 2.44 2.96 -6.97
N PHE A 75 2.10 3.26 -5.72
CA PHE A 75 0.88 3.99 -5.40
C PHE A 75 1.23 5.33 -4.75
N THR A 76 0.76 6.42 -5.33
CA THR A 76 0.97 7.73 -4.75
C THR A 76 -0.28 8.17 -3.99
N ILE A 77 -0.12 8.40 -2.70
CA ILE A 77 -1.23 8.71 -1.80
C ILE A 77 -0.76 9.73 -0.78
N SER A 78 -1.68 10.50 -0.24
CA SER A 78 -1.37 11.43 0.83
C SER A 78 -1.52 10.75 2.18
N ASP A 79 -0.64 11.11 3.11
CA ASP A 79 -0.61 10.52 4.45
C ASP A 79 -2.01 10.35 5.04
N GLU A 80 -2.76 11.43 5.02
CA GLU A 80 -4.09 11.48 5.59
C GLU A 80 -5.04 10.45 4.95
N ASP A 81 -4.97 10.32 3.64
CA ASP A 81 -5.93 9.48 2.91
C ASP A 81 -5.55 8.00 2.98
N VAL A 82 -4.28 7.74 3.27
CA VAL A 82 -3.76 6.38 3.30
C VAL A 82 -4.52 5.53 4.32
N VAL A 83 -4.93 6.16 5.41
CA VAL A 83 -5.50 5.44 6.54
C VAL A 83 -6.85 4.85 6.18
N ASP A 84 -7.57 5.50 5.28
CA ASP A 84 -8.84 5.00 4.84
C ASP A 84 -8.61 3.94 3.78
N LEU A 85 -7.56 4.13 3.00
CA LEU A 85 -7.24 3.20 1.91
C LEU A 85 -6.77 1.86 2.44
N ILE A 86 -5.86 1.92 3.39
CA ILE A 86 -5.28 0.71 3.98
C ILE A 86 -6.31 -0.02 4.85
N SER A 87 -7.26 0.72 5.37
CA SER A 87 -8.28 0.15 6.25
C SER A 87 -9.48 -0.38 5.45
N GLY A 88 -9.51 -0.09 4.16
CA GLY A 88 -10.61 -0.54 3.33
C GLY A 88 -11.82 0.38 3.41
N LYS A 89 -11.57 1.61 3.85
CA LYS A 89 -12.62 2.60 4.02
C LYS A 89 -12.75 3.48 2.79
N LEU A 90 -11.61 3.87 2.25
CA LEU A 90 -11.59 4.69 1.06
C LEU A 90 -11.29 3.84 -0.17
N ASN A 91 -12.14 3.99 -1.17
CA ASN A 91 -11.99 3.26 -2.42
C ASN A 91 -10.77 3.75 -3.19
N PRO A 92 -9.81 2.87 -3.50
CA PRO A 92 -8.63 3.25 -4.28
C PRO A 92 -9.01 3.59 -5.71
N GLN A 93 -10.14 3.04 -6.14
CA GLN A 93 -10.72 3.36 -7.44
C GLN A 93 -11.16 4.82 -7.46
N LYS A 94 -12.06 5.17 -6.54
CA LYS A 94 -12.58 6.53 -6.48
C LYS A 94 -11.44 7.50 -6.22
N ALA A 95 -10.50 7.08 -5.38
CA ALA A 95 -9.37 7.93 -5.06
C ALA A 95 -8.45 8.10 -6.27
N PHE A 96 -8.33 7.04 -7.07
CA PHE A 96 -7.59 7.11 -8.33
C PHE A 96 -8.24 8.13 -9.25
N PHE A 97 -9.54 7.95 -9.45
CA PHE A 97 -10.34 8.81 -10.30
C PHE A 97 -10.26 10.27 -9.85
N GLN A 98 -10.32 10.47 -8.54
CA GLN A 98 -10.31 11.80 -7.96
C GLN A 98 -8.91 12.42 -7.99
N GLY A 99 -7.93 11.68 -8.50
CA GLY A 99 -6.60 12.22 -8.70
C GLY A 99 -5.65 11.91 -7.56
N LYS A 100 -6.19 11.43 -6.44
CA LYS A 100 -5.39 11.12 -5.27
C LYS A 100 -4.39 10.00 -5.57
N ILE A 101 -4.92 8.85 -5.93
CA ILE A 101 -4.11 7.67 -6.14
C ILE A 101 -3.46 7.69 -7.52
N LYS A 102 -2.14 7.63 -7.53
CA LYS A 102 -1.38 7.48 -8.76
C LYS A 102 -0.65 6.15 -8.75
N ILE A 103 -1.22 5.17 -9.44
CA ILE A 103 -0.61 3.87 -9.55
C ILE A 103 -0.25 3.57 -11.01
N GLN A 104 0.95 3.06 -11.21
CA GLN A 104 1.48 2.81 -12.54
C GLN A 104 2.31 1.54 -12.50
N GLY A 105 1.62 0.42 -12.56
CA GLY A 105 2.26 -0.85 -12.31
C GLY A 105 1.47 -2.01 -12.87
N ASN A 106 2.06 -3.20 -12.79
CA ASN A 106 1.42 -4.42 -13.27
C ASN A 106 0.00 -4.53 -12.72
N MET A 107 -0.97 -4.38 -13.62
CA MET A 107 -2.38 -4.32 -13.25
C MET A 107 -2.86 -5.63 -12.64
N GLY A 108 -2.33 -6.75 -13.13
CA GLY A 108 -2.76 -8.05 -12.64
C GLY A 108 -2.27 -8.28 -11.22
N LEU A 109 -1.11 -7.72 -10.93
CA LEU A 109 -0.51 -7.82 -9.62
C LEU A 109 -1.31 -6.95 -8.63
N ALA A 110 -1.64 -5.75 -9.07
CA ALA A 110 -2.40 -4.81 -8.26
C ALA A 110 -3.86 -5.26 -8.12
N MET A 111 -4.29 -6.18 -8.97
CA MET A 111 -5.64 -6.75 -8.87
C MET A 111 -5.77 -7.60 -7.61
N LYS A 112 -4.66 -8.11 -7.12
CA LYS A 112 -4.70 -8.85 -5.86
C LYS A 112 -4.59 -7.87 -4.70
N LEU A 113 -3.85 -6.78 -4.91
CA LEU A 113 -3.85 -5.64 -4.00
C LEU A 113 -5.29 -5.18 -3.80
N THR A 114 -6.01 -5.19 -4.91
CA THR A 114 -7.42 -4.88 -4.96
C THR A 114 -8.23 -5.87 -4.12
N ASP A 115 -7.97 -7.17 -4.34
CA ASP A 115 -8.71 -8.22 -3.65
C ASP A 115 -8.42 -8.22 -2.15
N LEU A 116 -7.25 -7.72 -1.79
CA LEU A 116 -6.85 -7.59 -0.38
C LEU A 116 -7.88 -6.82 0.45
N GLN A 117 -8.80 -6.14 -0.24
CA GLN A 117 -9.89 -5.41 0.42
C GLN A 117 -10.73 -6.34 1.30
N ARG A 118 -10.74 -7.64 0.97
CA ARG A 118 -11.47 -8.61 1.78
C ARG A 118 -10.84 -8.67 3.17
N GLN A 119 -9.51 -8.70 3.20
CA GLN A 119 -8.76 -8.74 4.45
C GLN A 119 -8.90 -7.41 5.18
N ALA A 120 -8.86 -6.33 4.41
CA ALA A 120 -8.97 -4.98 4.96
C ALA A 120 -10.31 -4.77 5.67
N ALA A 121 -11.34 -5.44 5.16
CA ALA A 121 -12.68 -5.35 5.74
C ALA A 121 -12.85 -6.30 6.92
N GLY A 122 -11.78 -7.03 7.23
CA GLY A 122 -11.83 -7.99 8.31
C GLY A 122 -12.64 -9.21 7.94
N ARG A 123 -12.41 -9.69 6.71
CA ARG A 123 -13.12 -10.86 6.18
C ARG A 123 -14.60 -10.55 5.97
N ILE A 124 -15.01 -10.51 4.71
CA ILE A 124 -16.38 -10.21 4.37
C ILE A 124 -17.27 -11.44 4.58
N GLU A 125 -18.55 -11.18 4.81
CA GLU A 125 -19.55 -12.22 4.96
C GLU A 125 -19.38 -13.32 3.92
N SER A 126 -19.14 -14.53 4.39
CA SER A 126 -19.00 -15.67 3.51
C SER A 126 -19.89 -16.82 3.99
N ILE A 127 -20.44 -16.67 5.19
CA ILE A 127 -21.31 -17.67 5.77
C ILE A 127 -22.77 -17.37 5.42
#